data_5G3W
#
_entry.id   5G3W
#
_cell.length_a   92.270
_cell.length_b   130.140
_cell.length_c   251.130
_cell.angle_alpha   90.00
_cell.angle_beta   90.00
_cell.angle_gamma   90.00
#
_symmetry.space_group_name_H-M   'I 2 2 2'
#
loop_
_entity.id
_entity.type
_entity.pdbx_description
1 polymer 'HISTONE DEACETYLASE-LIKE AMIDOHYDROLASE'
2 non-polymer 'ZINC ION'
3 non-polymer 'POTASSIUM ION'
4 non-polymer DI(HYDROXYETHYL)ETHER
5 non-polymer (2E)-N-hydroxy-3-{4-[(E)-phenyldiazenyl]phenyl}prop-2-enamide
6 non-polymer 'PENTAETHYLENE GLYCOL'
7 water water
#
_entity_poly.entity_id   1
_entity_poly.type   'polypeptide(L)'
_entity_poly.pdbx_seq_one_letter_code
;HHHHHHAIGYVWNTLYGWVDTGTGSLAAANLTARMQPISHHLAHPDTKRRFHELVCASGQIEHLTPIAAVAATDADILRA
HSAAHLENMKRVSNLPTGGDTGDGITMMGNGGLEIARLSAGGAVELTRRVATGELSAGYALVNPPGHHAPHNAAMGFCIF
NNTSVAAGYARAVLGMERVAILDWDVHHGNGTQDIWWNDPSVLTISLHQHLCFPPDSGYSTERGAGNGHGYNINVPLPPG
SGNAAYLHAMDQVVLPALRAYRPQLIIVGSGFDASMLDPLARMMVTADGFRQMARRTIDCAADICDGRIVFVQEGGYSPH
YLPFCGLAVIEELTGVRSLPDPYHEFLAGMGGNTLLDAERAAIEEIVPLLADIR
;
_entity_poly.pdbx_strand_id   A,B,C,D
#
# COMPACT_ATOMS: atom_id res chain seq x y z
N HIS A 6 -31.13 7.44 27.11
CA HIS A 6 -30.12 6.66 26.33
C HIS A 6 -30.21 6.95 24.82
N ALA A 7 -29.37 7.86 24.37
CA ALA A 7 -29.08 8.07 22.94
C ALA A 7 -27.60 8.40 22.87
N ILE A 8 -26.89 7.63 22.05
CA ILE A 8 -25.43 7.67 22.00
C ILE A 8 -25.02 8.28 20.68
N GLY A 9 -24.38 9.45 20.75
CA GLY A 9 -23.89 10.16 19.55
C GLY A 9 -22.61 9.55 19.01
N TYR A 10 -22.43 9.66 17.71
CA TYR A 10 -21.24 9.13 17.03
C TYR A 10 -20.83 10.09 15.92
N VAL A 11 -19.57 10.53 15.94
CA VAL A 11 -19.07 11.44 14.90
C VAL A 11 -18.01 10.73 14.04
N TRP A 12 -18.29 10.60 12.75
CA TRP A 12 -17.27 10.28 11.75
C TRP A 12 -17.53 11.16 10.55
N ASN A 13 -16.48 11.78 10.04
CA ASN A 13 -16.53 12.58 8.81
C ASN A 13 -15.55 11.93 7.84
N THR A 14 -15.96 11.75 6.60
CA THR A 14 -15.10 11.15 5.59
C THR A 14 -13.68 11.72 5.58
N LEU A 15 -13.57 13.04 5.76
CA LEU A 15 -12.25 13.70 5.65
C LEU A 15 -11.30 13.30 6.77
N TYR A 16 -11.83 12.81 7.89
CA TYR A 16 -10.96 12.22 8.92
C TYR A 16 -10.07 11.11 8.38
N GLY A 17 -10.55 10.43 7.34
CA GLY A 17 -9.76 9.41 6.66
C GLY A 17 -8.84 9.89 5.57
N TRP A 18 -8.86 11.19 5.29
CA TRP A 18 -8.10 11.79 4.18
C TRP A 18 -6.91 12.63 4.67
N VAL A 19 -6.62 12.58 5.97
CA VAL A 19 -5.50 13.33 6.50
C VAL A 19 -4.24 12.85 5.77
N ASP A 20 -3.43 13.79 5.30
CA ASP A 20 -2.25 13.44 4.56
C ASP A 20 -1.04 13.49 5.47
N THR A 21 -0.64 12.31 5.95
CA THR A 21 0.52 12.20 6.82
C THR A 21 1.84 12.10 6.04
N GLY A 22 1.78 12.21 4.71
CA GLY A 22 2.98 12.31 3.87
C GLY A 22 3.51 10.97 3.41
N THR A 23 4.80 10.91 3.14
CA THR A 23 5.45 9.69 2.66
C THR A 23 6.58 9.21 3.58
N GLY A 24 6.70 9.84 4.73
CA GLY A 24 7.62 9.41 5.77
C GLY A 24 7.04 8.41 6.73
N SER A 25 7.90 7.91 7.62
CA SER A 25 7.52 7.01 8.70
C SER A 25 7.02 7.75 9.93
N LEU A 26 7.74 8.82 10.26
CA LEU A 26 7.52 9.59 11.46
C LEU A 26 7.86 11.04 11.14
N ALA A 27 9.14 11.33 10.92
CA ALA A 27 9.51 12.51 10.18
C ALA A 27 9.26 12.24 8.70
N ALA A 28 9.46 13.24 7.86
CA ALA A 28 9.39 13.05 6.41
C ALA A 28 10.47 12.08 5.91
N ALA A 29 10.21 11.51 4.74
CA ALA A 29 11.22 10.76 4.02
C ALA A 29 12.41 11.70 3.77
N ASN A 30 13.60 11.16 3.77
CA ASN A 30 14.81 11.99 3.74
C ASN A 30 15.93 11.22 3.08
N LEU A 31 16.27 11.61 1.87
CA LEU A 31 17.27 10.87 1.11
C LEU A 31 18.63 10.89 1.74
N THR A 32 19.08 12.05 2.25
CA THR A 32 20.42 12.10 2.84
C THR A 32 20.54 11.25 4.11
N ALA A 33 19.47 11.21 4.90
CA ALA A 33 19.40 10.36 6.09
C ALA A 33 19.13 8.88 5.78
N ARG A 34 18.80 8.61 4.52
CA ARG A 34 18.46 7.28 4.00
C ARG A 34 17.20 6.73 4.67
N MET A 35 16.24 7.63 4.92
CA MET A 35 14.91 7.25 5.38
C MET A 35 14.01 7.09 4.14
N GLN A 36 13.82 5.83 3.75
CA GLN A 36 13.11 5.45 2.54
C GLN A 36 11.63 5.81 2.61
N PRO A 37 11.05 6.34 1.52
CA PRO A 37 9.59 6.60 1.56
C PRO A 37 8.81 5.34 1.83
N ILE A 38 7.64 5.51 2.43
CA ILE A 38 6.76 4.38 2.73
C ILE A 38 5.30 4.81 2.52
N SER A 39 4.43 3.87 2.15
CA SER A 39 3.02 4.23 1.89
C SER A 39 2.27 4.70 3.12
N HIS A 40 2.47 3.98 4.22
CA HIS A 40 1.75 4.27 5.46
C HIS A 40 2.69 4.79 6.53
N HIS A 41 2.68 6.10 6.72
CA HIS A 41 3.26 6.74 7.92
C HIS A 41 2.67 6.05 9.18
N LEU A 42 3.40 6.06 10.29
CA LEU A 42 2.88 5.48 11.54
C LEU A 42 1.46 5.99 11.90
N ALA A 43 1.24 7.28 11.71
CA ALA A 43 -0.06 7.94 11.97
C ALA A 43 -1.06 7.98 10.81
N HIS A 44 -0.85 7.15 9.79
CA HIS A 44 -1.72 7.15 8.61
C HIS A 44 -3.19 7.00 9.03
N PRO A 45 -4.12 7.70 8.35
CA PRO A 45 -5.52 7.68 8.76
C PRO A 45 -6.26 6.35 8.62
N ASP A 46 -5.66 5.36 7.94
CA ASP A 46 -6.33 4.09 7.77
C ASP A 46 -6.61 3.41 9.11
N THR A 47 -5.75 3.62 10.12
CA THR A 47 -5.99 2.97 11.42
C THR A 47 -7.36 3.38 12.00
N LYS A 48 -7.62 4.68 12.03
CA LYS A 48 -8.90 5.17 12.53
C LYS A 48 -10.07 4.88 11.58
N ARG A 49 -9.82 4.93 10.27
CA ARG A 49 -10.87 4.53 9.31
C ARG A 49 -11.30 3.07 9.54
N ARG A 50 -10.34 2.18 9.80
CA ARG A 50 -10.69 0.77 10.06
C ARG A 50 -11.56 0.61 11.32
N PHE A 51 -11.34 1.47 12.31
CA PHE A 51 -12.22 1.53 13.50
C PHE A 51 -13.62 1.93 13.05
N HIS A 52 -13.74 3.02 12.30
CA HIS A 52 -15.07 3.41 11.80
C HIS A 52 -15.73 2.28 11.04
N GLU A 53 -14.97 1.68 10.11
CA GLU A 53 -15.57 0.64 9.26
C GLU A 53 -16.04 -0.56 10.08
N LEU A 54 -15.30 -0.90 11.13
CA LEU A 54 -15.73 -1.96 12.06
C LEU A 54 -16.99 -1.56 12.86
N VAL A 55 -17.08 -0.30 13.28
CA VAL A 55 -18.32 0.18 13.91
C VAL A 55 -19.54 -0.09 13.00
N CYS A 56 -19.38 0.16 11.69
CA CYS A 56 -20.45 -0.08 10.73
C CYS A 56 -20.68 -1.58 10.50
N ALA A 57 -19.61 -2.31 10.17
CA ALA A 57 -19.72 -3.72 9.76
C ALA A 57 -20.17 -4.63 10.90
N SER A 58 -19.86 -4.26 12.14
CA SER A 58 -20.28 -5.00 13.32
C SER A 58 -21.77 -4.83 13.63
N GLY A 59 -22.40 -3.84 13.01
CA GLY A 59 -23.77 -3.45 13.35
C GLY A 59 -23.92 -2.48 14.51
N GLN A 60 -22.82 -2.04 15.13
CA GLN A 60 -22.91 -1.04 16.22
C GLN A 60 -23.51 0.24 15.73
N ILE A 61 -23.26 0.59 14.47
CA ILE A 61 -23.76 1.84 13.92
C ILE A 61 -25.28 1.94 14.01
N GLU A 62 -25.98 0.80 13.96
CA GLU A 62 -27.44 0.79 14.07
C GLU A 62 -27.96 1.21 15.46
N HIS A 63 -27.09 1.21 16.48
CA HIS A 63 -27.41 1.59 17.85
C HIS A 63 -26.85 2.98 18.20
N LEU A 64 -26.31 3.68 17.20
CA LEU A 64 -25.73 5.00 17.40
C LEU A 64 -26.52 6.05 16.65
N THR A 65 -26.44 7.29 17.14
CA THR A 65 -27.06 8.44 16.51
C THR A 65 -25.95 9.23 15.81
N PRO A 66 -25.90 9.15 14.47
CA PRO A 66 -24.85 9.91 13.80
C PRO A 66 -24.99 11.43 13.99
N ILE A 67 -23.87 12.07 14.29
CA ILE A 67 -23.79 13.49 14.53
C ILE A 67 -22.77 14.09 13.55
N ALA A 68 -23.21 15.05 12.75
CA ALA A 68 -22.32 15.71 11.79
C ALA A 68 -21.35 16.63 12.49
N ALA A 69 -20.08 16.58 12.11
CA ALA A 69 -19.15 17.58 12.51
C ALA A 69 -19.54 18.93 11.88
N VAL A 70 -19.32 20.01 12.64
CA VAL A 70 -19.44 21.39 12.18
C VAL A 70 -18.05 22.02 12.36
N ALA A 71 -17.49 22.53 11.27
CA ALA A 71 -16.12 23.08 11.27
C ALA A 71 -15.94 24.16 12.32
N ALA A 72 -14.88 24.03 13.11
CA ALA A 72 -14.53 25.06 14.10
C ALA A 72 -14.14 26.34 13.38
N THR A 73 -14.69 27.47 13.86
CA THR A 73 -14.34 28.77 13.32
C THR A 73 -13.00 29.24 13.88
N ASP A 74 -12.45 30.30 13.29
CA ASP A 74 -11.26 30.95 13.85
C ASP A 74 -11.51 31.29 15.32
N ALA A 75 -12.67 31.88 15.63
CA ALA A 75 -12.98 32.26 17.01
C ALA A 75 -13.05 31.06 17.98
N ASP A 76 -13.56 29.91 17.50
CA ASP A 76 -13.58 28.69 18.31
C ASP A 76 -12.17 28.24 18.65
N ILE A 77 -11.31 28.27 17.64
CA ILE A 77 -9.93 27.85 17.80
C ILE A 77 -9.17 28.78 18.74
N LEU A 78 -9.43 30.08 18.62
CA LEU A 78 -8.79 31.10 19.48
C LEU A 78 -9.16 31.07 20.95
N ARG A 79 -10.22 30.34 21.31
CA ARG A 79 -10.48 30.05 22.74
C ARG A 79 -9.38 29.26 23.39
N ALA A 80 -8.73 28.38 22.63
CA ALA A 80 -7.67 27.49 23.13
C ALA A 80 -6.28 27.85 22.63
N HIS A 81 -6.18 28.50 21.48
CA HIS A 81 -4.88 28.72 20.82
C HIS A 81 -4.61 30.17 20.46
N SER A 82 -3.33 30.48 20.23
CA SER A 82 -2.90 31.81 19.84
C SER A 82 -3.21 32.14 18.39
N ALA A 83 -3.32 33.44 18.12
CA ALA A 83 -3.47 33.94 16.76
C ALA A 83 -2.29 33.56 15.87
N ALA A 84 -1.07 33.61 16.39
CA ALA A 84 0.09 33.21 15.59
C ALA A 84 -0.01 31.74 15.16
N HIS A 85 -0.47 30.87 16.06
CA HIS A 85 -0.58 29.45 15.74
C HIS A 85 -1.60 29.24 14.63
N LEU A 86 -2.77 29.85 14.78
CA LEU A 86 -3.79 29.77 13.73
C LEU A 86 -3.27 30.26 12.37
N GLU A 87 -2.60 31.42 12.36
CA GLU A 87 -2.00 31.97 11.13
C GLU A 87 -0.99 31.00 10.52
N ASN A 88 -0.17 30.38 11.36
CA ASN A 88 0.83 29.42 10.88
C ASN A 88 0.18 28.18 10.27
N MET A 89 -0.91 27.69 10.87
CA MET A 89 -1.60 26.54 10.28
C MET A 89 -2.23 26.90 8.94
N LYS A 90 -2.78 28.10 8.82
CA LYS A 90 -3.31 28.55 7.52
C LYS A 90 -2.20 28.61 6.46
N ARG A 91 -1.02 29.07 6.86
CA ARG A 91 0.12 29.15 5.96
C ARG A 91 0.51 27.77 5.43
N VAL A 92 0.70 26.83 6.34
CA VAL A 92 1.12 25.48 5.97
C VAL A 92 0.07 24.79 5.08
N SER A 93 -1.19 24.91 5.46
CA SER A 93 -2.30 24.30 4.70
C SER A 93 -2.45 24.86 3.27
N ASN A 94 -2.06 26.12 3.07
N ASN A 94 -2.06 26.11 3.04
CA ASN A 94 -2.14 26.77 1.76
CA ASN A 94 -2.19 26.70 1.72
C ASN A 94 -1.03 26.35 0.79
C ASN A 94 -1.02 26.37 0.79
N LEU A 95 0.02 25.73 1.30
CA LEU A 95 1.15 25.28 0.47
C LEU A 95 0.68 24.17 -0.46
N PRO A 96 1.26 24.08 -1.66
CA PRO A 96 0.71 23.18 -2.67
C PRO A 96 0.71 21.70 -2.28
N THR A 97 1.67 21.28 -1.46
CA THR A 97 1.69 19.90 -0.93
C THR A 97 1.61 19.85 0.61
N GLY A 98 1.12 20.93 1.21
CA GLY A 98 1.16 21.05 2.64
C GLY A 98 2.57 21.09 3.19
N GLY A 99 2.73 20.56 4.38
CA GLY A 99 4.06 20.53 4.98
C GLY A 99 4.08 20.25 6.45
N ASP A 100 5.29 20.19 6.99
CA ASP A 100 5.47 20.09 8.41
C ASP A 100 5.05 21.37 9.13
N THR A 101 4.43 21.18 10.29
CA THR A 101 3.84 22.29 11.05
C THR A 101 4.76 22.86 12.14
N GLY A 102 5.96 22.30 12.28
CA GLY A 102 6.96 22.88 13.17
C GLY A 102 7.90 21.93 13.88
N ASP A 103 7.39 20.80 14.39
CA ASP A 103 8.23 19.88 15.20
C ASP A 103 8.92 18.75 14.42
N GLY A 104 8.75 18.74 13.12
CA GLY A 104 9.41 17.75 12.26
C GLY A 104 8.71 16.42 12.10
N ILE A 105 7.66 16.15 12.88
CA ILE A 105 6.89 14.90 12.77
C ILE A 105 5.39 15.08 12.57
N THR A 106 4.98 16.33 12.29
CA THR A 106 3.56 16.70 12.26
C THR A 106 3.25 17.34 10.91
N MET A 107 2.99 16.47 9.95
N MET A 107 2.99 16.48 9.94
CA MET A 107 2.59 16.83 8.61
CA MET A 107 2.62 16.91 8.61
C MET A 107 1.09 17.23 8.54
C MET A 107 1.12 17.20 8.51
N MET A 108 0.78 18.21 7.70
CA MET A 108 -0.60 18.52 7.32
C MET A 108 -0.57 18.62 5.80
N GLY A 109 -1.51 17.96 5.13
CA GLY A 109 -1.65 18.09 3.69
C GLY A 109 -2.11 19.44 3.19
N ASN A 110 -2.05 19.59 1.88
CA ASN A 110 -2.66 20.75 1.23
C ASN A 110 -4.13 20.79 1.64
N GLY A 111 -4.58 21.92 2.16
CA GLY A 111 -5.98 22.05 2.59
C GLY A 111 -6.29 21.36 3.91
N GLY A 112 -5.28 20.81 4.58
CA GLY A 112 -5.48 20.00 5.77
C GLY A 112 -6.05 20.76 6.95
N LEU A 113 -5.99 22.09 6.90
CA LEU A 113 -6.61 22.89 7.97
C LEU A 113 -8.11 22.61 8.01
N GLU A 114 -8.74 22.39 6.86
CA GLU A 114 -10.19 22.05 6.84
C GLU A 114 -10.47 20.82 7.71
N ILE A 115 -9.60 19.81 7.64
CA ILE A 115 -9.81 18.59 8.40
C ILE A 115 -9.58 18.88 9.89
N ALA A 116 -8.52 19.62 10.21
CA ALA A 116 -8.30 20.01 11.61
C ALA A 116 -9.48 20.79 12.20
N ARG A 117 -10.10 21.67 11.41
CA ARG A 117 -11.31 22.35 11.87
C ARG A 117 -12.48 21.38 12.12
N LEU A 118 -12.66 20.41 11.22
CA LEU A 118 -13.69 19.40 11.39
C LEU A 118 -13.46 18.45 12.57
N SER A 119 -12.19 18.20 12.86
CA SER A 119 -11.81 17.36 13.98
C SER A 119 -12.19 18.06 15.32
N ALA A 120 -11.73 19.29 15.49
CA ALA A 120 -12.10 20.06 16.69
C ALA A 120 -13.62 20.30 16.73
N GLY A 121 -14.20 20.65 15.59
CA GLY A 121 -15.64 20.88 15.51
C GLY A 121 -16.51 19.67 15.76
N GLY A 122 -16.00 18.48 15.44
CA GLY A 122 -16.69 17.25 15.80
C GLY A 122 -16.79 17.04 17.30
N ALA A 123 -15.68 17.30 17.99
CA ALA A 123 -15.66 17.25 19.46
C ALA A 123 -16.61 18.26 20.09
N VAL A 124 -16.62 19.49 19.56
CA VAL A 124 -17.50 20.56 20.04
C VAL A 124 -18.98 20.18 19.82
N GLU A 125 -19.32 19.76 18.61
CA GLU A 125 -20.69 19.46 18.28
C GLU A 125 -21.26 18.30 19.13
N LEU A 126 -20.45 17.28 19.39
CA LEU A 126 -20.91 16.17 20.23
C LEU A 126 -21.08 16.64 21.70
N THR A 127 -20.14 17.46 22.17
CA THR A 127 -20.24 18.07 23.50
C THR A 127 -21.53 18.89 23.66
N ARG A 128 -21.81 19.72 22.67
CA ARG A 128 -23.02 20.54 22.67
C ARG A 128 -24.28 19.69 22.81
N ARG A 129 -24.36 18.65 22.00
CA ARG A 129 -25.57 17.82 21.92
C ARG A 129 -25.75 16.84 23.10
N VAL A 130 -24.64 16.43 23.71
CA VAL A 130 -24.70 15.74 25.01
C VAL A 130 -25.16 16.70 26.11
N ALA A 131 -24.63 17.92 26.12
CA ALA A 131 -24.96 18.88 27.20
C ALA A 131 -26.44 19.31 27.21
N THR A 132 -27.06 19.50 26.05
CA THR A 132 -28.51 19.79 25.99
C THR A 132 -29.40 18.68 26.53
N GLY A 133 -28.90 17.45 26.61
CA GLY A 133 -29.74 16.31 26.91
C GLY A 133 -30.28 15.58 25.72
N GLU A 134 -29.98 16.06 24.49
CA GLU A 134 -30.42 15.33 23.29
C GLU A 134 -29.82 13.95 23.31
N LEU A 135 -28.53 13.90 23.65
CA LEU A 135 -27.77 12.68 23.75
C LEU A 135 -27.38 12.47 25.21
N SER A 136 -27.29 11.20 25.61
CA SER A 136 -26.79 10.86 26.93
C SER A 136 -25.25 10.85 26.99
N ALA A 137 -24.62 10.50 25.88
CA ALA A 137 -23.16 10.35 25.81
C ALA A 137 -22.79 10.19 24.35
N GLY A 138 -21.50 10.07 24.04
CA GLY A 138 -21.11 9.77 22.67
C GLY A 138 -19.64 9.54 22.47
N TYR A 139 -19.28 9.17 21.22
CA TYR A 139 -17.89 8.96 20.78
C TYR A 139 -17.67 9.77 19.51
N ALA A 140 -16.71 10.69 19.55
CA ALA A 140 -16.31 11.49 18.39
C ALA A 140 -15.02 10.86 17.85
N LEU A 141 -15.12 10.13 16.74
CA LEU A 141 -13.96 9.42 16.17
C LEU A 141 -13.23 10.37 15.22
N VAL A 142 -12.58 11.36 15.81
CA VAL A 142 -11.97 12.44 15.07
C VAL A 142 -10.53 12.12 14.65
N ASN A 143 -10.04 12.87 13.69
CA ASN A 143 -8.64 12.83 13.24
C ASN A 143 -8.43 14.11 12.44
N PRO A 144 -7.35 14.91 12.64
CA PRO A 144 -6.21 14.63 13.48
C PRO A 144 -6.48 14.76 15.00
N PRO A 145 -5.59 14.16 15.82
CA PRO A 145 -5.73 14.16 17.28
C PRO A 145 -5.33 15.54 17.86
N GLY A 146 -5.45 15.66 19.18
CA GLY A 146 -5.31 16.97 19.79
C GLY A 146 -4.40 17.19 20.97
N HIS A 147 -4.19 16.16 21.80
CA HIS A 147 -3.76 16.47 23.18
C HIS A 147 -2.33 16.99 23.36
N HIS A 148 -1.47 16.84 22.35
CA HIS A 148 -0.12 17.41 22.43
C HIS A 148 -0.06 18.88 22.09
N ALA A 149 -1.11 19.45 21.49
CA ALA A 149 -1.00 20.81 20.96
C ALA A 149 -1.24 21.78 22.11
N PRO A 150 -0.21 22.58 22.47
CA PRO A 150 -0.41 23.59 23.53
C PRO A 150 -0.96 24.88 22.90
N HIS A 151 -1.02 25.98 23.66
CA HIS A 151 -1.66 27.20 23.16
C HIS A 151 -1.03 27.68 21.84
N ASN A 152 0.31 27.62 21.74
CA ASN A 152 1.02 28.31 20.67
C ASN A 152 1.74 27.40 19.67
N ALA A 153 1.34 26.12 19.55
CA ALA A 153 1.99 25.22 18.58
C ALA A 153 1.18 24.00 18.21
N ALA A 154 1.55 23.41 17.06
CA ALA A 154 1.21 22.03 16.69
C ALA A 154 2.32 21.14 17.21
N MET A 155 1.96 19.92 17.63
CA MET A 155 2.98 18.99 18.13
C MET A 155 2.47 17.55 18.08
N GLY A 156 3.37 16.60 17.81
CA GLY A 156 3.03 15.18 17.97
C GLY A 156 1.78 14.72 17.25
N PHE A 157 1.67 15.12 15.98
CA PHE A 157 0.53 14.80 15.08
C PHE A 157 -0.71 15.65 15.34
N CYS A 158 -0.66 16.54 16.35
CA CYS A 158 -1.82 17.32 16.76
C CYS A 158 -1.70 18.76 16.24
N ILE A 159 -2.75 19.22 15.59
CA ILE A 159 -2.83 20.58 15.03
C ILE A 159 -3.48 21.54 16.05
N PHE A 160 -4.69 21.18 16.46
CA PHE A 160 -5.44 21.88 17.53
C PHE A 160 -5.86 20.88 18.62
N ASN A 161 -6.00 21.38 19.88
CA ASN A 161 -6.30 20.56 20.99
C ASN A 161 -7.82 20.37 21.06
N ASN A 162 -8.28 19.33 20.40
CA ASN A 162 -9.73 19.09 20.24
C ASN A 162 -10.52 19.06 21.55
N THR A 163 -10.01 18.33 22.54
CA THR A 163 -10.71 18.25 23.81
C THR A 163 -10.70 19.61 24.54
N SER A 164 -9.64 20.39 24.40
CA SER A 164 -9.60 21.73 25.02
C SER A 164 -10.51 22.72 24.29
N VAL A 165 -10.64 22.60 22.98
CA VAL A 165 -11.61 23.40 22.23
C VAL A 165 -13.03 23.07 22.70
N ALA A 166 -13.33 21.79 22.90
CA ALA A 166 -14.65 21.37 23.41
C ALA A 166 -14.87 21.84 24.85
N ALA A 167 -13.88 21.66 25.72
CA ALA A 167 -14.00 22.17 27.10
C ALA A 167 -14.18 23.68 27.13
N GLY A 168 -13.43 24.38 26.28
CA GLY A 168 -13.55 25.84 26.16
C GLY A 168 -14.93 26.31 25.75
N TYR A 169 -15.52 25.58 24.79
CA TYR A 169 -16.90 25.83 24.37
C TYR A 169 -17.89 25.72 25.53
N ALA A 170 -17.82 24.61 26.26
CA ALA A 170 -18.74 24.37 27.37
C ALA A 170 -18.61 25.45 28.46
N ARG A 171 -17.38 25.84 28.77
CA ARG A 171 -17.13 26.95 29.73
C ARG A 171 -17.57 28.33 29.26
N ALA A 172 -17.33 28.62 27.98
CA ALA A 172 -17.63 29.93 27.43
C ALA A 172 -19.12 30.13 27.15
N VAL A 173 -19.79 29.05 26.73
CA VAL A 173 -21.13 29.10 26.15
C VAL A 173 -22.22 28.45 27.01
N LEU A 174 -21.90 27.33 27.67
CA LEU A 174 -22.92 26.52 28.35
C LEU A 174 -23.06 26.78 29.85
N GLY A 175 -22.22 27.65 30.41
CA GLY A 175 -22.29 27.95 31.83
C GLY A 175 -21.87 26.77 32.68
N MET A 176 -20.92 25.97 32.19
CA MET A 176 -20.37 24.90 33.02
C MET A 176 -19.20 25.43 33.82
N GLU A 177 -19.34 25.29 35.14
CA GLU A 177 -18.35 25.78 36.10
C GLU A 177 -17.13 24.90 36.18
N ARG A 178 -17.33 23.59 36.03
CA ARG A 178 -16.27 22.60 36.17
C ARG A 178 -16.35 21.55 35.09
N VAL A 179 -15.23 21.30 34.41
CA VAL A 179 -15.13 20.27 33.39
C VAL A 179 -13.89 19.45 33.70
N ALA A 180 -13.93 18.15 33.46
CA ALA A 180 -12.74 17.29 33.60
C ALA A 180 -12.34 16.72 32.24
N ILE A 181 -11.04 16.72 31.93
CA ILE A 181 -10.53 16.02 30.75
C ILE A 181 -9.65 14.86 31.25
N LEU A 182 -10.13 13.63 31.06
CA LEU A 182 -9.39 12.41 31.40
C LEU A 182 -8.73 11.87 30.13
N ASP A 183 -7.41 11.89 30.08
CA ASP A 183 -6.64 11.47 28.90
C ASP A 183 -5.96 10.12 29.19
N TRP A 184 -6.37 9.06 28.49
CA TRP A 184 -5.69 7.76 28.60
C TRP A 184 -4.96 7.32 27.33
N ASP A 185 -4.77 8.23 26.39
CA ASP A 185 -3.74 8.05 25.36
C ASP A 185 -2.44 7.77 26.12
N VAL A 186 -1.63 6.87 25.61
CA VAL A 186 -0.40 6.44 26.26
C VAL A 186 0.69 7.50 26.36
N HIS A 187 0.56 8.57 25.59
CA HIS A 187 1.49 9.68 25.62
C HIS A 187 0.95 10.79 26.52
N HIS A 188 1.85 11.50 27.17
CA HIS A 188 1.48 12.60 28.07
C HIS A 188 0.70 13.67 27.33
N GLY A 189 -0.43 14.07 27.90
CA GLY A 189 -1.24 15.15 27.36
C GLY A 189 -0.70 16.52 27.71
N ASN A 190 0.49 16.83 27.22
CA ASN A 190 1.18 18.06 27.54
C ASN A 190 0.46 19.32 27.05
N GLY A 191 -0.20 19.25 25.91
CA GLY A 191 -0.91 20.41 25.38
C GLY A 191 -2.07 20.82 26.27
N THR A 192 -2.86 19.83 26.66
CA THR A 192 -4.00 20.02 27.55
C THR A 192 -3.53 20.53 28.91
N GLN A 193 -2.48 19.93 29.42
CA GLN A 193 -1.88 20.41 30.67
C GLN A 193 -1.50 21.89 30.58
N ASP A 194 -0.83 22.28 29.48
N ASP A 194 -0.87 22.30 29.49
CA ASP A 194 -0.39 23.69 29.16
CA ASP A 194 -0.40 23.67 29.37
C ASP A 194 -1.56 24.64 29.18
C ASP A 194 -1.53 24.67 29.13
N ILE A 195 -2.55 24.29 28.37
CA ILE A 195 -3.68 25.20 28.12
C ILE A 195 -4.41 25.58 29.41
N TRP A 196 -4.62 24.58 30.27
CA TRP A 196 -5.39 24.80 31.51
C TRP A 196 -4.53 24.92 32.79
N TRP A 197 -3.23 25.14 32.64
CA TRP A 197 -2.23 25.11 33.72
C TRP A 197 -2.61 25.97 34.91
N ASN A 198 -3.13 27.17 34.63
CA ASN A 198 -3.48 28.15 35.68
C ASN A 198 -4.95 28.13 36.10
N ASP A 199 -5.70 27.15 35.63
CA ASP A 199 -7.17 27.18 35.68
C ASP A 199 -7.77 25.99 36.43
N PRO A 200 -8.38 26.23 37.61
CA PRO A 200 -9.03 25.16 38.36
C PRO A 200 -10.38 24.71 37.81
N SER A 201 -10.91 25.41 36.81
CA SER A 201 -12.21 25.07 36.22
C SER A 201 -12.17 23.95 35.19
N VAL A 202 -10.97 23.50 34.81
CA VAL A 202 -10.79 22.30 33.99
C VAL A 202 -9.76 21.42 34.68
N LEU A 203 -10.21 20.33 35.28
CA LEU A 203 -9.34 19.31 35.88
C LEU A 203 -8.78 18.46 34.74
N THR A 204 -7.47 18.47 34.60
CA THR A 204 -6.78 17.74 33.53
C THR A 204 -6.02 16.57 34.14
N ILE A 205 -6.33 15.35 33.68
CA ILE A 205 -5.70 14.13 34.17
C ILE A 205 -5.08 13.43 32.98
N SER A 206 -3.85 12.96 33.12
CA SER A 206 -3.18 12.21 32.05
C SER A 206 -2.55 10.95 32.63
N LEU A 207 -3.06 9.80 32.22
CA LEU A 207 -2.49 8.48 32.49
C LEU A 207 -1.63 8.14 31.29
N HIS A 208 -0.36 7.83 31.49
CA HIS A 208 0.55 7.67 30.34
C HIS A 208 1.78 6.88 30.69
N GLN A 209 2.47 6.43 29.66
CA GLN A 209 3.80 5.85 29.84
C GLN A 209 4.83 6.93 30.09
N HIS A 210 5.54 6.77 31.20
CA HIS A 210 6.48 7.76 31.67
C HIS A 210 7.55 8.07 30.61
N LEU A 211 7.60 9.34 30.19
CA LEU A 211 8.61 9.87 29.25
C LEU A 211 8.53 9.29 27.85
N CYS A 212 7.38 8.70 27.48
CA CYS A 212 7.24 8.17 26.13
C CYS A 212 7.19 9.28 25.06
N PHE A 213 6.28 10.22 25.21
CA PHE A 213 6.29 11.46 24.42
C PHE A 213 5.37 12.47 25.09
N PRO A 214 5.79 13.73 25.27
CA PRO A 214 7.11 14.26 24.90
C PRO A 214 8.20 13.83 25.90
N PRO A 215 9.48 14.07 25.57
CA PRO A 215 10.58 13.58 26.43
C PRO A 215 10.75 14.15 27.83
N ASP A 216 10.36 15.36 28.10
CA ASP A 216 10.81 15.85 29.44
C ASP A 216 9.61 16.32 30.18
N SER A 217 8.53 15.51 30.15
CA SER A 217 7.29 15.96 30.77
C SER A 217 6.36 14.85 31.19
N GLY A 218 5.35 15.22 31.97
CA GLY A 218 4.43 14.25 32.54
C GLY A 218 4.76 13.77 33.93
N TYR A 219 5.72 14.43 34.58
CA TYR A 219 6.07 14.12 35.97
C TYR A 219 4.90 14.47 36.88
N SER A 220 4.74 13.71 37.96
CA SER A 220 3.68 13.97 38.94
C SER A 220 3.85 15.30 39.70
N THR A 221 5.04 15.90 39.64
CA THR A 221 5.29 17.23 40.22
C THR A 221 4.72 18.41 39.39
N GLU A 222 4.26 18.11 38.17
CA GLU A 222 3.60 19.10 37.32
C GLU A 222 2.14 19.16 37.72
N ARG A 223 1.79 20.16 38.55
CA ARG A 223 0.49 20.18 39.22
C ARG A 223 -0.35 21.43 38.92
N GLY A 224 0.09 22.25 37.97
CA GLY A 224 -0.55 23.53 37.71
C GLY A 224 0.04 24.64 38.53
N ALA A 225 -0.50 25.86 38.34
CA ALA A 225 0.00 27.06 39.01
C ALA A 225 -1.13 28.00 39.42
N GLY A 226 -0.86 28.83 40.44
CA GLY A 226 -1.82 29.84 40.89
C GLY A 226 -3.11 29.19 41.37
N ASN A 227 -4.24 29.75 40.95
CA ASN A 227 -5.54 29.16 41.27
C ASN A 227 -5.68 27.72 40.73
N GLY A 228 -4.94 27.39 39.68
CA GLY A 228 -4.91 26.05 39.11
C GLY A 228 -4.04 25.03 39.83
N HIS A 229 -3.31 25.41 40.87
CA HIS A 229 -2.44 24.46 41.55
C HIS A 229 -3.27 23.36 42.23
N GLY A 230 -2.97 22.11 41.88
CA GLY A 230 -3.71 20.94 42.32
C GLY A 230 -4.75 20.43 41.34
N TYR A 231 -4.91 21.12 40.20
CA TYR A 231 -5.95 20.79 39.21
C TYR A 231 -5.38 20.24 37.89
N ASN A 232 -4.12 19.78 37.95
CA ASN A 232 -3.53 18.95 36.92
C ASN A 232 -2.90 17.75 37.60
N ILE A 233 -3.26 16.54 37.15
CA ILE A 233 -2.80 15.29 37.75
C ILE A 233 -2.20 14.40 36.67
N ASN A 234 -0.89 14.19 36.76
CA ASN A 234 -0.18 13.24 35.91
C ASN A 234 -0.02 11.92 36.62
N VAL A 235 -0.27 10.81 35.91
CA VAL A 235 -0.07 9.46 36.42
C VAL A 235 0.85 8.70 35.47
N PRO A 236 2.17 8.94 35.60
CA PRO A 236 3.14 8.25 34.74
C PRO A 236 3.33 6.82 35.22
N LEU A 237 3.21 5.88 34.29
CA LEU A 237 3.32 4.44 34.55
C LEU A 237 4.54 3.88 33.81
N PRO A 238 5.15 2.82 34.35
CA PRO A 238 6.33 2.29 33.65
C PRO A 238 5.98 1.50 32.40
N PRO A 239 6.91 1.47 31.44
CA PRO A 239 6.76 0.57 30.29
C PRO A 239 6.44 -0.88 30.73
N GLY A 240 5.62 -1.56 29.93
CA GLY A 240 5.19 -2.91 30.26
C GLY A 240 3.94 -3.02 31.13
N SER A 241 3.36 -1.88 31.56
CA SER A 241 2.14 -1.87 32.34
C SER A 241 0.96 -2.32 31.48
N GLY A 242 0.12 -3.17 32.04
CA GLY A 242 -1.05 -3.72 31.34
C GLY A 242 -2.36 -3.45 32.08
N ASN A 243 -3.34 -4.34 31.91
CA ASN A 243 -4.70 -4.10 32.41
C ASN A 243 -4.71 -3.91 33.92
N ALA A 244 -3.90 -4.66 34.63
CA ALA A 244 -3.94 -4.58 36.10
C ALA A 244 -3.47 -3.21 36.58
N ALA A 245 -2.38 -2.72 36.04
CA ALA A 245 -1.88 -1.38 36.38
C ALA A 245 -2.88 -0.27 36.00
N TYR A 246 -3.40 -0.34 34.77
CA TYR A 246 -4.37 0.65 34.32
C TYR A 246 -5.62 0.67 35.19
N LEU A 247 -6.16 -0.49 35.54
CA LEU A 247 -7.36 -0.55 36.36
C LEU A 247 -7.08 -0.12 37.79
N HIS A 248 -5.89 -0.45 38.32
CA HIS A 248 -5.50 0.04 39.65
C HIS A 248 -5.41 1.57 39.64
N ALA A 249 -4.86 2.15 38.58
CA ALA A 249 -4.75 3.59 38.44
C ALA A 249 -6.16 4.21 38.38
N MET A 250 -7.07 3.56 37.67
CA MET A 250 -8.45 4.04 37.61
C MET A 250 -9.08 4.06 38.99
N ASP A 251 -8.93 2.96 39.71
CA ASP A 251 -9.63 2.80 41.01
C ASP A 251 -9.00 3.60 42.13
N GLN A 252 -7.67 3.71 42.13
CA GLN A 252 -6.96 4.42 43.21
C GLN A 252 -6.82 5.91 42.99
N VAL A 253 -6.82 6.38 41.75
CA VAL A 253 -6.48 7.77 41.46
C VAL A 253 -7.54 8.46 40.60
N VAL A 254 -7.82 7.93 39.41
CA VAL A 254 -8.67 8.65 38.44
C VAL A 254 -10.10 8.84 38.94
N LEU A 255 -10.75 7.75 39.30
CA LEU A 255 -12.15 7.83 39.71
C LEU A 255 -12.31 8.63 41.03
N PRO A 256 -11.42 8.42 42.02
CA PRO A 256 -11.49 9.31 43.21
C PRO A 256 -11.25 10.79 42.91
N ALA A 257 -10.36 11.10 41.96
CA ALA A 257 -10.15 12.49 41.56
C ALA A 257 -11.42 13.09 40.97
N LEU A 258 -12.08 12.32 40.11
CA LEU A 258 -13.33 12.78 39.48
C LEU A 258 -14.41 13.02 40.54
N ARG A 259 -14.57 12.08 41.47
CA ARG A 259 -15.57 12.22 42.52
C ARG A 259 -15.26 13.39 43.46
N ALA A 260 -13.99 13.65 43.70
CA ALA A 260 -13.61 14.78 44.57
C ALA A 260 -13.87 16.14 43.90
N TYR A 261 -13.66 16.21 42.60
CA TYR A 261 -13.77 17.44 41.81
C TYR A 261 -15.21 17.80 41.40
N ARG A 262 -16.05 16.80 41.17
CA ARG A 262 -17.45 16.99 40.79
C ARG A 262 -17.59 17.80 39.48
N PRO A 263 -16.94 17.31 38.40
CA PRO A 263 -17.18 17.98 37.11
C PRO A 263 -18.63 17.88 36.68
N GLN A 264 -19.06 18.84 35.87
CA GLN A 264 -20.42 18.82 35.28
C GLN A 264 -20.42 18.08 33.95
N LEU A 265 -19.23 17.83 33.41
CA LEU A 265 -19.06 17.12 32.16
C LEU A 265 -17.71 16.46 32.21
N ILE A 266 -17.63 15.21 31.74
CA ILE A 266 -16.36 14.50 31.60
C ILE A 266 -16.06 14.31 30.11
N ILE A 267 -14.90 14.79 29.68
CA ILE A 267 -14.40 14.52 28.34
C ILE A 267 -13.25 13.53 28.47
N VAL A 268 -13.31 12.44 27.69
CA VAL A 268 -12.24 11.43 27.67
C VAL A 268 -11.42 11.59 26.38
N GLY A 269 -10.12 11.85 26.56
CA GLY A 269 -9.13 11.75 25.48
C GLY A 269 -8.82 10.28 25.30
N SER A 270 -9.54 9.66 24.35
CA SER A 270 -9.59 8.22 24.20
C SER A 270 -8.59 7.79 23.14
N GLY A 271 -7.35 7.57 23.56
CA GLY A 271 -6.36 6.93 22.71
C GLY A 271 -6.33 5.41 22.94
N PHE A 272 -5.88 4.64 21.95
CA PHE A 272 -5.70 3.18 22.13
C PHE A 272 -4.24 2.75 21.91
N ASP A 273 -3.34 3.72 21.99
CA ASP A 273 -1.91 3.46 21.83
C ASP A 273 -1.27 2.78 23.06
N ALA A 274 -2.04 2.59 24.13
CA ALA A 274 -1.58 1.69 25.22
C ALA A 274 -1.80 0.22 24.93
N SER A 275 -2.34 -0.11 23.74
CA SER A 275 -2.63 -1.50 23.42
C SER A 275 -1.37 -2.34 23.32
N MET A 276 -1.57 -3.63 23.56
CA MET A 276 -0.52 -4.65 23.52
C MET A 276 0.22 -4.70 22.19
N LEU A 277 -0.41 -4.28 21.09
CA LEU A 277 0.20 -4.36 19.76
C LEU A 277 0.64 -3.01 19.16
N ASP A 278 0.65 -1.95 19.96
CA ASP A 278 0.95 -0.64 19.40
C ASP A 278 2.44 -0.45 19.18
N PRO A 279 2.84 0.09 18.01
CA PRO A 279 4.28 0.32 17.81
C PRO A 279 4.83 1.54 18.57
N LEU A 280 3.98 2.48 18.94
CA LEU A 280 4.46 3.76 19.52
C LEU A 280 4.40 3.88 21.03
N ALA A 281 4.18 2.76 21.71
CA ALA A 281 4.44 2.65 23.14
C ALA A 281 4.64 1.20 23.51
N ARG A 282 4.93 0.97 24.78
CA ARG A 282 5.33 -0.35 25.29
C ARG A 282 4.36 -0.90 26.36
N MET A 283 3.08 -0.56 26.27
CA MET A 283 2.11 -0.98 27.27
C MET A 283 1.36 -2.23 26.80
N MET A 284 0.57 -2.82 27.70
CA MET A 284 0.05 -4.19 27.52
C MET A 284 -1.47 -4.25 27.69
N VAL A 285 -2.14 -3.14 27.43
CA VAL A 285 -3.60 -3.09 27.58
C VAL A 285 -4.27 -3.86 26.43
N THR A 286 -5.31 -4.64 26.74
CA THR A 286 -6.07 -5.36 25.73
C THR A 286 -7.42 -4.70 25.54
N ALA A 287 -8.15 -5.12 24.53
CA ALA A 287 -9.51 -4.60 24.34
C ALA A 287 -10.38 -4.74 25.60
N ASP A 288 -10.25 -5.87 26.30
CA ASP A 288 -11.00 -6.06 27.56
C ASP A 288 -10.57 -5.05 28.62
N GLY A 289 -9.28 -4.67 28.65
CA GLY A 289 -8.84 -3.60 29.54
C GLY A 289 -9.48 -2.25 29.24
N PHE A 290 -9.46 -1.85 27.97
CA PHE A 290 -10.13 -0.61 27.56
C PHE A 290 -11.64 -0.69 27.84
N ARG A 291 -12.25 -1.86 27.67
CA ARG A 291 -13.67 -2.05 27.97
C ARG A 291 -13.93 -1.71 29.43
N GLN A 292 -13.12 -2.25 30.31
CA GLN A 292 -13.32 -2.06 31.74
C GLN A 292 -13.05 -0.60 32.12
N MET A 293 -12.05 0.04 31.50
CA MET A 293 -11.79 1.47 31.70
C MET A 293 -13.00 2.33 31.32
N ALA A 294 -13.58 2.03 30.16
CA ALA A 294 -14.73 2.78 29.68
C ALA A 294 -15.94 2.58 30.58
N ARG A 295 -16.22 1.33 30.95
CA ARG A 295 -17.32 0.97 31.82
C ARG A 295 -17.25 1.74 33.13
N ARG A 296 -16.07 1.74 33.75
CA ARG A 296 -15.87 2.47 35.00
C ARG A 296 -16.12 3.99 34.87
N THR A 297 -15.64 4.58 33.78
CA THR A 297 -15.74 6.03 33.59
C THR A 297 -17.18 6.44 33.27
N ILE A 298 -17.86 5.64 32.45
CA ILE A 298 -19.27 5.91 32.11
C ILE A 298 -20.12 5.81 33.38
N ASP A 299 -19.87 4.78 34.20
CA ASP A 299 -20.60 4.59 35.44
C ASP A 299 -20.33 5.72 36.43
N CYS A 300 -19.08 6.19 36.51
CA CYS A 300 -18.76 7.38 37.32
C CYS A 300 -19.55 8.62 36.87
N ALA A 301 -19.59 8.86 35.56
CA ALA A 301 -20.37 9.97 35.02
C ALA A 301 -21.85 9.88 35.39
N ALA A 302 -22.40 8.66 35.34
CA ALA A 302 -23.79 8.41 35.76
C ALA A 302 -24.02 8.84 37.20
N ASP A 303 -23.04 8.57 38.06
CA ASP A 303 -23.14 8.90 39.49
C ASP A 303 -23.00 10.39 39.79
N ILE A 304 -22.10 11.07 39.08
CA ILE A 304 -21.71 12.43 39.47
C ILE A 304 -22.14 13.59 38.56
N CYS A 305 -22.39 13.35 37.28
CA CYS A 305 -22.72 14.45 36.38
C CYS A 305 -23.80 14.09 35.36
N ASP A 306 -24.81 13.37 35.85
CA ASP A 306 -26.00 13.03 35.07
C ASP A 306 -25.65 12.25 33.78
N GLY A 307 -24.55 11.48 33.83
CA GLY A 307 -24.12 10.68 32.69
C GLY A 307 -23.46 11.42 31.55
N ARG A 308 -23.13 12.70 31.75
CA ARG A 308 -22.60 13.53 30.65
C ARG A 308 -21.11 13.20 30.42
N ILE A 309 -20.88 12.32 29.46
CA ILE A 309 -19.54 11.85 29.12
C ILE A 309 -19.37 11.85 27.60
N VAL A 310 -18.26 12.43 27.14
CA VAL A 310 -17.94 12.60 25.73
C VAL A 310 -16.57 12.02 25.49
N PHE A 311 -16.48 10.96 24.68
CA PHE A 311 -15.19 10.36 24.28
C PHE A 311 -14.74 11.02 22.96
N VAL A 312 -13.47 11.37 22.89
CA VAL A 312 -12.91 12.04 21.71
C VAL A 312 -11.61 11.29 21.37
N GLN A 313 -11.53 10.78 20.15
CA GLN A 313 -10.38 9.99 19.73
C GLN A 313 -9.04 10.75 19.82
N GLU A 314 -8.04 10.12 20.45
CA GLU A 314 -6.68 10.61 20.42
C GLU A 314 -5.86 9.63 19.57
N GLY A 315 -4.73 9.12 20.06
CA GLY A 315 -3.87 8.28 19.23
C GLY A 315 -4.23 6.79 19.24
N GLY A 316 -3.27 5.99 18.79
CA GLY A 316 -3.48 4.58 18.51
C GLY A 316 -3.02 4.29 17.10
N TYR A 317 -2.15 3.29 16.95
CA TYR A 317 -1.35 3.10 15.73
C TYR A 317 -1.31 1.66 15.19
N SER A 318 -2.11 0.77 15.77
CA SER A 318 -2.25 -0.60 15.24
C SER A 318 -3.47 -0.69 14.35
N PRO A 319 -3.28 -0.71 13.01
CA PRO A 319 -4.48 -0.87 12.16
C PRO A 319 -5.16 -2.23 12.37
N HIS A 320 -4.37 -3.20 12.83
CA HIS A 320 -4.85 -4.56 13.07
C HIS A 320 -5.75 -4.61 14.32
N TYR A 321 -5.27 -4.04 15.41
CA TYR A 321 -5.93 -4.22 16.72
C TYR A 321 -6.74 -3.03 17.25
N LEU A 322 -6.33 -1.81 16.91
CA LEU A 322 -7.10 -0.63 17.35
C LEU A 322 -8.61 -0.75 17.11
N PRO A 323 -9.04 -1.23 15.92
CA PRO A 323 -10.48 -1.31 15.72
C PRO A 323 -11.20 -2.09 16.81
N PHE A 324 -10.61 -3.19 17.30
CA PHE A 324 -11.26 -4.00 18.34
C PHE A 324 -11.22 -3.33 19.73
N CYS A 325 -10.16 -2.58 20.00
CA CYS A 325 -10.08 -1.74 21.21
C CYS A 325 -11.15 -0.67 21.21
N GLY A 326 -11.30 0.03 20.09
CA GLY A 326 -12.30 1.05 19.98
C GLY A 326 -13.70 0.48 20.02
N LEU A 327 -13.90 -0.66 19.35
CA LEU A 327 -15.24 -1.27 19.35
C LEU A 327 -15.70 -1.63 20.78
N ALA A 328 -14.77 -2.09 21.61
CA ALA A 328 -15.11 -2.40 22.99
C ALA A 328 -15.67 -1.20 23.71
N VAL A 329 -15.07 -0.03 23.48
CA VAL A 329 -15.56 1.20 24.13
C VAL A 329 -16.96 1.57 23.61
N ILE A 330 -17.15 1.46 22.30
CA ILE A 330 -18.44 1.75 21.67
C ILE A 330 -19.53 0.83 22.28
N GLU A 331 -19.22 -0.45 22.43
CA GLU A 331 -20.14 -1.45 23.01
C GLU A 331 -20.51 -1.10 24.45
N GLU A 332 -19.56 -0.53 25.21
CA GLU A 332 -19.89 -0.07 26.57
C GLU A 332 -20.84 1.13 26.60
N LEU A 333 -20.77 1.98 25.58
CA LEU A 333 -21.70 3.08 25.42
C LEU A 333 -23.10 2.59 25.00
N THR A 334 -23.18 1.67 24.03
CA THR A 334 -24.47 1.20 23.51
C THR A 334 -25.10 0.14 24.40
N GLY A 335 -24.28 -0.60 25.15
CA GLY A 335 -24.73 -1.79 25.87
C GLY A 335 -24.99 -3.03 25.03
N VAL A 336 -24.59 -3.02 23.77
CA VAL A 336 -24.78 -4.15 22.85
C VAL A 336 -23.44 -4.79 22.59
N ARG A 337 -23.25 -6.00 23.13
CA ARG A 337 -21.95 -6.67 23.20
C ARG A 337 -22.00 -7.89 22.30
N SER A 338 -21.78 -7.65 21.02
CA SER A 338 -22.13 -8.62 19.98
C SER A 338 -20.97 -9.19 19.17
N LEU A 339 -19.73 -8.78 19.45
CA LEU A 339 -18.58 -9.30 18.70
C LEU A 339 -17.44 -9.63 19.65
N PRO A 340 -16.81 -10.80 19.50
CA PRO A 340 -15.61 -11.03 20.32
C PRO A 340 -14.37 -10.27 19.81
N ASP A 341 -13.39 -10.13 20.69
CA ASP A 341 -12.04 -9.71 20.32
C ASP A 341 -11.34 -10.96 19.79
N PRO A 342 -11.09 -11.04 18.46
CA PRO A 342 -10.49 -12.26 17.93
C PRO A 342 -9.03 -12.47 18.34
N TYR A 343 -8.39 -11.44 18.91
CA TYR A 343 -7.01 -11.51 19.39
C TYR A 343 -6.93 -11.89 20.86
N HIS A 344 -8.07 -12.08 21.52
CA HIS A 344 -8.09 -12.23 22.98
C HIS A 344 -7.14 -13.33 23.47
N GLU A 345 -7.27 -14.53 22.93
CA GLU A 345 -6.49 -15.67 23.47
C GLU A 345 -5.02 -15.53 23.12
N PHE A 346 -4.69 -15.01 21.94
CA PHE A 346 -3.31 -14.75 21.57
C PHE A 346 -2.64 -13.76 22.53
N LEU A 347 -3.33 -12.68 22.88
CA LEU A 347 -2.76 -11.63 23.73
C LEU A 347 -2.83 -11.93 25.23
N ALA A 348 -3.85 -12.68 25.65
CA ALA A 348 -4.06 -12.95 27.09
C ALA A 348 -2.91 -13.70 27.71
N GLY A 349 -2.23 -14.51 26.92
CA GLY A 349 -1.05 -15.25 27.39
C GLY A 349 0.24 -14.45 27.53
N MET A 350 0.26 -13.20 27.10
CA MET A 350 1.50 -12.40 27.16
C MET A 350 1.77 -11.70 28.49
N GLY A 351 0.76 -11.56 29.34
CA GLY A 351 0.95 -10.90 30.63
C GLY A 351 0.31 -9.53 30.72
N GLY A 352 0.70 -8.79 31.76
CA GLY A 352 0.15 -7.46 32.05
C GLY A 352 -1.05 -7.46 32.99
N ASN A 353 -1.58 -8.64 33.34
CA ASN A 353 -2.78 -8.72 34.15
C ASN A 353 -2.52 -8.99 35.64
N THR A 354 -1.25 -8.90 36.05
CA THR A 354 -0.85 -8.91 37.46
C THR A 354 -0.27 -7.54 37.80
N LEU A 355 -0.70 -6.96 38.91
CA LEU A 355 -0.16 -5.69 39.34
C LEU A 355 1.24 -5.88 39.89
N LEU A 356 2.24 -5.37 39.18
CA LEU A 356 3.63 -5.49 39.62
C LEU A 356 3.96 -4.44 40.66
N ASP A 357 4.91 -4.75 41.53
CA ASP A 357 5.29 -3.82 42.61
C ASP A 357 5.68 -2.40 42.11
N ALA A 358 6.42 -2.31 41.01
CA ALA A 358 6.84 -0.99 40.50
C ALA A 358 5.64 -0.21 39.93
N GLU A 359 4.69 -0.92 39.35
CA GLU A 359 3.42 -0.33 38.89
C GLU A 359 2.60 0.20 40.08
N ARG A 360 2.43 -0.63 41.10
CA ARG A 360 1.73 -0.23 42.34
C ARG A 360 2.37 1.01 42.97
N ALA A 361 3.70 1.02 43.06
CA ALA A 361 4.40 2.17 43.63
C ALA A 361 4.23 3.45 42.83
N ALA A 362 4.26 3.35 41.51
CA ALA A 362 4.01 4.53 40.65
C ALA A 362 2.64 5.14 40.90
N ILE A 363 1.64 4.30 41.07
CA ILE A 363 0.27 4.77 41.30
C ILE A 363 0.14 5.37 42.71
N GLU A 364 0.73 4.69 43.70
CA GLU A 364 0.73 5.18 45.09
C GLU A 364 1.30 6.58 45.27
N GLU A 365 2.29 6.95 44.44
CA GLU A 365 2.87 8.30 44.45
C GLU A 365 1.84 9.40 44.20
N ILE A 366 0.76 9.09 43.51
CA ILE A 366 -0.21 10.09 43.11
C ILE A 366 -1.31 10.23 44.13
N VAL A 367 -1.57 9.20 44.93
CA VAL A 367 -2.70 9.21 45.85
C VAL A 367 -2.71 10.44 46.79
N PRO A 368 -1.54 10.91 47.26
CA PRO A 368 -1.55 12.11 48.13
C PRO A 368 -2.05 13.40 47.47
N LEU A 369 -1.97 13.48 46.14
CA LEU A 369 -2.40 14.68 45.40
C LEU A 369 -3.92 14.86 45.44
N LEU A 370 -4.64 13.77 45.71
CA LEU A 370 -6.10 13.81 45.80
C LEU A 370 -6.62 14.71 46.90
N ALA A 371 -5.86 14.83 48.00
CA ALA A 371 -6.22 15.68 49.12
C ALA A 371 -6.38 17.17 48.76
N ASP A 372 -5.70 17.63 47.72
CA ASP A 372 -5.75 19.03 47.32
C ASP A 372 -6.85 19.39 46.31
N ILE A 373 -7.69 18.41 45.94
CA ILE A 373 -8.79 18.69 45.01
C ILE A 373 -9.99 19.22 45.81
N ARG A 374 -10.33 20.49 45.60
CA ARG A 374 -11.49 21.12 46.24
C ARG A 374 -12.61 21.33 45.21
N HIS B 6 39.10 -8.52 7.10
CA HIS B 6 38.97 -9.53 6.00
C HIS B 6 37.47 -9.62 5.59
N ALA B 7 37.12 -10.46 4.62
CA ALA B 7 35.87 -10.29 3.85
C ALA B 7 34.61 -10.76 4.55
N ILE B 8 33.57 -9.94 4.43
CA ILE B 8 32.32 -10.16 5.13
C ILE B 8 31.28 -10.54 4.10
N GLY B 9 30.69 -11.71 4.24
CA GLY B 9 29.65 -12.19 3.31
C GLY B 9 28.29 -11.60 3.59
N TYR B 10 27.47 -11.52 2.54
CA TYR B 10 26.13 -10.98 2.68
C TYR B 10 25.21 -11.70 1.72
N VAL B 11 24.12 -12.25 2.25
CA VAL B 11 23.14 -12.99 1.45
C VAL B 11 21.82 -12.24 1.42
N TRP B 12 21.39 -11.87 0.21
CA TRP B 12 20.00 -11.48 -0.07
C TRP B 12 19.58 -12.16 -1.37
N ASN B 13 18.37 -12.68 -1.40
CA ASN B 13 17.82 -13.28 -2.61
C ASN B 13 16.50 -12.56 -2.83
N THR B 14 16.24 -12.16 -4.07
CA THR B 14 15.02 -11.44 -4.37
C THR B 14 13.77 -12.14 -3.85
N LEU B 15 13.74 -13.46 -3.92
CA LEU B 15 12.53 -14.20 -3.51
C LEU B 15 12.24 -14.09 -2.00
N TYR B 16 13.24 -13.77 -1.19
CA TYR B 16 12.98 -13.47 0.23
C TYR B 16 11.94 -12.34 0.38
N GLY B 17 11.93 -11.40 -0.57
CA GLY B 17 10.94 -10.33 -0.58
C GLY B 17 9.58 -10.67 -1.18
N TRP B 18 9.45 -11.88 -1.72
CA TRP B 18 8.24 -12.31 -2.42
C TRP B 18 7.38 -13.27 -1.61
N VAL B 19 7.74 -13.52 -0.36
CA VAL B 19 6.96 -14.41 0.50
C VAL B 19 5.54 -13.86 0.62
N ASP B 20 4.55 -14.67 0.30
CA ASP B 20 3.17 -14.21 0.32
C ASP B 20 2.56 -14.43 1.70
N THR B 21 2.45 -13.36 2.47
CA THR B 21 1.86 -13.42 3.81
C THR B 21 0.33 -13.25 3.84
N GLY B 22 -0.29 -13.06 2.69
CA GLY B 22 -1.75 -13.10 2.58
C GLY B 22 -2.36 -11.75 2.81
N THR B 23 -3.65 -11.72 3.11
CA THR B 23 -4.41 -10.47 3.30
C THR B 23 -4.90 -10.28 4.74
N GLY B 24 -4.45 -11.14 5.66
CA GLY B 24 -4.77 -10.99 7.08
C GLY B 24 -3.72 -10.15 7.80
N SER B 25 -3.96 -9.89 9.07
CA SER B 25 -3.07 -9.15 9.95
C SER B 25 -2.04 -10.06 10.63
N LEU B 26 -2.55 -11.22 11.03
CA LEU B 26 -1.79 -12.18 11.79
C LEU B 26 -2.31 -13.57 11.43
N ALA B 27 -3.54 -13.87 11.84
CA ALA B 27 -4.34 -14.91 11.20
C ALA B 27 -4.89 -14.34 9.90
N ALA B 28 -5.54 -15.18 9.11
CA ALA B 28 -6.17 -14.75 7.85
C ALA B 28 -7.29 -13.73 8.11
N ALA B 29 -7.58 -12.90 7.11
CA ALA B 29 -8.78 -12.09 7.15
C ALA B 29 -9.97 -13.03 7.32
N ASN B 30 -11.00 -12.56 8.01
CA ASN B 30 -12.14 -13.39 8.34
C ASN B 30 -13.38 -12.52 8.44
N LEU B 31 -14.32 -12.68 7.52
CA LEU B 31 -15.50 -11.82 7.50
C LEU B 31 -16.43 -12.00 8.68
N THR B 32 -16.67 -13.24 9.15
CA THR B 32 -17.57 -13.43 10.30
C THR B 32 -17.01 -12.84 11.62
N ALA B 33 -15.70 -12.82 11.77
CA ALA B 33 -14.99 -12.20 12.91
C ALA B 33 -14.82 -10.69 12.73
N ARG B 34 -15.14 -10.22 11.53
CA ARG B 34 -14.99 -8.83 11.12
C ARG B 34 -13.53 -8.36 11.19
N MET B 35 -12.62 -9.24 10.78
N MET B 35 -12.63 -9.24 10.76
CA MET B 35 -11.22 -8.93 10.59
CA MET B 35 -11.21 -8.94 10.59
C MET B 35 -11.04 -8.51 9.13
C MET B 35 -11.02 -8.51 9.15
N GLN B 36 -11.02 -7.20 8.92
CA GLN B 36 -10.93 -6.63 7.59
C GLN B 36 -9.61 -6.93 6.88
N PRO B 37 -9.66 -7.26 5.58
CA PRO B 37 -8.37 -7.48 4.90
C PRO B 37 -7.44 -6.27 4.95
N ILE B 38 -6.14 -6.51 4.86
CA ILE B 38 -5.17 -5.43 4.91
C ILE B 38 -4.03 -5.76 3.94
N SER B 39 -3.38 -4.73 3.36
CA SER B 39 -2.33 -4.98 2.37
C SER B 39 -1.09 -5.65 2.95
N HIS B 40 -0.71 -5.19 4.15
CA HIS B 40 0.49 -5.65 4.82
C HIS B 40 0.17 -6.40 6.13
N HIS B 41 0.26 -7.71 6.07
CA HIS B 41 0.31 -8.58 7.24
C HIS B 41 1.46 -8.11 8.14
N LEU B 42 1.37 -8.34 9.43
CA LEU B 42 2.45 -7.93 10.34
C LEU B 42 3.83 -8.41 9.88
N ALA B 43 3.87 -9.62 9.33
CA ALA B 43 5.11 -10.28 8.87
C ALA B 43 5.43 -10.07 7.38
N HIS B 44 4.78 -9.11 6.75
CA HIS B 44 5.00 -8.84 5.31
C HIS B 44 6.50 -8.68 4.99
N PRO B 45 6.95 -9.21 3.83
CA PRO B 45 8.39 -9.19 3.52
C PRO B 45 9.00 -7.80 3.31
N ASP B 46 8.22 -6.75 3.16
CA ASP B 46 8.77 -5.42 2.92
C ASP B 46 9.69 -4.96 4.05
N THR B 47 9.42 -5.41 5.27
CA THR B 47 10.24 -5.00 6.40
C THR B 47 11.68 -5.42 6.16
N LYS B 48 11.87 -6.69 5.81
CA LYS B 48 13.23 -7.18 5.55
C LYS B 48 13.78 -6.66 4.24
N ARG B 49 12.92 -6.46 3.22
CA ARG B 49 13.39 -5.84 1.98
C ARG B 49 13.94 -4.42 2.21
N ARG B 50 13.26 -3.65 3.07
CA ARG B 50 13.73 -2.30 3.40
C ARG B 50 15.11 -2.30 4.07
N PHE B 51 15.38 -3.34 4.87
CA PHE B 51 16.72 -3.55 5.45
C PHE B 51 17.73 -3.76 4.31
N HIS B 52 17.45 -4.69 3.42
CA HIS B 52 18.34 -4.92 2.27
C HIS B 52 18.59 -3.63 1.48
N GLU B 53 17.52 -2.91 1.17
CA GLU B 53 17.68 -1.67 0.40
C GLU B 53 18.51 -0.62 1.11
N LEU B 54 18.39 -0.52 2.42
CA LEU B 54 19.26 0.35 3.20
C LEU B 54 20.74 -0.09 3.20
N VAL B 55 20.99 -1.39 3.31
CA VAL B 55 22.37 -1.91 3.18
C VAL B 55 22.99 -1.42 1.88
N CYS B 56 22.20 -1.42 0.79
CA CYS B 56 22.69 -0.92 -0.51
C CYS B 56 22.80 0.60 -0.57
N ALA B 57 21.74 1.30 -0.19
CA ALA B 57 21.68 2.74 -0.37
C ALA B 57 22.66 3.49 0.55
N SER B 58 22.94 2.90 1.71
CA SER B 58 23.89 3.47 2.66
C SER B 58 25.36 3.33 2.19
N GLY B 59 25.60 2.52 1.15
CA GLY B 59 26.96 2.19 0.72
C GLY B 59 27.58 1.00 1.44
N GLN B 60 26.89 0.41 2.42
CA GLN B 60 27.46 -0.77 3.10
C GLN B 60 27.73 -1.93 2.14
N ILE B 61 26.89 -2.06 1.11
CA ILE B 61 27.06 -3.13 0.12
C ILE B 61 28.47 -3.13 -0.52
N GLU B 62 29.08 -1.94 -0.67
CA GLU B 62 30.43 -1.83 -1.24
C GLU B 62 31.52 -2.44 -0.35
N HIS B 63 31.22 -2.63 0.95
CA HIS B 63 32.16 -3.28 1.90
C HIS B 63 31.82 -4.73 2.18
N LEU B 64 30.89 -5.30 1.42
CA LEU B 64 30.44 -6.66 1.62
C LEU B 64 30.72 -7.46 0.36
N THR B 65 30.85 -8.77 0.55
CA THR B 65 30.98 -9.72 -0.54
C THR B 65 29.62 -10.42 -0.73
N PRO B 66 28.89 -10.09 -1.81
CA PRO B 66 27.58 -10.75 -2.01
C PRO B 66 27.74 -12.24 -2.29
N ILE B 67 26.97 -13.05 -1.57
CA ILE B 67 26.99 -14.50 -1.67
C ILE B 67 25.61 -14.99 -2.06
N ALA B 68 25.54 -15.77 -3.14
CA ALA B 68 24.25 -16.27 -3.59
C ALA B 68 23.75 -17.41 -2.72
N ALA B 69 22.47 -17.39 -2.35
CA ALA B 69 21.86 -18.55 -1.69
C ALA B 69 21.92 -19.75 -2.63
N VAL B 70 22.14 -20.92 -2.04
CA VAL B 70 22.05 -22.21 -2.71
C VAL B 70 20.91 -22.96 -2.02
N ALA B 71 19.93 -23.42 -2.78
CA ALA B 71 18.76 -24.08 -2.21
C ALA B 71 19.15 -25.26 -1.32
N ALA B 72 18.59 -25.30 -0.12
CA ALA B 72 18.80 -26.41 0.79
C ALA B 72 18.23 -27.68 0.19
N THR B 73 19.03 -28.74 0.21
CA THR B 73 18.58 -30.05 -0.28
C THR B 73 17.76 -30.75 0.79
N ASP B 74 17.10 -31.83 0.40
CA ASP B 74 16.45 -32.72 1.38
C ASP B 74 17.43 -33.19 2.46
N ALA B 75 18.64 -33.59 2.03
CA ALA B 75 19.69 -34.01 2.96
C ALA B 75 19.98 -32.91 4.01
N ASP B 76 20.08 -31.66 3.55
CA ASP B 76 20.31 -30.51 4.46
C ASP B 76 19.19 -30.39 5.48
N ILE B 77 17.95 -30.42 4.98
CA ILE B 77 16.77 -30.20 5.83
C ILE B 77 16.57 -31.32 6.84
N LEU B 78 16.83 -32.57 6.43
CA LEU B 78 16.71 -33.71 7.34
C LEU B 78 17.73 -33.74 8.47
N ARG B 79 18.75 -32.89 8.44
CA ARG B 79 19.67 -32.80 9.59
C ARG B 79 19.02 -32.09 10.78
N ALA B 80 18.01 -31.28 10.51
CA ALA B 80 17.28 -30.55 11.55
C ALA B 80 15.84 -30.97 11.74
N HIS B 81 15.25 -31.62 10.73
CA HIS B 81 13.83 -31.90 10.69
C HIS B 81 13.53 -33.32 10.32
N SER B 82 12.32 -33.74 10.65
CA SER B 82 11.86 -35.09 10.38
C SER B 82 11.50 -35.28 8.92
N ALA B 83 11.64 -36.52 8.45
CA ALA B 83 11.19 -36.88 7.10
C ALA B 83 9.72 -36.46 6.89
N ALA B 84 8.85 -36.68 7.88
CA ALA B 84 7.43 -36.30 7.75
C ALA B 84 7.20 -34.82 7.57
N HIS B 85 8.01 -34.01 8.25
CA HIS B 85 7.91 -32.56 8.12
C HIS B 85 8.29 -32.11 6.71
N LEU B 86 9.42 -32.61 6.21
CA LEU B 86 9.86 -32.31 4.84
C LEU B 86 8.77 -32.70 3.85
N GLU B 87 8.29 -33.94 3.93
CA GLU B 87 7.20 -34.38 3.03
C GLU B 87 5.98 -33.49 3.15
N ASN B 88 5.63 -33.09 4.36
CA ASN B 88 4.45 -32.27 4.60
C ASN B 88 4.56 -30.86 4.01
N MET B 89 5.73 -30.28 4.04
CA MET B 89 5.92 -28.97 3.43
C MET B 89 5.88 -29.08 1.91
N LYS B 90 6.47 -30.14 1.35
CA LYS B 90 6.39 -30.27 -0.12
C LYS B 90 5.08 -30.83 -0.56
N ARG B 91 4.41 -31.57 0.32
CA ARG B 91 2.98 -31.83 0.11
C ARG B 91 2.21 -30.50 0.06
N VAL B 92 2.39 -29.66 1.06
CA VAL B 92 1.62 -28.37 1.13
C VAL B 92 1.98 -27.46 -0.03
N SER B 93 3.28 -27.26 -0.26
CA SER B 93 3.74 -26.45 -1.39
C SER B 93 3.29 -26.99 -2.75
N ASN B 94 3.15 -28.32 -2.90
CA ASN B 94 2.70 -28.86 -4.18
C ASN B 94 1.20 -28.73 -4.42
N LEU B 95 0.44 -28.40 -3.37
CA LEU B 95 -1.01 -28.17 -3.55
C LEU B 95 -1.22 -26.95 -4.46
N PRO B 96 -2.34 -26.95 -5.25
CA PRO B 96 -2.59 -25.92 -6.29
C PRO B 96 -2.53 -24.43 -5.83
N THR B 97 -2.95 -24.15 -4.60
CA THR B 97 -2.79 -22.83 -4.00
C THR B 97 -2.02 -22.84 -2.68
N GLY B 98 -1.31 -23.95 -2.43
CA GLY B 98 -0.58 -24.15 -1.20
C GLY B 98 -1.54 -24.44 -0.06
N GLY B 99 -1.14 -24.01 1.13
CA GLY B 99 -1.99 -24.14 2.29
C GLY B 99 -1.36 -23.87 3.64
N ASP B 100 -2.09 -24.34 4.65
CA ASP B 100 -1.79 -24.22 6.06
C ASP B 100 -0.72 -25.22 6.40
N THR B 101 0.37 -24.77 7.05
CA THR B 101 1.39 -25.68 7.51
C THR B 101 0.99 -26.32 8.83
N GLY B 102 0.13 -25.65 9.62
CA GLY B 102 -0.39 -26.23 10.87
C GLY B 102 -1.05 -25.33 11.90
N ASP B 103 -0.51 -24.12 12.12
CA ASP B 103 -0.88 -23.34 13.31
C ASP B 103 -1.81 -22.11 13.11
N GLY B 104 -2.22 -21.83 11.86
CA GLY B 104 -3.18 -20.75 11.57
C GLY B 104 -2.63 -19.33 11.50
N ILE B 105 -1.31 -19.18 11.56
CA ILE B 105 -0.68 -17.89 11.31
C ILE B 105 0.55 -18.03 10.39
N THR B 106 0.72 -19.20 9.75
CA THR B 106 1.97 -19.57 9.02
C THR B 106 1.64 -20.05 7.60
N MET B 107 1.72 -19.14 6.64
N MET B 107 1.67 -19.13 6.63
CA MET B 107 1.42 -19.41 5.22
CA MET B 107 1.36 -19.41 5.21
C MET B 107 2.48 -20.19 4.44
C MET B 107 2.45 -20.13 4.41
N MET B 108 2.05 -20.85 3.35
CA MET B 108 2.96 -21.24 2.23
C MET B 108 2.16 -21.21 0.90
N GLY B 109 2.79 -20.65 -0.14
CA GLY B 109 2.22 -20.57 -1.47
C GLY B 109 2.50 -21.86 -2.25
N ASN B 110 1.79 -22.06 -3.37
CA ASN B 110 2.22 -23.10 -4.30
C ASN B 110 3.67 -22.77 -4.66
N GLY B 111 4.57 -23.76 -4.57
CA GLY B 111 5.99 -23.47 -4.80
C GLY B 111 6.70 -22.60 -3.75
N GLY B 112 6.06 -22.28 -2.63
CA GLY B 112 6.67 -21.47 -1.55
C GLY B 112 7.78 -22.22 -0.83
N LEU B 113 7.81 -23.54 -0.99
CA LEU B 113 8.95 -24.34 -0.60
C LEU B 113 10.26 -23.88 -1.24
N GLU B 114 10.18 -23.37 -2.47
CA GLU B 114 11.34 -22.82 -3.15
C GLU B 114 11.98 -21.72 -2.28
N ILE B 115 11.15 -20.85 -1.72
CA ILE B 115 11.69 -19.75 -0.89
C ILE B 115 12.21 -20.31 0.45
N ALA B 116 11.48 -21.25 1.03
CA ALA B 116 11.94 -21.87 2.29
C ALA B 116 13.28 -22.56 2.11
N ARG B 117 13.46 -23.23 0.97
CA ARG B 117 14.75 -23.85 0.69
C ARG B 117 15.88 -22.82 0.51
N LEU B 118 15.57 -21.72 -0.18
CA LEU B 118 16.55 -20.66 -0.38
C LEU B 118 16.89 -19.92 0.90
N SER B 119 15.95 -19.83 1.82
CA SER B 119 16.21 -19.18 3.11
C SER B 119 17.17 -20.03 3.95
N ALA B 120 16.83 -21.30 4.14
CA ALA B 120 17.72 -22.22 4.85
C ALA B 120 19.06 -22.32 4.15
N GLY B 121 19.02 -22.42 2.82
CA GLY B 121 20.22 -22.52 1.99
C GLY B 121 21.12 -21.31 2.02
N GLY B 122 20.53 -20.15 2.22
CA GLY B 122 21.30 -18.93 2.44
C GLY B 122 22.14 -19.02 3.71
N ALA B 123 21.52 -19.48 4.78
CA ALA B 123 22.24 -19.73 6.04
C ALA B 123 23.33 -20.79 5.86
N VAL B 124 23.01 -21.89 5.17
CA VAL B 124 24.02 -22.96 4.96
C VAL B 124 25.18 -22.45 4.11
N GLU B 125 24.88 -21.76 3.01
CA GLU B 125 25.94 -21.33 2.09
C GLU B 125 26.89 -20.32 2.74
N LEU B 126 26.34 -19.38 3.52
CA LEU B 126 27.17 -18.45 4.23
C LEU B 126 28.02 -19.18 5.28
N THR B 127 27.41 -20.10 6.00
CA THR B 127 28.10 -20.91 6.99
C THR B 127 29.26 -21.67 6.35
N ARG B 128 29.00 -22.29 5.21
CA ARG B 128 30.06 -23.03 4.50
C ARG B 128 31.23 -22.12 4.17
N ARG B 129 30.94 -20.93 3.64
CA ARG B 129 32.01 -20.02 3.22
C ARG B 129 32.79 -19.38 4.38
N VAL B 130 32.14 -19.16 5.51
CA VAL B 130 32.85 -18.68 6.70
C VAL B 130 33.65 -19.81 7.33
N ALA B 131 33.00 -20.94 7.55
CA ALA B 131 33.67 -22.07 8.23
C ALA B 131 34.83 -22.68 7.43
N THR B 132 34.80 -22.57 6.11
CA THR B 132 35.90 -23.04 5.26
C THR B 132 37.05 -22.03 5.16
N GLY B 133 36.86 -20.81 5.67
CA GLY B 133 37.91 -19.79 5.66
C GLY B 133 37.91 -18.79 4.52
N GLU B 134 36.98 -18.91 3.57
CA GLU B 134 36.89 -17.97 2.49
C GLU B 134 36.46 -16.58 2.99
N LEU B 135 35.52 -16.56 3.93
CA LEU B 135 35.02 -15.31 4.51
C LEU B 135 35.33 -15.30 5.99
N SER B 136 35.48 -14.11 6.58
CA SER B 136 35.71 -14.03 8.03
C SER B 136 34.43 -14.16 8.84
N ALA B 137 33.33 -13.69 8.28
CA ALA B 137 32.05 -13.60 8.96
C ALA B 137 30.99 -13.19 7.94
N GLY B 138 29.74 -13.10 8.35
CA GLY B 138 28.73 -12.57 7.44
C GLY B 138 27.34 -12.44 8.02
N TYR B 139 26.46 -11.87 7.21
CA TYR B 139 25.03 -11.70 7.53
C TYR B 139 24.19 -12.27 6.42
N ALA B 140 23.33 -13.24 6.75
CA ALA B 140 22.38 -13.83 5.79
C ALA B 140 21.01 -13.24 6.10
N LEU B 141 20.57 -12.32 5.24
CA LEU B 141 19.31 -11.61 5.41
C LEU B 141 18.17 -12.42 4.75
N VAL B 142 17.82 -13.50 5.41
CA VAL B 142 16.90 -14.48 4.90
C VAL B 142 15.47 -14.21 5.33
N ASN B 143 14.55 -14.85 4.60
CA ASN B 143 13.12 -14.84 4.90
C ASN B 143 12.51 -15.98 4.07
N PRO B 144 11.66 -16.87 4.62
CA PRO B 144 11.10 -16.81 5.96
C PRO B 144 12.05 -17.15 7.11
N PRO B 145 11.67 -16.75 8.33
CA PRO B 145 12.51 -17.00 9.51
C PRO B 145 12.46 -18.48 9.96
N GLY B 146 13.22 -18.79 11.02
CA GLY B 146 13.45 -20.17 11.39
C GLY B 146 13.17 -20.65 12.80
N HIS B 147 13.41 -19.79 13.78
CA HIS B 147 13.66 -20.32 15.13
C HIS B 147 12.49 -20.97 15.89
N HIS B 148 11.25 -20.79 15.43
CA HIS B 148 10.10 -21.43 16.06
C HIS B 148 9.80 -22.82 15.51
N ALA B 149 10.39 -23.21 14.38
CA ALA B 149 10.16 -24.53 13.78
C ALA B 149 10.97 -25.60 14.52
N PRO B 150 10.28 -26.54 15.22
CA PRO B 150 10.93 -27.64 15.88
C PRO B 150 11.20 -28.76 14.88
N HIS B 151 11.67 -29.90 15.38
CA HIS B 151 12.03 -31.03 14.51
C HIS B 151 10.90 -31.43 13.58
N ASN B 152 9.68 -31.46 14.10
CA ASN B 152 8.57 -32.11 13.37
C ASN B 152 7.46 -31.17 12.91
N ALA B 153 7.70 -29.87 12.82
CA ALA B 153 6.63 -28.92 12.47
C ALA B 153 7.10 -27.55 11.98
N ALA B 154 6.18 -26.85 11.31
CA ALA B 154 6.30 -25.40 11.05
C ALA B 154 5.55 -24.66 12.15
N MET B 155 6.05 -23.48 12.54
CA MET B 155 5.39 -22.70 13.59
C MET B 155 5.82 -21.25 13.56
N GLY B 156 4.90 -20.36 13.92
CA GLY B 156 5.19 -18.94 14.11
C GLY B 156 5.93 -18.31 12.95
N PHE B 157 5.39 -18.49 11.73
CA PHE B 157 5.95 -17.91 10.47
C PHE B 157 7.18 -18.70 9.95
N CYS B 158 7.62 -19.74 10.66
CA CYS B 158 8.84 -20.48 10.33
C CYS B 158 8.52 -21.82 9.70
N ILE B 159 9.09 -22.05 8.52
CA ILE B 159 8.91 -23.29 7.80
C ILE B 159 10.00 -24.29 8.18
N PHE B 160 11.26 -23.89 8.02
CA PHE B 160 12.40 -24.67 8.45
C PHE B 160 13.26 -23.80 9.37
N ASN B 161 13.93 -24.48 10.28
CA ASN B 161 14.81 -23.85 11.24
C ASN B 161 16.17 -23.60 10.62
N ASN B 162 16.27 -22.43 9.98
CA ASN B 162 17.45 -22.04 9.21
C ASN B 162 18.75 -22.19 9.97
N THR B 163 18.80 -21.67 11.20
CA THR B 163 20.05 -21.72 11.95
C THR B 163 20.40 -23.17 12.34
N SER B 164 19.39 -24.01 12.59
CA SER B 164 19.63 -25.43 12.87
C SER B 164 20.05 -26.23 11.64
N VAL B 165 19.46 -25.90 10.48
CA VAL B 165 19.94 -26.49 9.22
C VAL B 165 21.43 -26.14 9.01
N ALA B 166 21.81 -24.89 9.25
CA ALA B 166 23.19 -24.46 9.14
C ALA B 166 24.10 -25.14 10.18
N ALA B 167 23.67 -25.19 11.43
CA ALA B 167 24.43 -25.88 12.47
C ALA B 167 24.62 -27.36 12.14
N GLY B 168 23.56 -28.01 11.67
CA GLY B 168 23.61 -29.42 11.25
C GLY B 168 24.63 -29.66 10.15
N TYR B 169 24.70 -28.73 9.21
CA TYR B 169 25.68 -28.79 8.12
C TYR B 169 27.10 -28.65 8.67
N ALA B 170 27.31 -27.67 9.55
CA ALA B 170 28.61 -27.45 10.18
C ALA B 170 29.10 -28.68 10.96
N ARG B 171 28.17 -29.34 11.65
CA ARG B 171 28.50 -30.57 12.41
C ARG B 171 28.82 -31.74 11.47
N ALA B 172 27.88 -32.07 10.59
CA ALA B 172 27.95 -33.30 9.78
C ALA B 172 28.86 -33.24 8.55
N VAL B 173 28.89 -32.09 7.88
CA VAL B 173 29.67 -31.91 6.64
C VAL B 173 31.04 -31.31 6.91
N LEU B 174 31.10 -30.29 7.77
CA LEU B 174 32.37 -29.61 8.08
C LEU B 174 33.13 -30.24 9.25
N GLY B 175 32.50 -31.13 10.00
CA GLY B 175 33.19 -31.85 11.07
C GLY B 175 33.44 -31.02 12.31
N MET B 176 32.70 -29.93 12.50
CA MET B 176 32.78 -29.18 13.76
C MET B 176 32.19 -29.97 14.91
N GLU B 177 32.93 -30.00 16.01
CA GLU B 177 32.45 -30.70 17.19
CA GLU B 177 32.58 -30.66 17.28
C GLU B 177 31.52 -29.88 18.09
N ARG B 178 31.60 -28.54 18.05
CA ARG B 178 30.80 -27.66 18.90
C ARG B 178 30.39 -26.40 18.14
N VAL B 179 29.09 -26.11 18.18
CA VAL B 179 28.50 -24.92 17.54
C VAL B 179 27.61 -24.26 18.57
N ALA B 180 27.57 -22.93 18.59
CA ALA B 180 26.59 -22.23 19.46
C ALA B 180 25.61 -21.47 18.60
N ILE B 181 24.33 -21.52 18.95
CA ILE B 181 23.30 -20.66 18.33
C ILE B 181 22.80 -19.70 19.40
N LEU B 182 23.07 -18.40 19.21
CA LEU B 182 22.63 -17.34 20.10
C LEU B 182 21.47 -16.64 19.42
N ASP B 183 20.30 -16.71 20.04
CA ASP B 183 19.07 -16.17 19.47
C ASP B 183 18.62 -14.96 20.30
N TRP B 184 18.68 -13.76 19.70
CA TRP B 184 18.17 -12.57 20.35
C TRP B 184 16.93 -11.97 19.71
N ASP B 185 16.29 -12.72 18.83
CA ASP B 185 14.88 -12.41 18.51
C ASP B 185 14.14 -12.36 19.85
N VAL B 186 13.18 -11.46 19.95
CA VAL B 186 12.47 -11.22 21.21
C VAL B 186 11.54 -12.37 21.66
N HIS B 187 11.24 -13.27 20.73
CA HIS B 187 10.44 -14.45 21.02
C HIS B 187 11.34 -15.64 21.32
N HIS B 188 10.85 -16.53 22.17
CA HIS B 188 11.60 -17.73 22.55
C HIS B 188 11.90 -18.61 21.34
N GLY B 189 13.17 -18.99 21.15
CA GLY B 189 13.57 -19.90 20.07
C GLY B 189 13.25 -21.35 20.43
N ASN B 190 11.98 -21.64 20.58
CA ASN B 190 11.52 -22.98 20.98
C ASN B 190 11.89 -24.08 19.99
N GLY B 191 11.87 -23.76 18.69
CA GLY B 191 12.19 -24.75 17.65
C GLY B 191 13.63 -25.21 17.79
N THR B 192 14.53 -24.24 17.93
CA THR B 192 15.96 -24.52 18.07
C THR B 192 16.23 -25.30 19.36
N GLN B 193 15.59 -24.86 20.43
CA GLN B 193 15.66 -25.57 21.69
C GLN B 193 15.26 -27.05 21.54
N ASP B 194 14.14 -27.30 20.85
CA ASP B 194 13.65 -28.67 20.61
C ASP B 194 14.62 -29.53 19.81
N ILE B 195 15.10 -28.99 18.71
CA ILE B 195 15.94 -29.77 17.80
C ILE B 195 17.20 -30.32 18.48
N TRP B 196 17.84 -29.49 19.31
CA TRP B 196 19.10 -29.81 19.91
C TRP B 196 18.95 -30.20 21.39
N TRP B 197 17.73 -30.46 21.84
CA TRP B 197 17.40 -30.68 23.26
C TRP B 197 18.30 -31.71 23.95
N ASN B 198 18.56 -32.83 23.27
CA ASN B 198 19.41 -33.92 23.80
C ASN B 198 20.88 -33.89 23.37
N ASP B 199 21.32 -32.78 22.78
CA ASP B 199 22.59 -32.73 22.08
C ASP B 199 23.49 -31.63 22.67
N PRO B 200 24.60 -32.03 23.32
CA PRO B 200 25.52 -31.01 23.84
C PRO B 200 26.46 -30.40 22.80
N SER B 201 26.42 -30.89 21.56
CA SER B 201 27.27 -30.39 20.49
C SER B 201 26.76 -29.12 19.83
N VAL B 202 25.54 -28.70 20.20
CA VAL B 202 25.01 -27.39 19.75
C VAL B 202 24.41 -26.70 20.99
N LEU B 203 25.14 -25.72 21.50
CA LEU B 203 24.71 -24.92 22.64
C LEU B 203 23.66 -23.94 22.12
N THR B 204 22.47 -23.94 22.71
CA THR B 204 21.35 -23.09 22.24
C THR B 204 21.03 -22.10 23.34
N ILE B 205 21.10 -20.81 23.01
CA ILE B 205 20.83 -19.74 23.96
C ILE B 205 19.73 -18.88 23.38
N SER B 206 18.72 -18.58 24.20
CA SER B 206 17.63 -17.67 23.76
C SER B 206 17.42 -16.55 24.79
N LEU B 207 17.59 -15.30 24.34
CA LEU B 207 17.17 -14.13 25.12
C LEU B 207 15.83 -13.73 24.58
N HIS B 208 14.88 -13.48 25.45
CA HIS B 208 13.52 -13.21 24.97
C HIS B 208 12.63 -12.56 26.00
N GLN B 209 11.58 -11.91 25.53
CA GLN B 209 10.54 -11.44 26.41
C GLN B 209 9.77 -12.65 26.97
N HIS B 210 9.67 -12.74 28.29
CA HIS B 210 9.07 -13.91 28.94
C HIS B 210 7.62 -14.12 28.52
N LEU B 211 7.35 -15.29 27.96
CA LEU B 211 6.00 -15.70 27.55
C LEU B 211 5.36 -14.81 26.47
N CYS B 212 6.18 -14.18 25.64
CA CYS B 212 5.66 -13.34 24.55
C CYS B 212 5.15 -14.24 23.42
N PHE B 213 6.01 -15.11 22.91
CA PHE B 213 5.59 -16.21 22.05
C PHE B 213 6.68 -17.24 21.96
N PRO B 214 6.38 -18.54 22.16
CA PRO B 214 5.09 -19.09 22.58
C PRO B 214 4.67 -18.66 24.00
N PRO B 215 3.41 -18.87 24.36
CA PRO B 215 2.93 -18.47 25.69
C PRO B 215 3.33 -19.40 26.83
N ASP B 216 4.04 -20.49 26.52
CA ASP B 216 4.21 -21.60 27.47
C ASP B 216 5.60 -22.21 27.46
N SER B 217 6.60 -21.45 26.99
CA SER B 217 7.97 -21.93 26.96
C SER B 217 8.94 -20.79 27.19
N GLY B 218 10.21 -21.14 27.31
CA GLY B 218 11.28 -20.19 27.51
C GLY B 218 11.68 -19.96 28.96
N TYR B 219 11.11 -20.75 29.87
CA TYR B 219 11.55 -20.70 31.29
C TYR B 219 12.98 -21.17 31.42
N SER B 220 13.70 -20.62 32.39
CA SER B 220 15.09 -20.99 32.57
C SER B 220 15.29 -22.40 33.17
N THR B 221 14.21 -23.05 33.57
CA THR B 221 14.24 -24.48 33.95
C THR B 221 14.38 -25.43 32.75
N GLU B 222 14.19 -24.91 31.53
CA GLU B 222 14.33 -25.72 30.32
C GLU B 222 15.82 -25.77 29.94
N ARG B 223 16.49 -26.86 30.32
CA ARG B 223 17.96 -26.95 30.26
C ARG B 223 18.51 -28.06 29.37
N GLY B 224 17.64 -28.73 28.65
CA GLY B 224 18.04 -29.87 27.83
C GLY B 224 17.86 -31.15 28.64
N ALA B 225 18.15 -32.27 28.01
CA ALA B 225 18.01 -33.58 28.64
C ALA B 225 19.13 -34.51 28.20
N GLY B 226 19.36 -35.54 29.02
CA GLY B 226 20.36 -36.54 28.71
C GLY B 226 21.72 -35.90 28.60
N ASN B 227 22.47 -36.28 27.58
CA ASN B 227 23.78 -35.69 27.34
C ASN B 227 23.68 -34.19 27.06
N GLY B 228 22.51 -33.72 26.66
CA GLY B 228 22.27 -32.29 26.43
C GLY B 228 21.95 -31.45 27.64
N HIS B 229 21.82 -32.08 28.82
CA HIS B 229 21.46 -31.33 30.01
C HIS B 229 22.57 -30.31 30.33
N GLY B 230 22.15 -29.04 30.45
CA GLY B 230 23.06 -27.92 30.65
C GLY B 230 23.50 -27.15 29.40
N TYR B 231 23.06 -27.59 28.22
CA TYR B 231 23.48 -27.01 26.93
C TYR B 231 22.32 -26.35 26.18
N ASN B 232 21.29 -25.99 26.94
CA ASN B 232 20.25 -25.06 26.51
C ASN B 232 20.10 -24.03 27.61
N ILE B 233 20.18 -22.74 27.27
CA ILE B 233 20.06 -21.65 28.24
C ILE B 233 19.03 -20.64 27.75
N ASN B 234 17.95 -20.51 28.51
CA ASN B 234 16.93 -19.46 28.31
C ASN B 234 17.14 -18.30 29.27
N VAL B 235 17.05 -17.07 28.74
CA VAL B 235 17.11 -15.85 29.51
C VAL B 235 15.82 -15.05 29.28
N PRO B 236 14.73 -15.44 29.96
CA PRO B 236 13.49 -14.69 29.84
C PRO B 236 13.58 -13.35 30.59
N LEU B 237 13.15 -12.27 29.93
CA LEU B 237 13.26 -10.90 30.44
C LEU B 237 11.89 -10.28 30.51
N PRO B 238 11.66 -9.36 31.47
CA PRO B 238 10.34 -8.75 31.56
C PRO B 238 10.06 -7.75 30.45
N PRO B 239 8.77 -7.59 30.11
CA PRO B 239 8.37 -6.49 29.22
C PRO B 239 8.92 -5.15 29.67
N GLY B 240 9.25 -4.31 28.71
CA GLY B 240 9.88 -3.04 29.02
C GLY B 240 11.39 -3.03 29.11
N SER B 241 12.04 -4.20 29.08
CA SER B 241 13.51 -4.29 29.11
C SER B 241 14.12 -3.62 27.88
N GLY B 242 15.20 -2.87 28.09
CA GLY B 242 15.85 -2.09 27.03
C GLY B 242 17.34 -2.38 26.91
N ASN B 243 18.06 -1.38 26.40
CA ASN B 243 19.48 -1.50 26.16
C ASN B 243 20.23 -1.94 27.40
N ALA B 244 19.90 -1.37 28.56
CA ALA B 244 20.65 -1.71 29.77
C ALA B 244 20.48 -3.19 30.14
N ALA B 245 19.24 -3.67 30.17
CA ALA B 245 18.96 -5.09 30.50
C ALA B 245 19.64 -6.03 29.50
N TYR B 246 19.53 -5.71 28.21
CA TYR B 246 20.11 -6.58 27.19
C TYR B 246 21.64 -6.66 27.30
N LEU B 247 22.29 -5.53 27.55
CA LEU B 247 23.74 -5.55 27.64
C LEU B 247 24.18 -6.20 28.96
N HIS B 248 23.40 -6.01 30.03
CA HIS B 248 23.68 -6.72 31.28
C HIS B 248 23.59 -8.24 31.04
N ALA B 249 22.55 -8.70 30.33
CA ALA B 249 22.43 -10.10 29.95
C ALA B 249 23.60 -10.60 29.10
N MET B 250 24.03 -9.79 28.13
CA MET B 250 25.18 -10.16 27.30
C MET B 250 26.42 -10.41 28.15
N ASP B 251 26.74 -9.47 29.02
CA ASP B 251 27.97 -9.54 29.82
C ASP B 251 27.91 -10.57 30.95
N GLN B 252 26.76 -10.72 31.57
CA GLN B 252 26.66 -11.58 32.77
C GLN B 252 26.35 -13.04 32.45
N VAL B 253 25.71 -13.29 31.30
CA VAL B 253 25.25 -14.63 30.93
C VAL B 253 25.76 -15.11 29.58
N VAL B 254 25.53 -14.32 28.53
CA VAL B 254 25.78 -14.83 27.17
C VAL B 254 27.26 -15.01 26.87
N LEU B 255 28.05 -13.96 27.06
CA LEU B 255 29.49 -14.01 26.78
C LEU B 255 30.17 -15.07 27.69
N PRO B 256 29.84 -15.09 28.98
CA PRO B 256 30.44 -16.17 29.78
C PRO B 256 30.03 -17.58 29.32
N ALA B 257 28.78 -17.76 28.91
CA ALA B 257 28.35 -19.07 28.40
C ALA B 257 29.15 -19.48 27.16
N LEU B 258 29.33 -18.55 26.22
CA LEU B 258 30.13 -18.82 25.02
C LEU B 258 31.60 -19.14 25.36
N ARG B 259 32.19 -18.36 26.26
CA ARG B 259 33.57 -18.64 26.66
C ARG B 259 33.73 -20.02 27.35
N ALA B 260 32.76 -20.40 28.17
CA ALA B 260 32.80 -21.70 28.88
C ALA B 260 32.67 -22.87 27.90
N TYR B 261 31.85 -22.67 26.87
CA TYR B 261 31.53 -23.72 25.91
C TYR B 261 32.59 -23.90 24.80
N ARG B 262 33.22 -22.79 24.41
CA ARG B 262 34.25 -22.79 23.35
C ARG B 262 33.73 -23.37 22.03
N PRO B 263 32.68 -22.76 21.48
CA PRO B 263 32.20 -23.21 20.17
C PRO B 263 33.24 -22.93 19.09
N GLN B 264 33.21 -23.70 18.00
CA GLN B 264 34.10 -23.44 16.88
C GLN B 264 33.45 -22.54 15.85
N LEU B 265 32.15 -22.29 16.01
CA LEU B 265 31.41 -21.37 15.18
C LEU B 265 30.27 -20.83 16.02
N ILE B 266 30.02 -19.52 15.90
CA ILE B 266 28.83 -18.89 16.52
C ILE B 266 27.87 -18.47 15.43
N ILE B 267 26.63 -18.95 15.55
CA ILE B 267 25.53 -18.55 14.68
C ILE B 267 24.60 -17.68 15.51
N VAL B 268 24.26 -16.49 15.01
CA VAL B 268 23.35 -15.59 15.73
C VAL B 268 22.01 -15.57 15.00
N GLY B 269 20.95 -15.93 15.73
CA GLY B 269 19.58 -15.78 15.28
C GLY B 269 19.23 -14.33 15.55
N SER B 270 19.42 -13.50 14.52
CA SER B 270 19.40 -12.04 14.65
C SER B 270 18.03 -11.51 14.27
N GLY B 271 17.15 -11.43 15.26
CA GLY B 271 15.89 -10.72 15.13
C GLY B 271 16.02 -9.31 15.66
N PHE B 272 15.14 -8.43 15.19
CA PHE B 272 15.09 -7.03 15.68
C PHE B 272 13.73 -6.68 16.24
N ASP B 273 12.97 -7.70 16.63
CA ASP B 273 11.67 -7.49 17.22
C ASP B 273 11.71 -7.08 18.71
N ALA B 274 12.91 -7.03 19.30
CA ALA B 274 13.06 -6.38 20.59
C ALA B 274 13.17 -4.86 20.47
N SER B 275 13.04 -4.29 19.26
CA SER B 275 13.22 -2.86 19.12
C SER B 275 12.10 -2.08 19.77
N MET B 276 12.43 -0.84 20.09
CA MET B 276 11.52 0.11 20.71
C MET B 276 10.22 0.34 19.96
N LEU B 277 10.24 0.16 18.64
CA LEU B 277 9.05 0.43 17.84
C LEU B 277 8.37 -0.83 17.30
N ASP B 278 8.70 -2.01 17.82
CA ASP B 278 8.12 -3.23 17.27
C ASP B 278 6.70 -3.44 17.79
N PRO B 279 5.75 -3.75 16.89
CA PRO B 279 4.40 -4.09 17.38
C PRO B 279 4.27 -5.44 18.11
N LEU B 280 5.15 -6.39 17.84
CA LEU B 280 4.95 -7.76 18.31
C LEU B 280 5.75 -8.13 19.58
N ALA B 281 6.32 -7.11 20.23
CA ALA B 281 6.80 -7.26 21.58
C ALA B 281 6.86 -5.90 22.25
N ARG B 282 7.26 -5.88 23.53
CA ARG B 282 7.16 -4.71 24.41
C ARG B 282 8.54 -4.30 24.92
N MET B 283 9.58 -4.59 24.15
CA MET B 283 10.94 -4.27 24.60
C MET B 283 11.42 -2.92 24.04
N MET B 284 12.57 -2.45 24.54
CA MET B 284 12.98 -1.05 24.32
C MET B 284 14.37 -0.94 23.73
N VAL B 285 14.83 -1.97 23.03
CA VAL B 285 16.16 -1.93 22.46
C VAL B 285 16.19 -0.95 21.28
N THR B 286 17.23 -0.16 21.17
CA THR B 286 17.41 0.72 20.00
C THR B 286 18.54 0.22 19.11
N ALA B 287 18.73 0.86 17.96
CA ALA B 287 19.79 0.44 17.04
C ALA B 287 21.13 0.42 17.76
N ASP B 288 21.34 1.37 18.68
CA ASP B 288 22.59 1.33 19.45
C ASP B 288 22.72 0.11 20.37
N GLY B 289 21.61 -0.35 20.97
CA GLY B 289 21.63 -1.58 21.74
C GLY B 289 22.03 -2.78 20.89
N PHE B 290 21.40 -2.91 19.74
CA PHE B 290 21.74 -3.98 18.80
C PHE B 290 23.19 -3.85 18.34
N ARG B 291 23.64 -2.62 18.08
CA ARG B 291 25.05 -2.37 17.72
C ARG B 291 26.00 -2.94 18.79
N GLN B 292 25.73 -2.60 20.06
CA GLN B 292 26.61 -3.03 21.14
C GLN B 292 26.51 -4.54 21.34
N MET B 293 25.31 -5.11 21.21
CA MET B 293 25.16 -6.57 21.27
C MET B 293 25.99 -7.27 20.19
N ALA B 294 25.95 -6.74 18.97
CA ALA B 294 26.73 -7.32 17.88
C ALA B 294 28.23 -7.18 18.12
N ARG B 295 28.66 -5.98 18.54
CA ARG B 295 30.09 -5.71 18.79
C ARG B 295 30.64 -6.69 19.84
N ARG B 296 29.89 -6.86 20.92
CA ARG B 296 30.29 -7.80 21.98
C ARG B 296 30.41 -9.23 21.48
N THR B 297 29.45 -9.67 20.69
CA THR B 297 29.44 -11.06 20.21
C THR B 297 30.55 -11.29 19.19
N ILE B 298 30.74 -10.34 18.27
CA ILE B 298 31.81 -10.42 17.28
C ILE B 298 33.18 -10.42 17.97
N ASP B 299 33.36 -9.56 18.98
CA ASP B 299 34.65 -9.56 19.72
C ASP B 299 34.87 -10.87 20.48
N CYS B 300 33.80 -11.44 21.02
CA CYS B 300 33.87 -12.75 21.66
C CYS B 300 34.32 -13.81 20.63
N ALA B 301 33.70 -13.81 19.46
CA ALA B 301 34.09 -14.73 18.40
C ALA B 301 35.56 -14.56 18.02
N ALA B 302 36.02 -13.32 17.94
CA ALA B 302 37.44 -13.03 17.64
C ALA B 302 38.35 -13.71 18.66
N ASP B 303 37.95 -13.68 19.93
CA ASP B 303 38.73 -14.26 21.02
C ASP B 303 38.73 -15.79 21.04
N ILE B 304 37.59 -16.42 20.78
CA ILE B 304 37.43 -17.86 21.02
C ILE B 304 37.29 -18.78 19.81
N CYS B 305 36.90 -18.25 18.65
CA CYS B 305 36.76 -19.09 17.44
C CYS B 305 37.21 -18.39 16.16
N ASP B 306 38.33 -17.66 16.26
CA ASP B 306 38.97 -16.99 15.12
C ASP B 306 38.02 -16.11 14.32
N GLY B 307 37.08 -15.49 15.02
CA GLY B 307 36.12 -14.57 14.39
C GLY B 307 35.02 -15.22 13.56
N ARG B 308 34.86 -16.54 13.64
CA ARG B 308 33.88 -17.27 12.82
C ARG B 308 32.47 -17.07 13.40
N ILE B 309 31.77 -16.09 12.84
CA ILE B 309 30.44 -15.71 13.28
C ILE B 309 29.54 -15.46 12.06
N VAL B 310 28.37 -16.08 12.10
CA VAL B 310 27.38 -16.00 11.04
C VAL B 310 26.07 -15.50 11.66
N PHE B 311 25.62 -14.35 11.20
CA PHE B 311 24.31 -13.80 11.57
C PHE B 311 23.25 -14.26 10.55
N VAL B 312 22.10 -14.70 11.06
CA VAL B 312 20.99 -15.16 10.22
C VAL B 312 19.72 -14.45 10.70
N GLN B 313 19.04 -13.78 9.76
CA GLN B 313 17.86 -13.01 10.11
C GLN B 313 16.75 -13.85 10.71
N GLU B 314 16.19 -13.39 11.82
CA GLU B 314 14.95 -13.97 12.37
C GLU B 314 13.84 -12.91 12.21
N GLY B 315 13.12 -12.56 13.27
CA GLY B 315 12.00 -11.64 13.17
C GLY B 315 12.33 -10.19 13.26
N GLY B 316 11.30 -9.39 13.47
CA GLY B 316 11.35 -7.95 13.42
C GLY B 316 10.28 -7.41 12.49
N TYR B 317 9.50 -6.46 12.99
CA TYR B 317 8.22 -6.09 12.35
C TYR B 317 8.00 -4.60 12.19
N SER B 318 9.02 -3.77 12.45
CA SER B 318 8.91 -2.33 12.16
C SER B 318 9.55 -2.04 10.80
N PRO B 319 8.72 -1.82 9.75
CA PRO B 319 9.37 -1.42 8.48
C PRO B 319 10.11 -0.08 8.55
N HIS B 320 9.73 0.75 9.53
CA HIS B 320 10.31 2.06 9.75
C HIS B 320 11.70 1.95 10.34
N TYR B 321 11.80 1.19 11.43
CA TYR B 321 13.00 1.21 12.24
C TYR B 321 13.90 -0.03 12.12
N LEU B 322 13.35 -1.19 11.76
CA LEU B 322 14.20 -2.39 11.61
C LEU B 322 15.39 -2.15 10.68
N PRO B 323 15.20 -1.45 9.55
CA PRO B 323 16.37 -1.24 8.68
C PRO B 323 17.57 -0.62 9.38
N PHE B 324 17.33 0.32 10.30
CA PHE B 324 18.44 0.96 11.02
C PHE B 324 19.06 0.06 12.09
N CYS B 325 18.22 -0.78 12.70
CA CYS B 325 18.73 -1.79 13.63
C CYS B 325 19.66 -2.78 12.94
N GLY B 326 19.19 -3.28 11.80
CA GLY B 326 19.97 -4.20 10.98
C GLY B 326 21.23 -3.56 10.44
N LEU B 327 21.13 -2.33 9.97
CA LEU B 327 22.32 -1.63 9.43
C LEU B 327 23.38 -1.49 10.48
N ALA B 328 22.98 -1.21 11.72
CA ALA B 328 23.96 -1.10 12.80
C ALA B 328 24.77 -2.39 12.97
N VAL B 329 24.10 -3.54 12.90
CA VAL B 329 24.80 -4.83 13.00
C VAL B 329 25.75 -5.05 11.82
N ILE B 330 25.30 -4.74 10.62
CA ILE B 330 26.15 -4.83 9.42
C ILE B 330 27.41 -3.96 9.59
N GLU B 331 27.22 -2.73 10.08
CA GLU B 331 28.35 -1.80 10.29
C GLU B 331 29.37 -2.36 11.29
N GLU B 332 28.90 -3.09 12.30
CA GLU B 332 29.83 -3.70 13.23
C GLU B 332 30.65 -4.84 12.60
N LEU B 333 30.08 -5.50 11.59
CA LEU B 333 30.83 -6.49 10.81
C LEU B 333 31.86 -5.83 9.89
N THR B 334 31.45 -4.77 9.20
CA THR B 334 32.34 -4.10 8.22
C THR B 334 33.34 -3.17 8.87
N GLY B 335 33.01 -2.68 10.06
CA GLY B 335 33.83 -1.64 10.69
C GLY B 335 33.68 -0.23 10.10
N VAL B 336 32.63 -0.01 9.29
CA VAL B 336 32.42 1.29 8.62
C VAL B 336 31.12 1.94 9.12
N ARG B 337 31.25 2.88 10.09
CA ARG B 337 30.11 3.48 10.80
C ARG B 337 29.84 4.85 10.24
N SER B 338 29.11 4.88 9.12
CA SER B 338 29.01 6.03 8.25
C SER B 338 27.64 6.71 8.21
N LEU B 339 26.63 6.16 8.90
CA LEU B 339 25.28 6.72 8.85
C LEU B 339 24.70 6.85 10.25
N PRO B 340 24.27 8.06 10.65
CA PRO B 340 23.58 8.21 11.94
C PRO B 340 22.26 7.45 11.95
N ASP B 341 21.84 6.97 13.12
CA ASP B 341 20.44 6.55 13.32
C ASP B 341 19.60 7.81 13.44
N PRO B 342 18.73 8.07 12.46
CA PRO B 342 17.95 9.31 12.51
C PRO B 342 16.84 9.30 13.56
N TYR B 343 16.56 8.15 14.16
CA TYR B 343 15.59 8.05 15.27
C TYR B 343 16.23 8.22 16.65
N HIS B 344 17.56 8.36 16.71
CA HIS B 344 18.24 8.21 17.99
C HIS B 344 17.71 9.16 19.05
N GLU B 345 17.62 10.44 18.71
CA GLU B 345 17.24 11.44 19.72
C GLU B 345 15.79 11.22 20.15
N PHE B 346 14.93 10.91 19.20
CA PHE B 346 13.51 10.68 19.48
C PHE B 346 13.31 9.50 20.45
N LEU B 347 14.04 8.40 20.23
CA LEU B 347 13.90 7.19 21.06
C LEU B 347 14.70 7.24 22.36
N ALA B 348 15.79 8.00 22.38
CA ALA B 348 16.69 8.00 23.56
C ALA B 348 15.97 8.48 24.80
N GLY B 349 15.10 9.46 24.63
CA GLY B 349 14.34 10.03 25.72
C GLY B 349 13.34 9.10 26.37
N MET B 350 12.96 8.02 25.69
CA MET B 350 11.93 7.12 26.17
C MET B 350 12.37 6.17 27.28
N GLY B 351 13.68 5.99 27.45
CA GLY B 351 14.18 5.14 28.51
C GLY B 351 14.53 3.76 28.01
N GLY B 352 14.56 2.79 28.94
CA GLY B 352 15.10 1.48 28.70
C GLY B 352 16.59 1.39 28.98
N ASN B 353 17.22 2.54 29.28
CA ASN B 353 18.66 2.70 29.38
C ASN B 353 19.19 2.59 30.81
N THR B 354 18.32 2.24 31.74
CA THR B 354 18.64 2.06 33.16
C THR B 354 18.31 0.62 33.54
N LEU B 355 19.25 -0.10 34.16
CA LEU B 355 18.97 -1.46 34.60
C LEU B 355 18.04 -1.46 35.81
N LEU B 356 16.81 -1.94 35.59
CA LEU B 356 15.83 -1.98 36.66
C LEU B 356 16.04 -3.23 37.54
N ASP B 357 15.66 -3.13 38.79
CA ASP B 357 15.83 -4.23 39.75
C ASP B 357 15.20 -5.53 39.26
N ALA B 358 14.01 -5.48 38.67
CA ALA B 358 13.38 -6.73 38.19
C ALA B 358 14.11 -7.31 36.98
N GLU B 359 14.69 -6.44 36.14
CA GLU B 359 15.51 -6.87 35.02
C GLU B 359 16.77 -7.55 35.53
N ARG B 360 17.45 -6.90 36.47
CA ARG B 360 18.66 -7.47 37.06
C ARG B 360 18.37 -8.82 37.71
N ALA B 361 17.24 -8.93 38.42
CA ALA B 361 16.91 -10.17 39.14
C ALA B 361 16.67 -11.33 38.14
N ALA B 362 15.99 -11.03 37.04
CA ALA B 362 15.74 -12.05 36.01
C ALA B 362 17.02 -12.59 35.41
N ILE B 363 18.00 -11.72 35.20
CA ILE B 363 19.28 -12.12 34.62
C ILE B 363 20.11 -12.89 35.64
N GLU B 364 20.10 -12.42 36.88
CA GLU B 364 20.83 -13.08 37.98
C GLU B 364 20.42 -14.52 38.20
N GLU B 365 19.15 -14.84 37.96
CA GLU B 365 18.64 -16.22 38.06
C GLU B 365 19.39 -17.21 37.17
N ILE B 366 19.98 -16.70 36.08
CA ILE B 366 20.59 -17.54 35.08
C ILE B 366 22.08 -17.80 35.38
N VAL B 367 22.72 -16.89 36.11
CA VAL B 367 24.17 -16.99 36.35
C VAL B 367 24.62 -18.36 36.91
N PRO B 368 23.84 -18.96 37.84
CA PRO B 368 24.28 -20.27 38.36
C PRO B 368 24.32 -21.40 37.33
N LEU B 369 23.55 -21.25 36.25
CA LEU B 369 23.54 -22.27 35.20
C LEU B 369 24.85 -22.35 34.44
N LEU B 370 25.67 -21.30 34.50
CA LEU B 370 26.96 -21.26 33.78
C LEU B 370 27.91 -22.34 34.26
N ALA B 371 27.79 -22.69 35.53
CA ALA B 371 28.71 -23.66 36.16
C ALA B 371 28.66 -25.04 35.52
N ASP B 372 27.54 -25.38 34.89
CA ASP B 372 27.33 -26.69 34.26
C ASP B 372 27.75 -26.80 32.79
N ILE B 373 28.26 -25.72 32.20
CA ILE B 373 28.72 -25.73 30.82
C ILE B 373 30.18 -26.15 30.84
N ARG B 374 30.45 -27.36 30.35
CA ARG B 374 31.81 -27.89 30.22
C ARG B 374 32.24 -27.77 28.76
N HIS C 6 29.16 -10.58 -26.83
CA HIS C 6 29.43 -11.35 -25.58
C HIS C 6 28.61 -10.85 -24.36
N ALA C 7 29.18 -10.00 -23.54
CA ALA C 7 28.60 -9.67 -22.23
C ALA C 7 27.53 -8.58 -22.34
N ILE C 8 26.44 -8.75 -21.61
CA ILE C 8 25.30 -7.82 -21.59
C ILE C 8 25.30 -7.10 -20.24
N GLY C 9 25.46 -5.78 -20.26
CA GLY C 9 25.48 -4.99 -19.05
C GLY C 9 24.09 -4.70 -18.55
N TYR C 10 23.97 -4.52 -17.23
CA TYR C 10 22.68 -4.25 -16.58
C TYR C 10 22.89 -3.30 -15.42
N VAL C 11 22.20 -2.16 -15.45
CA VAL C 11 22.27 -1.15 -14.39
C VAL C 11 20.99 -1.07 -13.58
N TRP C 12 21.11 -1.33 -12.28
CA TRP C 12 20.05 -0.99 -11.32
C TRP C 12 20.75 -0.44 -10.10
N ASN C 13 20.24 0.65 -9.58
CA ASN C 13 20.72 1.28 -8.34
C ASN C 13 19.52 1.34 -7.40
N THR C 14 19.72 0.94 -6.15
CA THR C 14 18.62 0.92 -5.18
C THR C 14 17.87 2.26 -5.16
N LEU C 15 18.59 3.39 -5.25
CA LEU C 15 17.93 4.70 -5.18
C LEU C 15 16.93 4.99 -6.30
N TYR C 16 17.08 4.33 -7.44
CA TYR C 16 16.07 4.44 -8.50
C TYR C 16 14.68 4.07 -7.96
N GLY C 17 14.65 3.15 -6.99
CA GLY C 17 13.40 2.75 -6.36
C GLY C 17 12.92 3.63 -5.21
N TRP C 18 13.69 4.66 -4.86
CA TRP C 18 13.41 5.52 -3.70
C TRP C 18 12.94 6.91 -4.12
N VAL C 19 12.72 7.13 -5.43
CA VAL C 19 12.21 8.41 -5.91
C VAL C 19 10.84 8.65 -5.25
N ASP C 20 10.70 9.78 -4.58
CA ASP C 20 9.48 10.06 -3.84
C ASP C 20 8.50 10.81 -4.74
N THR C 21 7.50 10.08 -5.21
CA THR C 21 6.47 10.64 -6.06
C THR C 21 5.30 11.27 -5.29
N GLY C 22 5.40 11.29 -3.96
CA GLY C 22 4.43 12.05 -3.16
C GLY C 22 3.15 11.30 -2.94
N THR C 23 2.09 12.02 -2.59
CA THR C 23 0.82 11.43 -2.17
C THR C 23 -0.33 11.68 -3.14
N GLY C 24 -0.06 12.36 -4.25
CA GLY C 24 -1.05 12.54 -5.30
C GLY C 24 -1.08 11.43 -6.33
N SER C 25 -1.97 11.56 -7.31
CA SER C 25 -2.14 10.55 -8.39
C SER C 25 -1.26 10.87 -9.58
N LEU C 26 -1.14 12.15 -9.89
CA LEU C 26 -0.43 12.64 -11.07
C LEU C 26 0.09 14.03 -10.72
N ALA C 27 -0.82 14.98 -10.56
CA ALA C 27 -0.52 16.21 -9.82
C ALA C 27 -0.59 15.85 -8.32
N ALA C 28 -0.24 16.80 -7.48
CA ALA C 28 -0.33 16.61 -6.05
C ALA C 28 -1.78 16.38 -5.57
N ALA C 29 -1.92 15.76 -4.42
CA ALA C 29 -3.21 15.71 -3.74
C ALA C 29 -3.62 17.14 -3.44
N ASN C 30 -4.93 17.40 -3.44
CA ASN C 30 -5.41 18.74 -3.21
C ASN C 30 -6.82 18.65 -2.62
N LEU C 31 -7.03 19.15 -1.42
CA LEU C 31 -8.28 18.93 -0.74
C LEU C 31 -9.43 19.77 -1.29
N THR C 32 -9.13 21.00 -1.72
CA THR C 32 -10.15 21.83 -2.39
C THR C 32 -10.71 21.16 -3.65
N ALA C 33 -9.86 20.51 -4.43
CA ALA C 33 -10.24 19.78 -5.65
C ALA C 33 -10.86 18.41 -5.31
N ARG C 34 -10.73 18.01 -4.03
CA ARG C 34 -11.17 16.73 -3.51
C ARG C 34 -10.45 15.58 -4.22
N MET C 35 -9.16 15.77 -4.49
CA MET C 35 -8.28 14.70 -4.93
C MET C 35 -7.66 14.08 -3.68
N GLN C 36 -8.21 12.93 -3.30
CA GLN C 36 -7.84 12.18 -2.11
C GLN C 36 -6.41 11.66 -2.20
N PRO C 37 -5.60 11.78 -1.13
CA PRO C 37 -4.25 11.19 -1.17
C PRO C 37 -4.32 9.70 -1.50
N ILE C 38 -3.28 9.15 -2.11
CA ILE C 38 -3.23 7.74 -2.49
C ILE C 38 -1.81 7.22 -2.23
N SER C 39 -1.65 5.93 -1.95
CA SER C 39 -0.34 5.36 -1.62
C SER C 39 0.63 5.38 -2.81
N HIS C 40 0.11 5.01 -3.98
CA HIS C 40 0.95 4.90 -5.18
C HIS C 40 0.49 5.85 -6.26
N HIS C 41 1.26 6.92 -6.40
CA HIS C 41 1.19 7.83 -7.55
C HIS C 41 1.33 6.97 -8.82
N LEU C 42 0.75 7.43 -9.91
CA LEU C 42 0.85 6.65 -11.17
C LEU C 42 2.29 6.31 -11.53
N ALA C 43 3.21 7.23 -11.27
CA ALA C 43 4.68 7.06 -11.59
C ALA C 43 5.52 6.54 -10.43
N HIS C 44 4.87 5.96 -9.43
CA HIS C 44 5.56 5.41 -8.26
C HIS C 44 6.69 4.46 -8.70
N PRO C 45 7.85 4.51 -8.02
CA PRO C 45 8.98 3.69 -8.47
C PRO C 45 8.79 2.16 -8.35
N ASP C 46 7.76 1.66 -7.67
CA ASP C 46 7.55 0.21 -7.57
C ASP C 46 7.38 -0.46 -8.91
N THR C 47 6.83 0.26 -9.91
CA THR C 47 6.64 -0.37 -11.22
C THR C 47 7.99 -0.83 -11.78
N LYS C 48 8.97 0.06 -11.77
CA LYS C 48 10.31 -0.26 -12.28
C LYS C 48 11.04 -1.19 -11.34
N ARG C 49 10.81 -1.05 -10.04
CA ARG C 49 11.42 -2.00 -9.10
C ARG C 49 10.95 -3.45 -9.37
N ARG C 50 9.66 -3.62 -9.66
CA ARG C 50 9.12 -4.97 -9.95
C ARG C 50 9.77 -5.57 -11.21
N PHE C 51 10.10 -4.73 -12.18
CA PHE C 51 10.86 -5.17 -13.37
C PHE C 51 12.25 -5.68 -12.90
N HIS C 52 12.97 -4.85 -12.14
CA HIS C 52 14.25 -5.28 -11.60
C HIS C 52 14.13 -6.63 -10.85
N GLU C 53 13.14 -6.73 -9.97
CA GLU C 53 12.99 -7.92 -9.16
C GLU C 53 12.71 -9.15 -10.05
N LEU C 54 11.98 -8.96 -11.14
CA LEU C 54 11.71 -10.08 -12.07
C LEU C 54 12.96 -10.47 -12.85
N VAL C 55 13.75 -9.48 -13.24
CA VAL C 55 15.07 -9.78 -13.85
C VAL C 55 15.87 -10.73 -12.95
N CYS C 56 15.87 -10.47 -11.65
CA CYS C 56 16.57 -11.32 -10.70
C CYS C 56 15.88 -12.68 -10.48
N ALA C 57 14.59 -12.65 -10.16
CA ALA C 57 13.84 -13.87 -9.79
C ALA C 57 13.72 -14.86 -10.94
N SER C 58 13.70 -14.35 -12.18
CA SER C 58 13.65 -15.18 -13.39
C SER C 58 14.94 -15.88 -13.70
N GLY C 59 16.03 -15.48 -13.04
CA GLY C 59 17.33 -15.98 -13.38
C GLY C 59 18.06 -15.21 -14.47
N GLN C 60 17.44 -14.19 -15.06
CA GLN C 60 18.15 -13.44 -16.09
C GLN C 60 19.38 -12.77 -15.51
N ILE C 61 19.33 -12.35 -14.24
CA ILE C 61 20.50 -11.69 -13.64
C ILE C 61 21.80 -12.52 -13.72
N GLU C 62 21.70 -13.86 -13.68
CA GLU C 62 22.89 -14.72 -13.80
C GLU C 62 23.52 -14.68 -15.22
N HIS C 63 22.78 -14.17 -16.20
CA HIS C 63 23.27 -13.98 -17.57
C HIS C 63 23.68 -12.55 -17.90
N LEU C 64 23.67 -11.66 -16.91
CA LEU C 64 23.96 -10.25 -17.10
C LEU C 64 25.19 -9.88 -16.29
N THR C 65 25.86 -8.83 -16.73
CA THR C 65 27.00 -8.28 -16.03
C THR C 65 26.52 -7.04 -15.30
N PRO C 66 26.40 -7.10 -13.96
CA PRO C 66 25.98 -5.87 -13.28
C PRO C 66 27.00 -4.73 -13.40
N ILE C 67 26.50 -3.55 -13.73
CA ILE C 67 27.28 -2.34 -13.96
C ILE C 67 26.79 -1.29 -12.96
N ALA C 68 27.69 -0.82 -12.10
CA ALA C 68 27.36 0.21 -11.15
C ALA C 68 27.16 1.56 -11.87
N ALA C 69 26.07 2.24 -11.54
CA ALA C 69 25.90 3.63 -11.94
C ALA C 69 26.99 4.51 -11.28
N VAL C 70 27.48 5.47 -12.04
CA VAL C 70 28.41 6.48 -11.55
C VAL C 70 27.72 7.82 -11.77
N ALA C 71 27.61 8.64 -10.72
CA ALA C 71 26.91 9.92 -10.81
C ALA C 71 27.39 10.79 -11.98
N ALA C 72 26.45 11.27 -12.79
CA ALA C 72 26.78 12.19 -13.86
C ALA C 72 27.38 13.47 -13.27
N THR C 73 28.48 13.92 -13.85
CA THR C 73 29.12 15.15 -13.42
C THR C 73 28.42 16.35 -14.02
N ASP C 74 28.77 17.52 -13.51
CA ASP C 74 28.29 18.76 -14.13
C ASP C 74 28.66 18.80 -15.61
N ALA C 75 29.89 18.44 -15.95
CA ALA C 75 30.34 18.45 -17.35
C ALA C 75 29.45 17.50 -18.19
N ASP C 76 29.11 16.32 -17.65
CA ASP C 76 28.22 15.38 -18.36
C ASP C 76 26.85 16.00 -18.62
N ILE C 77 26.27 16.61 -17.60
CA ILE C 77 24.94 17.20 -17.72
C ILE C 77 24.91 18.37 -18.73
N LEU C 78 25.98 19.17 -18.75
CA LEU C 78 26.04 20.34 -19.63
C LEU C 78 26.19 20.01 -21.12
N ARG C 79 26.50 18.77 -21.46
CA ARG C 79 26.47 18.35 -22.88
C ARG C 79 25.05 18.23 -23.42
N ALA C 80 24.06 18.16 -22.53
CA ALA C 80 22.63 18.08 -22.94
C ALA C 80 21.77 19.25 -22.45
N HIS C 81 22.19 19.96 -21.40
CA HIS C 81 21.36 20.97 -20.76
C HIS C 81 22.12 22.26 -20.55
N SER C 82 21.36 23.32 -20.33
CA SER C 82 21.92 24.64 -20.08
C SER C 82 22.50 24.74 -18.66
N ALA C 83 23.43 25.68 -18.49
CA ALA C 83 23.98 25.97 -17.16
C ALA C 83 22.86 26.39 -16.22
N ALA C 84 21.89 27.17 -16.72
CA ALA C 84 20.76 27.61 -15.90
C ALA C 84 19.92 26.45 -15.38
N HIS C 85 19.68 25.45 -16.21
CA HIS C 85 18.92 24.29 -15.76
C HIS C 85 19.67 23.50 -14.70
N LEU C 86 20.96 23.24 -14.90
CA LEU C 86 21.78 22.54 -13.89
C LEU C 86 21.74 23.30 -12.56
N GLU C 87 21.99 24.61 -12.62
CA GLU C 87 21.96 25.41 -11.39
C GLU C 87 20.57 25.41 -10.71
N ASN C 88 19.51 25.43 -11.49
CA ASN C 88 18.15 25.39 -10.95
C ASN C 88 17.83 24.05 -10.27
N MET C 89 18.32 22.96 -10.85
CA MET C 89 18.14 21.65 -10.21
C MET C 89 18.96 21.59 -8.91
N LYS C 90 20.16 22.15 -8.90
CA LYS C 90 20.96 22.25 -7.66
C LYS C 90 20.20 23.08 -6.63
N ARG C 91 19.57 24.16 -7.08
CA ARG C 91 18.84 25.04 -6.17
C ARG C 91 17.66 24.30 -5.53
N VAL C 92 16.85 23.64 -6.36
CA VAL C 92 15.63 22.98 -5.84
C VAL C 92 16.02 21.82 -4.93
N SER C 93 17.02 21.04 -5.32
CA SER C 93 17.45 19.91 -4.50
C SER C 93 18.02 20.35 -3.14
N ASN C 94 18.62 21.53 -3.09
CA ASN C 94 19.16 22.08 -1.84
C ASN C 94 18.11 22.68 -0.91
N LEU C 95 16.88 22.89 -1.38
CA LEU C 95 15.83 23.44 -0.49
C LEU C 95 15.52 22.39 0.58
N PRO C 96 15.17 22.84 1.81
CA PRO C 96 15.07 21.92 2.95
C PRO C 96 14.13 20.73 2.75
N THR C 97 13.05 20.92 2.00
CA THR C 97 12.14 19.85 1.64
C THR C 97 11.96 19.76 0.11
N GLY C 98 12.98 20.16 -0.63
CA GLY C 98 12.94 20.14 -2.09
C GLY C 98 11.88 21.08 -2.66
N GLY C 99 11.34 20.70 -3.81
CA GLY C 99 10.24 21.45 -4.39
C GLY C 99 9.95 21.18 -5.85
N ASP C 100 9.15 22.10 -6.40
CA ASP C 100 8.65 22.09 -7.79
C ASP C 100 9.78 22.51 -8.71
N THR C 101 10.05 21.72 -9.77
CA THR C 101 11.13 22.03 -10.70
C THR C 101 10.74 23.08 -11.73
N GLY C 102 9.46 23.43 -11.78
CA GLY C 102 8.98 24.56 -12.58
C GLY C 102 7.60 24.38 -13.18
N ASP C 103 7.24 23.12 -13.51
CA ASP C 103 6.01 22.82 -14.26
C ASP C 103 4.80 22.49 -13.39
N GLY C 104 4.93 22.67 -12.07
CA GLY C 104 3.88 22.30 -11.14
C GLY C 104 3.71 20.83 -10.79
N ILE C 105 4.31 19.91 -11.56
N ILE C 105 4.35 19.93 -11.53
CA ILE C 105 4.14 18.47 -11.33
CA ILE C 105 4.18 18.49 -11.33
C ILE C 105 5.44 17.64 -11.18
C ILE C 105 5.45 17.68 -11.12
N THR C 106 6.56 18.12 -11.72
CA THR C 106 7.83 17.40 -11.58
C THR C 106 8.52 17.91 -10.32
N MET C 107 8.66 17.01 -9.35
CA MET C 107 9.16 17.33 -8.03
C MET C 107 10.53 16.70 -7.80
N MET C 108 11.35 17.34 -6.98
CA MET C 108 12.52 16.70 -6.43
C MET C 108 12.52 16.91 -4.93
N GLY C 109 12.84 15.84 -4.20
CA GLY C 109 13.04 15.92 -2.77
C GLY C 109 14.34 16.62 -2.46
N ASN C 110 14.54 16.91 -1.18
CA ASN C 110 15.83 17.42 -0.75
C ASN C 110 16.87 16.37 -1.08
N GLY C 111 17.97 16.75 -1.72
CA GLY C 111 18.98 15.77 -2.16
C GLY C 111 18.57 14.88 -3.32
N GLY C 112 17.41 15.13 -3.92
CA GLY C 112 16.93 14.34 -5.07
C GLY C 112 17.80 14.46 -6.32
N LEU C 113 18.62 15.51 -6.37
CA LEU C 113 19.61 15.62 -7.44
C LEU C 113 20.54 14.40 -7.47
N GLU C 114 20.83 13.83 -6.30
CA GLU C 114 21.63 12.59 -6.23
C GLU C 114 21.06 11.47 -7.12
N ILE C 115 19.75 11.28 -7.09
CA ILE C 115 19.12 10.21 -7.89
C ILE C 115 19.14 10.61 -9.37
N ALA C 116 18.87 11.88 -9.66
CA ALA C 116 18.87 12.33 -11.05
C ALA C 116 20.27 12.17 -11.67
N ARG C 117 21.32 12.46 -10.91
CA ARG C 117 22.69 12.22 -11.39
C ARG C 117 22.98 10.73 -11.62
N LEU C 118 22.48 9.88 -10.72
CA LEU C 118 22.71 8.44 -10.87
C LEU C 118 21.93 7.85 -12.04
N SER C 119 20.76 8.42 -12.32
CA SER C 119 19.96 7.97 -13.43
C SER C 119 20.68 8.27 -14.75
N ALA C 120 21.05 9.53 -14.94
CA ALA C 120 21.79 9.92 -16.15
C ALA C 120 23.14 9.20 -16.21
N GLY C 121 23.79 9.10 -15.07
CA GLY C 121 25.09 8.44 -14.96
C GLY C 121 25.06 6.94 -15.20
N GLY C 122 23.93 6.29 -14.91
CA GLY C 122 23.74 4.90 -15.28
C GLY C 122 23.78 4.71 -16.79
N ALA C 123 23.10 5.60 -17.51
CA ALA C 123 23.12 5.58 -18.97
C ALA C 123 24.54 5.84 -19.50
N VAL C 124 25.26 6.80 -18.92
CA VAL C 124 26.63 7.13 -19.36
C VAL C 124 27.58 5.96 -19.15
N GLU C 125 27.54 5.38 -17.95
CA GLU C 125 28.48 4.32 -17.62
C GLU C 125 28.26 3.10 -18.50
N LEU C 126 27.00 2.75 -18.74
CA LEU C 126 26.70 1.62 -19.61
C LEU C 126 27.18 1.92 -21.04
N THR C 127 26.94 3.14 -21.52
CA THR C 127 27.39 3.58 -22.85
C THR C 127 28.90 3.46 -22.99
N ARG C 128 29.65 3.93 -21.99
CA ARG C 128 31.13 3.83 -22.00
C ARG C 128 31.58 2.38 -22.17
N ARG C 129 31.00 1.49 -21.36
CA ARG C 129 31.47 0.11 -21.29
C ARG C 129 31.06 -0.73 -22.50
N VAL C 130 29.96 -0.34 -23.15
CA VAL C 130 29.62 -0.89 -24.47
C VAL C 130 30.58 -0.33 -25.54
N ALA C 131 30.84 0.97 -25.55
CA ALA C 131 31.71 1.58 -26.59
C ALA C 131 33.15 1.04 -26.60
N THR C 132 33.67 0.71 -25.42
CA THR C 132 35.05 0.18 -25.32
C THR C 132 35.15 -1.29 -25.73
N GLY C 133 34.00 -1.95 -25.85
CA GLY C 133 33.95 -3.33 -26.21
C GLY C 133 33.99 -4.31 -25.05
N GLU C 134 34.02 -3.80 -23.82
CA GLU C 134 33.91 -4.64 -22.64
C GLU C 134 32.58 -5.38 -22.66
N LEU C 135 31.53 -4.66 -23.05
CA LEU C 135 30.19 -5.21 -23.18
C LEU C 135 29.75 -5.09 -24.62
N SER C 136 28.91 -6.02 -25.05
CA SER C 136 28.34 -5.94 -26.40
C SER C 136 27.12 -5.05 -26.46
N ALA C 137 26.36 -4.98 -25.37
CA ALA C 137 25.11 -4.22 -25.31
C ALA C 137 24.69 -4.15 -23.84
N GLY C 138 23.57 -3.48 -23.55
CA GLY C 138 23.07 -3.50 -22.19
C GLY C 138 21.74 -2.80 -21.98
N TYR C 139 21.24 -2.91 -20.75
CA TYR C 139 19.97 -2.29 -20.34
C TYR C 139 20.24 -1.52 -19.06
N ALA C 140 19.99 -0.21 -19.10
CA ALA C 140 20.06 0.64 -17.90
C ALA C 140 18.65 0.90 -17.40
N LEU C 141 18.30 0.24 -16.29
CA LEU C 141 16.95 0.32 -15.73
C LEU C 141 16.90 1.51 -14.75
N VAL C 142 16.93 2.69 -15.32
CA VAL C 142 17.08 3.95 -14.56
C VAL C 142 15.73 4.54 -14.15
N ASN C 143 15.79 5.44 -13.15
CA ASN C 143 14.63 6.24 -12.72
C ASN C 143 15.22 7.37 -11.89
N PRO C 144 14.83 8.64 -12.07
CA PRO C 144 13.76 9.13 -12.93
C PRO C 144 14.06 9.05 -14.44
N PRO C 145 13.00 9.12 -15.26
CA PRO C 145 13.12 9.04 -16.71
C PRO C 145 13.64 10.34 -17.29
N GLY C 146 13.81 10.40 -18.62
CA GLY C 146 14.53 11.50 -19.24
C GLY C 146 13.92 12.25 -20.41
N HIS C 147 13.12 11.59 -21.23
CA HIS C 147 12.92 12.09 -22.60
C HIS C 147 12.09 13.38 -22.75
N HIS C 148 11.35 13.77 -21.73
CA HIS C 148 10.60 15.04 -21.79
C HIS C 148 11.43 16.28 -21.43
N ALA C 149 12.59 16.09 -20.80
CA ALA C 149 13.39 17.23 -20.35
C ALA C 149 14.13 17.85 -21.57
N PRO C 150 13.80 19.12 -21.92
CA PRO C 150 14.49 19.78 -23.00
C PRO C 150 15.77 20.43 -22.49
N HIS C 151 16.43 21.22 -23.33
CA HIS C 151 17.72 21.78 -22.98
C HIS C 151 17.67 22.58 -21.66
N ASN C 152 16.62 23.37 -21.48
CA ASN C 152 16.55 24.38 -20.42
C ASN C 152 15.47 24.15 -19.36
N ALA C 153 15.02 22.89 -19.17
CA ALA C 153 13.96 22.62 -18.19
C ALA C 153 13.84 21.16 -17.79
N ALA C 154 13.17 20.94 -16.65
CA ALA C 154 12.62 19.64 -16.27
C ALA C 154 11.19 19.62 -16.75
N MET C 155 10.66 18.43 -17.06
CA MET C 155 9.27 18.30 -17.56
C MET C 155 8.79 16.86 -17.49
N GLY C 156 7.50 16.63 -17.24
CA GLY C 156 6.93 15.30 -17.38
C GLY C 156 7.64 14.21 -16.59
N PHE C 157 7.96 14.56 -15.33
N PHE C 157 7.94 14.50 -15.32
CA PHE C 157 8.68 13.74 -14.37
CA PHE C 157 8.66 13.58 -14.42
C PHE C 157 10.14 13.42 -14.74
C PHE C 157 10.17 13.47 -14.69
N CYS C 158 10.67 14.15 -15.73
CA CYS C 158 12.07 14.04 -16.14
C CYS C 158 12.86 15.26 -15.67
N ILE C 159 13.95 14.99 -14.94
CA ILE C 159 14.86 16.03 -14.41
C ILE C 159 15.97 16.34 -15.44
N PHE C 160 16.67 15.29 -15.88
CA PHE C 160 17.67 15.39 -16.95
C PHE C 160 17.34 14.34 -18.01
N ASN C 161 17.67 14.69 -19.25
CA ASN C 161 17.47 13.84 -20.40
C ASN C 161 18.58 12.81 -20.48
N ASN C 162 18.34 11.67 -19.83
CA ASN C 162 19.32 10.60 -19.66
C ASN C 162 19.94 10.14 -20.98
N THR C 163 19.09 9.87 -21.96
CA THR C 163 19.63 9.43 -23.25
C THR C 163 20.44 10.51 -23.99
N SER C 164 20.06 11.80 -23.84
CA SER C 164 20.85 12.90 -24.43
C SER C 164 22.18 13.14 -23.69
N VAL C 165 22.20 12.95 -22.37
CA VAL C 165 23.46 13.00 -21.62
C VAL C 165 24.39 11.88 -22.13
N ALA C 166 23.82 10.68 -22.34
CA ALA C 166 24.62 9.58 -22.88
C ALA C 166 25.10 9.88 -24.31
N ALA C 167 24.22 10.42 -25.14
CA ALA C 167 24.57 10.71 -26.53
C ALA C 167 25.68 11.77 -26.59
N GLY C 168 25.56 12.80 -25.78
CA GLY C 168 26.55 13.87 -25.69
C GLY C 168 27.90 13.36 -25.25
N TYR C 169 27.89 12.42 -24.30
CA TYR C 169 29.10 11.77 -23.84
C TYR C 169 29.74 10.95 -24.97
N ALA C 170 28.92 10.19 -25.68
CA ALA C 170 29.39 9.39 -26.80
C ALA C 170 30.02 10.27 -27.89
N ARG C 171 29.38 11.42 -28.17
CA ARG C 171 29.93 12.37 -29.15
C ARG C 171 31.25 13.00 -28.72
N ALA C 172 31.31 13.52 -27.50
CA ALA C 172 32.46 14.34 -27.07
C ALA C 172 33.62 13.55 -26.47
N VAL C 173 33.34 12.44 -25.82
CA VAL C 173 34.37 11.65 -25.10
C VAL C 173 34.69 10.34 -25.82
N LEU C 174 33.68 9.70 -26.41
CA LEU C 174 33.89 8.39 -27.03
C LEU C 174 34.18 8.48 -28.53
N GLY C 175 34.27 9.69 -29.06
CA GLY C 175 34.68 9.92 -30.44
C GLY C 175 33.68 9.61 -31.53
N MET C 176 32.42 9.40 -31.17
CA MET C 176 31.45 9.01 -32.19
C MET C 176 30.97 10.21 -32.97
N GLU C 177 30.95 10.09 -34.30
CA GLU C 177 30.53 11.17 -35.15
C GLU C 177 29.03 11.17 -35.34
N ARG C 178 28.39 10.01 -35.20
CA ARG C 178 26.93 9.87 -35.33
C ARG C 178 26.38 8.96 -34.24
N VAL C 179 25.26 9.38 -33.64
CA VAL C 179 24.55 8.59 -32.64
C VAL C 179 23.08 8.68 -32.98
N ALA C 180 22.32 7.61 -32.73
CA ALA C 180 20.87 7.66 -32.88
C ALA C 180 20.19 7.35 -31.55
N ILE C 181 19.13 8.10 -31.25
CA ILE C 181 18.25 7.84 -30.09
C ILE C 181 16.88 7.45 -30.64
N LEU C 182 16.50 6.19 -30.41
CA LEU C 182 15.20 5.67 -30.81
C LEU C 182 14.34 5.59 -29.54
N ASP C 183 13.29 6.38 -29.49
CA ASP C 183 12.42 6.49 -28.33
C ASP C 183 11.08 5.82 -28.66
N TRP C 184 10.81 4.68 -28.04
CA TRP C 184 9.49 4.04 -28.19
C TRP C 184 8.63 4.10 -26.92
N ASP C 185 8.99 4.95 -25.95
CA ASP C 185 8.01 5.34 -24.93
C ASP C 185 6.79 5.88 -25.70
N VAL C 186 5.60 5.64 -25.19
CA VAL C 186 4.36 6.00 -25.88
C VAL C 186 4.11 7.52 -25.98
N HIS C 187 4.81 8.29 -25.15
CA HIS C 187 4.70 9.75 -25.16
C HIS C 187 5.81 10.37 -26.02
N HIS C 188 5.51 11.48 -26.67
CA HIS C 188 6.49 12.15 -27.53
C HIS C 188 7.74 12.55 -26.77
N GLY C 189 8.92 12.22 -27.30
CA GLY C 189 10.22 12.62 -26.72
C GLY C 189 10.56 14.06 -27.08
N ASN C 190 9.76 14.99 -26.59
CA ASN C 190 9.94 16.42 -26.93
C ASN C 190 11.27 16.98 -26.43
N GLY C 191 11.75 16.46 -25.30
CA GLY C 191 12.96 16.97 -24.71
C GLY C 191 14.17 16.64 -25.58
N THR C 192 14.22 15.38 -26.01
CA THR C 192 15.29 14.90 -26.86
C THR C 192 15.27 15.63 -28.20
N GLN C 193 14.08 15.78 -28.76
CA GLN C 193 13.86 16.56 -29.98
C GLN C 193 14.43 17.97 -29.86
N ASP C 194 14.15 18.63 -28.75
CA ASP C 194 14.63 19.99 -28.52
C ASP C 194 16.15 20.08 -28.44
N ILE C 195 16.74 19.18 -27.68
CA ILE C 195 18.17 19.24 -27.40
C ILE C 195 18.99 19.15 -28.68
N TRP C 196 18.62 18.22 -29.56
CA TRP C 196 19.38 17.98 -30.77
C TRP C 196 18.78 18.61 -32.04
N TRP C 197 17.79 19.49 -31.87
CA TRP C 197 17.01 20.09 -32.97
C TRP C 197 17.84 20.63 -34.13
N ASN C 198 18.95 21.29 -33.81
CA ASN C 198 19.84 21.90 -34.82
C ASN C 198 21.04 21.04 -35.21
N ASP C 199 21.07 19.77 -34.75
CA ASP C 199 22.26 18.96 -34.76
C ASP C 199 22.02 17.66 -35.55
N PRO C 200 22.67 17.53 -36.73
CA PRO C 200 22.54 16.30 -37.50
C PRO C 200 23.36 15.11 -36.98
N SER C 201 24.20 15.31 -35.98
CA SER C 201 25.07 14.27 -35.46
C SER C 201 24.40 13.37 -34.42
N VAL C 202 23.15 13.70 -34.02
CA VAL C 202 22.32 12.82 -33.20
C VAL C 202 20.97 12.77 -33.88
N LEU C 203 20.69 11.64 -34.53
CA LEU C 203 19.39 11.37 -35.13
C LEU C 203 18.43 11.02 -34.02
N THR C 204 17.30 11.73 -33.95
CA THR C 204 16.34 11.54 -32.86
C THR C 204 15.05 11.06 -33.48
N ILE C 205 14.59 9.90 -33.04
CA ILE C 205 13.35 9.28 -33.55
C ILE C 205 12.39 9.06 -32.39
N SER C 206 11.11 9.40 -32.57
CA SER C 206 10.11 9.17 -31.53
C SER C 206 8.88 8.49 -32.11
N LEU C 207 8.59 7.26 -31.67
CA LEU C 207 7.31 6.59 -31.97
C LEU C 207 6.40 6.86 -30.81
N HIS C 208 5.18 7.32 -31.04
CA HIS C 208 4.34 7.72 -29.90
C HIS C 208 2.89 7.78 -30.28
N GLN C 209 2.04 7.75 -29.27
CA GLN C 209 0.62 8.02 -29.45
C GLN C 209 0.45 9.49 -29.72
N HIS C 210 -0.16 9.81 -30.86
CA HIS C 210 -0.38 11.20 -31.26
C HIS C 210 -1.07 12.04 -30.19
N LEU C 211 -0.41 13.12 -29.78
CA LEU C 211 -0.94 14.10 -28.79
C LEU C 211 -1.30 13.53 -27.42
N CYS C 212 -0.63 12.46 -27.02
CA CYS C 212 -0.89 11.86 -25.71
C CYS C 212 -0.23 12.73 -24.64
N PHE C 213 1.08 12.94 -24.74
CA PHE C 213 1.77 13.99 -23.92
C PHE C 213 3.12 14.26 -24.55
N PRO C 214 3.52 15.52 -24.75
CA PRO C 214 2.76 16.73 -24.47
C PRO C 214 1.60 16.95 -25.43
N PRO C 215 0.68 17.88 -25.11
CA PRO C 215 -0.50 18.06 -25.97
C PRO C 215 -0.31 18.77 -27.31
N ASP C 216 0.83 19.36 -27.56
CA ASP C 216 0.99 20.23 -28.74
C ASP C 216 2.25 19.90 -29.54
N SER C 217 2.74 18.66 -29.46
CA SER C 217 3.96 18.32 -30.15
C SER C 217 3.96 16.88 -30.64
N GLY C 218 4.97 16.56 -31.43
CA GLY C 218 5.15 15.25 -32.00
C GLY C 218 4.61 15.08 -33.41
N TYR C 219 4.23 16.18 -34.05
CA TYR C 219 3.82 16.15 -35.45
C TYR C 219 5.02 15.80 -36.31
N SER C 220 4.75 15.11 -37.42
CA SER C 220 5.82 14.70 -38.33
C SER C 220 6.44 15.86 -39.12
N THR C 221 5.79 17.02 -39.09
CA THR C 221 6.37 18.25 -39.63
C THR C 221 7.52 18.82 -38.78
N GLU C 222 7.72 18.31 -37.56
CA GLU C 222 8.81 18.75 -36.69
C GLU C 222 10.07 17.96 -37.09
N ARG C 223 10.91 18.55 -37.95
CA ARG C 223 12.02 17.81 -38.59
C ARG C 223 13.43 18.34 -38.26
N GLY C 224 13.52 19.29 -37.34
CA GLY C 224 14.80 19.89 -37.00
C GLY C 224 14.98 21.18 -37.77
N ALA C 225 16.12 21.84 -37.59
CA ALA C 225 16.41 23.10 -38.27
C ALA C 225 17.88 23.23 -38.61
N GLY C 226 18.16 24.07 -39.60
CA GLY C 226 19.54 24.33 -39.98
C GLY C 226 20.20 23.07 -40.48
N ASN C 227 21.44 22.82 -40.04
CA ASN C 227 22.14 21.60 -40.38
C ASN C 227 21.41 20.35 -39.88
N GLY C 228 20.62 20.50 -38.81
CA GLY C 228 19.79 19.42 -38.28
C GLY C 228 18.50 19.14 -39.03
N HIS C 229 18.18 19.90 -40.08
CA HIS C 229 16.92 19.66 -40.78
C HIS C 229 16.96 18.29 -41.47
N GLY C 230 16.00 17.43 -41.14
CA GLY C 230 15.94 16.05 -41.62
C GLY C 230 16.44 15.02 -40.63
N TYR C 231 16.91 15.47 -39.47
CA TYR C 231 17.54 14.56 -38.49
C TYR C 231 16.75 14.45 -37.18
N ASN C 232 15.47 14.78 -37.24
CA ASN C 232 14.47 14.47 -36.19
C ASN C 232 13.28 13.86 -36.92
N ILE C 233 12.82 12.68 -36.49
CA ILE C 233 11.72 11.99 -37.12
C ILE C 233 10.69 11.58 -36.05
N ASN C 234 9.50 12.16 -36.16
CA ASN C 234 8.35 11.78 -35.34
C ASN C 234 7.44 10.85 -36.09
N VAL C 235 6.97 9.81 -35.38
CA VAL C 235 6.05 8.84 -35.96
C VAL C 235 4.83 8.76 -35.00
N PRO C 236 3.92 9.76 -35.11
CA PRO C 236 2.70 9.74 -34.28
C PRO C 236 1.71 8.69 -34.80
N LEU C 237 1.20 7.86 -33.90
CA LEU C 237 0.28 6.77 -34.20
C LEU C 237 -1.05 6.98 -33.48
N PRO C 238 -2.13 6.44 -34.04
CA PRO C 238 -3.43 6.65 -33.41
C PRO C 238 -3.66 5.79 -32.16
N PRO C 239 -4.44 6.28 -31.21
CA PRO C 239 -4.88 5.43 -30.09
C PRO C 239 -5.43 4.09 -30.57
N GLY C 240 -5.14 3.03 -29.80
CA GLY C 240 -5.54 1.68 -30.13
C GLY C 240 -4.55 0.90 -31.00
N SER C 241 -3.46 1.55 -31.42
CA SER C 241 -2.39 0.87 -32.21
C SER C 241 -1.73 -0.22 -31.37
N GLY C 242 -1.54 -1.38 -31.97
CA GLY C 242 -0.98 -2.54 -31.30
C GLY C 242 0.26 -3.08 -31.99
N ASN C 243 0.47 -4.39 -31.79
CA ASN C 243 1.68 -5.03 -32.25
C ASN C 243 1.86 -4.85 -33.76
N ALA C 244 0.76 -4.94 -34.51
CA ALA C 244 0.87 -4.82 -35.96
C ALA C 244 1.37 -3.45 -36.41
N ALA C 245 0.78 -2.39 -35.85
CA ALA C 245 1.16 -1.02 -36.17
C ALA C 245 2.61 -0.75 -35.73
N TYR C 246 2.95 -1.16 -34.52
CA TYR C 246 4.30 -0.93 -34.02
C TYR C 246 5.34 -1.65 -34.88
N LEU C 247 5.09 -2.90 -35.20
CA LEU C 247 6.07 -3.67 -36.01
C LEU C 247 6.17 -3.17 -37.45
N HIS C 248 5.05 -2.75 -38.03
CA HIS C 248 5.05 -2.11 -39.34
C HIS C 248 5.83 -0.78 -39.32
N ALA C 249 5.68 0.01 -38.25
CA ALA C 249 6.43 1.23 -38.10
C ALA C 249 7.94 0.94 -37.98
N MET C 250 8.29 -0.12 -37.27
CA MET C 250 9.68 -0.54 -37.22
C MET C 250 10.21 -0.91 -38.61
N ASP C 251 9.48 -1.75 -39.33
CA ASP C 251 9.93 -2.26 -40.63
C ASP C 251 9.93 -1.19 -41.71
N GLN C 252 8.93 -0.32 -41.71
CA GLN C 252 8.79 0.68 -42.78
C GLN C 252 9.52 1.98 -42.57
N VAL C 253 9.72 2.38 -41.32
CA VAL C 253 10.25 3.71 -41.01
C VAL C 253 11.47 3.67 -40.10
N VAL C 254 11.37 3.04 -38.92
CA VAL C 254 12.43 3.17 -37.92
C VAL C 254 13.73 2.48 -38.35
N LEU C 255 13.63 1.20 -38.72
CA LEU C 255 14.84 0.48 -39.10
C LEU C 255 15.44 1.09 -40.39
N PRO C 256 14.61 1.44 -41.38
CA PRO C 256 15.17 2.12 -42.56
C PRO C 256 15.89 3.43 -42.23
N ALA C 257 15.34 4.20 -41.30
CA ALA C 257 16.01 5.45 -40.89
C ALA C 257 17.36 5.19 -40.27
N LEU C 258 17.42 4.24 -39.35
CA LEU C 258 18.70 3.87 -38.71
C LEU C 258 19.72 3.40 -39.73
N ARG C 259 19.30 2.52 -40.62
CA ARG C 259 20.21 1.99 -41.65
C ARG C 259 20.74 3.09 -42.60
N ALA C 260 19.88 4.02 -42.97
CA ALA C 260 20.26 5.14 -43.83
C ALA C 260 21.21 6.10 -43.12
N TYR C 261 21.09 6.21 -41.79
CA TYR C 261 21.89 7.14 -41.00
C TYR C 261 23.28 6.62 -40.61
N ARG C 262 23.42 5.29 -40.45
CA ARG C 262 24.69 4.67 -40.05
C ARG C 262 25.24 5.28 -38.74
N PRO C 263 24.40 5.28 -37.68
CA PRO C 263 24.95 5.68 -36.37
C PRO C 263 26.07 4.73 -35.94
N GLN C 264 26.97 5.22 -35.09
CA GLN C 264 28.00 4.37 -34.48
C GLN C 264 27.55 3.75 -33.16
N LEU C 265 26.39 4.20 -32.67
CA LEU C 265 25.77 3.69 -31.44
C LEU C 265 24.28 3.96 -31.55
N ILE C 266 23.46 3.00 -31.13
CA ILE C 266 22.02 3.17 -31.00
C ILE C 266 21.68 3.19 -29.52
N ILE C 267 21.04 4.25 -29.08
CA ILE C 267 20.48 4.36 -27.72
C ILE C 267 18.97 4.24 -27.87
N VAL C 268 18.36 3.30 -27.15
CA VAL C 268 16.91 3.14 -27.18
C VAL C 268 16.32 3.76 -25.88
N GLY C 269 15.38 4.70 -26.05
CA GLY C 269 14.54 5.20 -24.96
C GLY C 269 13.42 4.20 -24.79
N SER C 270 13.64 3.25 -23.88
CA SER C 270 12.80 2.06 -23.75
C SER C 270 11.76 2.28 -22.69
N GLY C 271 10.62 2.82 -23.10
CA GLY C 271 9.43 2.82 -22.26
C GLY C 271 8.52 1.65 -22.58
N PHE C 272 7.65 1.28 -21.64
CA PHE C 272 6.67 0.21 -21.85
C PHE C 272 5.26 0.70 -21.63
N ASP C 273 5.07 2.03 -21.71
CA ASP C 273 3.73 2.59 -21.56
C ASP C 273 2.84 2.46 -22.80
N ALA C 274 3.37 1.89 -23.89
CA ALA C 274 2.55 1.46 -24.98
C ALA C 274 1.86 0.09 -24.71
N SER C 275 2.08 -0.52 -23.54
CA SER C 275 1.51 -1.83 -23.28
C SER C 275 0.00 -1.80 -23.20
N MET C 276 -0.56 -2.96 -23.47
CA MET C 276 -1.99 -3.20 -23.45
C MET C 276 -2.68 -2.83 -22.14
N LEU C 277 -1.95 -2.89 -21.01
CA LEU C 277 -2.54 -2.62 -19.69
C LEU C 277 -2.09 -1.30 -19.07
N ASP C 278 -1.52 -0.39 -19.85
CA ASP C 278 -1.03 0.85 -19.30
C ASP C 278 -2.15 1.87 -19.08
N PRO C 279 -2.20 2.48 -17.87
CA PRO C 279 -3.21 3.51 -17.66
C PRO C 279 -2.94 4.84 -18.40
N LEU C 280 -1.70 5.14 -18.75
CA LEU C 280 -1.34 6.48 -19.24
C LEU C 280 -1.20 6.59 -20.77
N ALA C 281 -1.67 5.57 -21.47
CA ALA C 281 -1.87 5.65 -22.91
C ALA C 281 -2.89 4.56 -23.31
N ARG C 282 -3.25 4.56 -24.59
CA ARG C 282 -4.35 3.76 -25.15
C ARG C 282 -3.82 2.77 -26.20
N MET C 283 -2.56 2.33 -26.08
CA MET C 283 -1.99 1.42 -27.07
C MET C 283 -2.08 -0.04 -26.63
N MET C 284 -1.84 -0.96 -27.57
CA MET C 284 -2.15 -2.37 -27.39
C MET C 284 -0.95 -3.31 -27.55
N VAL C 285 0.25 -2.83 -27.26
CA VAL C 285 1.45 -3.64 -27.44
C VAL C 285 1.54 -4.65 -26.31
N THR C 286 1.87 -5.89 -26.64
CA THR C 286 2.07 -6.93 -25.65
C THR C 286 3.54 -7.23 -25.46
N ALA C 287 3.87 -8.05 -24.46
CA ALA C 287 5.26 -8.38 -24.23
C ALA C 287 5.89 -8.98 -25.49
N ASP C 288 5.15 -9.80 -26.24
CA ASP C 288 5.67 -10.33 -27.50
C ASP C 288 5.95 -9.25 -28.55
N GLY C 289 5.16 -8.19 -28.57
CA GLY C 289 5.43 -7.04 -29.44
C GLY C 289 6.73 -6.35 -29.08
N PHE C 290 6.92 -6.09 -27.77
CA PHE C 290 8.19 -5.49 -27.32
C PHE C 290 9.38 -6.41 -27.60
N ARG C 291 9.16 -7.72 -27.46
CA ARG C 291 10.19 -8.71 -27.75
C ARG C 291 10.65 -8.56 -29.20
N GLN C 292 9.69 -8.48 -30.12
CA GLN C 292 10.00 -8.37 -31.55
C GLN C 292 10.63 -7.03 -31.89
N MET C 293 10.16 -5.94 -31.26
CA MET C 293 10.78 -4.61 -31.44
C MET C 293 12.25 -4.68 -30.99
N ALA C 294 12.52 -5.34 -29.86
CA ALA C 294 13.88 -5.42 -29.34
C ALA C 294 14.76 -6.28 -30.23
N ARG C 295 14.24 -7.43 -30.65
CA ARG C 295 14.98 -8.36 -31.49
C ARG C 295 15.40 -7.65 -32.80
N ARG C 296 14.45 -6.99 -33.42
CA ARG C 296 14.73 -6.23 -34.66
C ARG C 296 15.78 -5.16 -34.46
N THR C 297 15.71 -4.41 -33.35
CA THR C 297 16.64 -3.28 -33.16
C THR C 297 18.04 -3.77 -32.81
N ILE C 298 18.13 -4.84 -32.02
CA ILE C 298 19.42 -5.43 -31.68
C ILE C 298 20.09 -5.97 -32.95
N ASP C 299 19.31 -6.64 -33.78
CA ASP C 299 19.82 -7.22 -35.04
C ASP C 299 20.26 -6.10 -35.99
N CYS C 300 19.51 -5.00 -36.02
CA CYS C 300 19.91 -3.83 -36.81
C CYS C 300 21.25 -3.28 -36.32
N ALA C 301 21.41 -3.17 -35.00
CA ALA C 301 22.68 -2.73 -34.44
C ALA C 301 23.85 -3.65 -34.82
N ALA C 302 23.60 -4.96 -34.84
CA ALA C 302 24.62 -5.95 -35.24
C ALA C 302 25.08 -5.66 -36.66
N ASP C 303 24.13 -5.28 -37.50
CA ASP C 303 24.43 -5.01 -38.91
C ASP C 303 25.22 -3.71 -39.10
N ILE C 304 24.84 -2.65 -38.39
CA ILE C 304 25.29 -1.28 -38.75
C ILE C 304 26.27 -0.58 -37.81
N CYS C 305 26.39 -1.07 -36.58
CA CYS C 305 27.29 -0.45 -35.61
C CYS C 305 27.91 -1.44 -34.65
N ASP C 306 28.34 -2.59 -35.18
CA ASP C 306 29.08 -3.59 -34.42
C ASP C 306 28.33 -4.05 -33.16
N GLY C 307 27.00 -4.05 -33.24
CA GLY C 307 26.13 -4.45 -32.13
C GLY C 307 26.02 -3.46 -30.99
N ARG C 308 26.53 -2.24 -31.16
CA ARG C 308 26.55 -1.29 -30.02
C ARG C 308 25.16 -0.70 -29.80
N ILE C 309 24.45 -1.25 -28.82
CA ILE C 309 23.09 -0.82 -28.51
C ILE C 309 22.92 -0.74 -26.98
N VAL C 310 22.38 0.40 -26.53
CA VAL C 310 22.17 0.66 -25.11
C VAL C 310 20.71 1.02 -24.92
N PHE C 311 20.00 0.19 -24.17
CA PHE C 311 18.60 0.46 -23.78
C PHE C 311 18.61 1.26 -22.47
N VAL C 312 17.80 2.29 -22.41
CA VAL C 312 17.69 3.16 -21.22
C VAL C 312 16.20 3.31 -20.87
N GLN C 313 15.83 2.97 -19.65
CA GLN C 313 14.41 2.96 -19.27
C GLN C 313 13.78 4.36 -19.36
N GLU C 314 12.60 4.44 -19.96
CA GLU C 314 11.77 5.66 -19.94
C GLU C 314 10.52 5.30 -19.11
N GLY C 315 9.32 5.55 -19.61
CA GLY C 315 8.12 5.33 -18.84
C GLY C 315 7.55 3.92 -18.87
N GLY C 316 6.30 3.83 -18.44
CA GLY C 316 5.60 2.57 -18.22
C GLY C 316 5.03 2.55 -16.81
N TYR C 317 3.75 2.22 -16.70
CA TYR C 317 2.98 2.46 -15.45
C TYR C 317 2.10 1.29 -15.01
N SER C 318 2.21 0.11 -15.63
CA SER C 318 1.51 -1.07 -15.12
C SER C 318 2.45 -1.87 -14.22
N PRO C 319 2.26 -1.79 -12.89
CA PRO C 319 3.12 -2.64 -12.04
C PRO C 319 2.90 -4.14 -12.26
N HIS C 320 1.72 -4.49 -12.76
CA HIS C 320 1.34 -5.87 -13.04
C HIS C 320 2.08 -6.40 -14.27
N TYR C 321 2.05 -5.62 -15.34
CA TYR C 321 2.47 -6.13 -16.66
C TYR C 321 3.80 -5.62 -17.17
N LEU C 322 4.18 -4.38 -16.80
CA LEU C 322 5.47 -3.87 -17.24
C LEU C 322 6.63 -4.82 -16.98
N PRO C 323 6.66 -5.49 -15.82
CA PRO C 323 7.81 -6.40 -15.60
C PRO C 323 7.99 -7.45 -16.71
N PHE C 324 6.89 -7.98 -17.25
CA PHE C 324 6.99 -9.00 -18.33
C PHE C 324 7.36 -8.40 -19.67
N CYS C 325 6.96 -7.16 -19.92
CA CYS C 325 7.39 -6.46 -21.14
C CYS C 325 8.89 -6.19 -21.10
N GLY C 326 9.37 -5.68 -19.97
CA GLY C 326 10.82 -5.49 -19.80
C GLY C 326 11.61 -6.77 -19.86
N LEU C 327 11.07 -7.84 -19.24
CA LEU C 327 11.78 -9.11 -19.22
C LEU C 327 11.98 -9.63 -20.64
N ALA C 328 10.96 -9.47 -21.47
CA ALA C 328 11.08 -9.88 -22.87
C ALA C 328 12.25 -9.19 -23.57
N VAL C 329 12.44 -7.90 -23.34
CA VAL C 329 13.59 -7.17 -23.89
C VAL C 329 14.92 -7.73 -23.37
N ILE C 330 14.99 -7.96 -22.05
CA ILE C 330 16.18 -8.55 -21.42
C ILE C 330 16.50 -9.92 -22.04
N GLU C 331 15.48 -10.75 -22.25
CA GLU C 331 15.68 -12.05 -22.85
C GLU C 331 16.22 -11.97 -24.29
N GLU C 332 15.81 -10.96 -25.05
CA GLU C 332 16.38 -10.78 -26.37
C GLU C 332 17.84 -10.33 -26.35
N LEU C 333 18.25 -9.64 -25.29
CA LEU C 333 19.65 -9.28 -25.11
C LEU C 333 20.49 -10.51 -24.73
N THR C 334 20.02 -11.32 -23.79
CA THR C 334 20.78 -12.47 -23.29
C THR C 334 20.68 -13.70 -24.20
N GLY C 335 19.60 -13.78 -24.97
CA GLY C 335 19.28 -15.00 -25.73
C GLY C 335 18.75 -16.17 -24.90
N VAL C 336 18.38 -15.92 -23.63
CA VAL C 336 17.90 -16.98 -22.74
C VAL C 336 16.42 -16.77 -22.53
N ARG C 337 15.61 -17.58 -23.19
CA ARG C 337 14.16 -17.36 -23.24
C ARG C 337 13.48 -18.41 -22.37
N SER C 338 13.44 -18.14 -21.08
CA SER C 338 13.18 -19.17 -20.07
C SER C 338 11.85 -19.00 -19.32
N LEU C 339 11.11 -17.93 -19.58
CA LEU C 339 9.83 -17.72 -18.86
C LEU C 339 8.73 -17.27 -19.82
N PRO C 340 7.52 -17.86 -19.72
CA PRO C 340 6.45 -17.32 -20.57
C PRO C 340 5.88 -16.00 -20.03
N ASP C 341 5.24 -15.23 -20.89
CA ASP C 341 4.37 -14.13 -20.47
C ASP C 341 3.08 -14.80 -20.00
N PRO C 342 2.79 -14.78 -18.68
CA PRO C 342 1.58 -15.46 -18.19
C PRO C 342 0.28 -14.78 -18.64
N TYR C 343 0.38 -13.54 -19.14
CA TYR C 343 -0.78 -12.83 -19.69
C TYR C 343 -1.01 -13.04 -21.16
N HIS C 344 -0.19 -13.88 -21.80
CA HIS C 344 -0.17 -13.95 -23.25
C HIS C 344 -1.54 -14.21 -23.86
N GLU C 345 -2.20 -15.29 -23.41
CA GLU C 345 -3.46 -15.69 -24.03
C GLU C 345 -4.56 -14.67 -23.72
N PHE C 346 -4.60 -14.21 -22.48
CA PHE C 346 -5.57 -13.21 -22.04
C PHE C 346 -5.50 -11.95 -22.94
N LEU C 347 -4.30 -11.45 -23.19
CA LEU C 347 -4.15 -10.19 -23.95
C LEU C 347 -4.21 -10.40 -25.46
N ALA C 348 -3.79 -11.57 -25.94
CA ALA C 348 -3.77 -11.82 -27.38
C ALA C 348 -5.18 -11.78 -27.96
N GLY C 349 -6.16 -12.18 -27.16
CA GLY C 349 -7.53 -12.16 -27.59
C GLY C 349 -8.14 -10.78 -27.76
N MET C 350 -7.49 -9.76 -27.21
CA MET C 350 -8.03 -8.39 -27.28
C MET C 350 -7.76 -7.66 -28.57
N GLY C 351 -6.84 -8.15 -29.40
CA GLY C 351 -6.57 -7.54 -30.68
C GLY C 351 -5.31 -6.69 -30.73
N GLY C 352 -5.28 -5.78 -31.71
CA GLY C 352 -4.11 -4.98 -32.02
C GLY C 352 -3.14 -5.64 -33.00
N ASN C 353 -3.42 -6.88 -33.39
CA ASN C 353 -2.51 -7.70 -34.18
C ASN C 353 -2.84 -7.65 -35.68
N THR C 354 -3.73 -6.73 -36.07
CA THR C 354 -4.08 -6.45 -37.47
C THR C 354 -3.70 -5.02 -37.82
N LEU C 355 -2.99 -4.84 -38.93
CA LEU C 355 -2.62 -3.46 -39.33
C LEU C 355 -3.85 -2.76 -39.93
N LEU C 356 -4.41 -1.79 -39.19
CA LEU C 356 -5.62 -1.11 -39.64
C LEU C 356 -5.26 -0.02 -40.63
N ASP C 357 -6.18 0.32 -41.51
CA ASP C 357 -5.90 1.30 -42.57
C ASP C 357 -5.40 2.63 -42.03
N ALA C 358 -6.00 3.12 -40.94
CA ALA C 358 -5.57 4.40 -40.37
C ALA C 358 -4.16 4.34 -39.77
N GLU C 359 -3.79 3.17 -39.27
CA GLU C 359 -2.44 2.92 -38.73
C GLU C 359 -1.43 2.86 -39.87
N ARG C 360 -1.77 2.12 -40.92
CA ARG C 360 -0.94 2.08 -42.13
C ARG C 360 -0.72 3.49 -42.73
N ALA C 361 -1.80 4.27 -42.81
CA ALA C 361 -1.74 5.62 -43.33
C ALA C 361 -0.85 6.54 -42.49
N ALA C 362 -0.94 6.45 -41.17
CA ALA C 362 -0.12 7.29 -40.31
C ALA C 362 1.36 7.00 -40.51
N ILE C 363 1.70 5.73 -40.74
CA ILE C 363 3.10 5.34 -40.91
C ILE C 363 3.57 5.75 -42.33
N GLU C 364 2.71 5.59 -43.33
CA GLU C 364 3.08 5.95 -44.71
C GLU C 364 3.41 7.45 -44.86
N GLU C 365 2.79 8.29 -44.02
CA GLU C 365 3.07 9.75 -44.00
C GLU C 365 4.51 10.09 -43.73
N ILE C 366 5.21 9.20 -43.02
CA ILE C 366 6.59 9.45 -42.61
C ILE C 366 7.60 9.01 -43.69
N VAL C 367 7.19 8.10 -44.57
CA VAL C 367 8.14 7.48 -45.51
C VAL C 367 8.94 8.49 -46.36
N PRO C 368 8.30 9.56 -46.86
CA PRO C 368 9.08 10.51 -47.68
C PRO C 368 10.24 11.18 -46.94
N LEU C 369 10.14 11.30 -45.62
CA LEU C 369 11.20 11.90 -44.83
C LEU C 369 12.47 11.06 -44.87
N LEU C 370 12.35 9.76 -45.12
CA LEU C 370 13.50 8.87 -45.12
C LEU C 370 14.50 9.19 -46.25
N ALA C 371 13.96 9.69 -47.37
CA ALA C 371 14.79 9.99 -48.55
C ALA C 371 15.84 11.06 -48.28
N ASP C 372 15.61 11.90 -47.27
CA ASP C 372 16.50 13.04 -46.99
C ASP C 372 17.64 12.71 -46.02
N ILE C 373 17.66 11.50 -45.46
CA ILE C 373 18.72 11.14 -44.51
C ILE C 373 20.01 10.85 -45.26
N ARG C 374 21.06 11.62 -44.96
CA ARG C 374 22.37 11.37 -45.54
C ARG C 374 23.32 10.92 -44.44
N HIS D 4 -33.55 21.66 -5.37
CA HIS D 4 -34.16 21.71 -6.73
C HIS D 4 -34.33 20.33 -7.40
N HIS D 5 -34.38 19.26 -6.58
CA HIS D 5 -34.46 17.88 -7.08
C HIS D 5 -35.37 17.03 -6.17
N HIS D 6 -35.89 15.94 -6.75
CA HIS D 6 -36.64 14.91 -6.00
C HIS D 6 -35.68 13.94 -5.31
N ALA D 7 -36.22 12.92 -4.64
CA ALA D 7 -35.42 11.99 -3.83
C ALA D 7 -34.61 11.02 -4.72
N ILE D 8 -33.30 11.03 -4.54
CA ILE D 8 -32.38 10.18 -5.29
C ILE D 8 -31.75 9.20 -4.30
N GLY D 9 -32.01 7.91 -4.47
CA GLY D 9 -31.48 6.87 -3.59
C GLY D 9 -30.01 6.60 -3.83
N TYR D 10 -29.31 6.23 -2.77
CA TYR D 10 -27.87 5.94 -2.87
C TYR D 10 -27.56 4.75 -1.98
N VAL D 11 -26.94 3.71 -2.53
CA VAL D 11 -26.57 2.52 -1.73
C VAL D 11 -25.07 2.39 -1.63
N TRP D 12 -24.55 2.44 -0.40
CA TRP D 12 -23.19 1.98 -0.10
C TRP D 12 -23.29 1.16 1.19
N ASN D 13 -22.56 0.06 1.25
CA ASN D 13 -22.46 -0.76 2.44
C ASN D 13 -20.97 -0.93 2.68
N THR D 14 -20.55 -0.77 3.93
CA THR D 14 -19.15 -0.92 4.30
C THR D 14 -18.50 -2.17 3.72
N LEU D 15 -19.22 -3.30 3.72
CA LEU D 15 -18.65 -4.54 3.26
C LEU D 15 -18.33 -4.58 1.75
N TYR D 16 -18.92 -3.71 0.95
CA TYR D 16 -18.51 -3.56 -0.46
C TYR D 16 -17.02 -3.22 -0.55
N GLY D 17 -16.50 -2.51 0.46
CA GLY D 17 -15.09 -2.16 0.51
C GLY D 17 -14.17 -3.20 1.09
N TRP D 18 -14.72 -4.34 1.54
CA TRP D 18 -14.00 -5.39 2.25
C TRP D 18 -13.85 -6.64 1.40
N VAL D 19 -14.30 -6.60 0.15
CA VAL D 19 -14.13 -7.74 -0.75
C VAL D 19 -12.64 -8.07 -0.85
N ASP D 20 -12.28 -9.32 -0.60
CA ASP D 20 -10.89 -9.71 -0.58
C ASP D 20 -10.50 -10.19 -1.98
N THR D 21 -9.75 -9.34 -2.69
CA THR D 21 -9.30 -9.67 -4.03
C THR D 21 -7.94 -10.40 -4.03
N GLY D 22 -7.41 -10.73 -2.84
CA GLY D 22 -6.22 -11.56 -2.72
C GLY D 22 -4.91 -10.79 -2.77
N THR D 23 -3.88 -11.45 -3.29
CA THR D 23 -2.54 -10.86 -3.37
C THR D 23 -1.96 -10.88 -4.80
N GLY D 24 -2.77 -11.24 -5.78
CA GLY D 24 -2.33 -11.20 -7.15
C GLY D 24 -2.78 -9.95 -7.88
N SER D 25 -2.45 -9.91 -9.16
CA SER D 25 -2.78 -8.77 -10.03
C SER D 25 -4.11 -8.92 -10.73
N LEU D 26 -4.37 -10.14 -11.18
CA LEU D 26 -5.51 -10.45 -12.01
C LEU D 26 -5.88 -11.88 -11.69
N ALA D 27 -5.03 -12.80 -12.07
CA ALA D 27 -5.01 -14.14 -11.47
C ALA D 27 -4.26 -14.02 -10.16
N ALA D 28 -4.21 -15.12 -9.40
CA ALA D 28 -3.46 -15.15 -8.16
C ALA D 28 -1.97 -14.93 -8.39
N ALA D 29 -1.27 -14.50 -7.35
CA ALA D 29 0.18 -14.53 -7.35
C ALA D 29 0.62 -15.98 -7.57
N ASN D 30 1.75 -16.16 -8.27
CA ASN D 30 2.21 -17.48 -8.65
C ASN D 30 3.71 -17.49 -8.78
N LEU D 31 4.38 -18.20 -7.87
CA LEU D 31 5.85 -18.18 -7.84
C LEU D 31 6.49 -18.83 -9.05
N THR D 32 5.93 -19.95 -9.52
CA THR D 32 6.47 -20.62 -10.70
C THR D 32 6.39 -19.75 -11.95
N ALA D 33 5.29 -19.03 -12.10
CA ALA D 33 5.13 -18.07 -13.20
C ALA D 33 5.87 -16.75 -12.99
N ARG D 34 6.41 -16.57 -11.77
CA ARG D 34 7.10 -15.34 -11.34
C ARG D 34 6.19 -14.12 -11.40
N MET D 35 4.92 -14.31 -11.03
CA MET D 35 4.01 -13.21 -10.81
C MET D 35 4.07 -12.81 -9.34
N GLN D 36 4.79 -11.72 -9.09
CA GLN D 36 5.06 -11.25 -7.74
C GLN D 36 3.76 -10.76 -7.04
N PRO D 37 3.60 -11.07 -5.73
CA PRO D 37 2.44 -10.50 -5.00
C PRO D 37 2.42 -8.98 -5.06
N ILE D 38 1.22 -8.42 -4.94
CA ILE D 38 1.04 -6.97 -5.00
C ILE D 38 -0.06 -6.58 -4.04
N SER D 39 0.01 -5.38 -3.48
CA SER D 39 -0.97 -4.95 -2.48
C SER D 39 -2.37 -4.79 -3.07
N HIS D 40 -2.44 -4.16 -4.23
CA HIS D 40 -3.73 -3.88 -4.85
C HIS D 40 -3.88 -4.62 -6.17
N HIS D 41 -4.69 -5.68 -6.12
CA HIS D 41 -5.19 -6.37 -7.33
C HIS D 41 -5.86 -5.31 -8.22
N LEU D 42 -5.85 -5.52 -9.53
CA LEU D 42 -6.54 -4.59 -10.44
C LEU D 42 -7.96 -4.23 -9.97
N ALA D 43 -8.69 -5.23 -9.49
CA ALA D 43 -10.08 -5.08 -9.03
C ALA D 43 -10.27 -4.79 -7.54
N HIS D 44 -9.20 -4.36 -6.88
CA HIS D 44 -9.22 -4.06 -5.44
C HIS D 44 -10.40 -3.12 -5.12
N PRO D 45 -11.09 -3.38 -4.00
CA PRO D 45 -12.27 -2.55 -3.65
C PRO D 45 -12.01 -1.05 -3.39
N ASP D 46 -10.76 -0.64 -3.22
CA ASP D 46 -10.45 0.76 -2.93
C ASP D 46 -10.93 1.69 -4.05
N THR D 47 -10.93 1.24 -5.31
CA THR D 47 -11.36 2.11 -6.40
C THR D 47 -12.81 2.58 -6.19
N LYS D 48 -13.68 1.62 -5.90
CA LYS D 48 -15.10 1.92 -5.63
C LYS D 48 -15.27 2.65 -4.31
N ARG D 49 -14.47 2.32 -3.31
CA ARG D 49 -14.55 3.06 -2.04
C ARG D 49 -14.17 4.52 -2.22
N ARG D 50 -13.15 4.80 -3.03
CA ARG D 50 -12.73 6.18 -3.30
C ARG D 50 -13.87 6.97 -3.97
N PHE D 51 -14.66 6.31 -4.81
CA PHE D 51 -15.87 6.89 -5.39
C PHE D 51 -16.86 7.24 -4.27
N HIS D 52 -17.15 6.27 -3.40
CA HIS D 52 -18.07 6.53 -2.27
C HIS D 52 -17.58 7.70 -1.42
N GLU D 53 -16.29 7.69 -1.09
CA GLU D 53 -15.77 8.74 -0.24
C GLU D 53 -15.81 10.14 -0.89
N LEU D 54 -15.64 10.19 -2.20
CA LEU D 54 -15.80 11.45 -2.94
C LEU D 54 -17.25 11.92 -2.97
N VAL D 55 -18.19 10.98 -3.10
CA VAL D 55 -19.62 11.33 -3.00
C VAL D 55 -19.88 12.04 -1.66
N CYS D 56 -19.27 11.53 -0.59
CA CYS D 56 -19.44 12.14 0.75
C CYS D 56 -18.67 13.45 0.86
N ALA D 57 -17.38 13.43 0.51
CA ALA D 57 -16.51 14.62 0.70
C ALA D 57 -16.87 15.82 -0.17
N SER D 58 -17.38 15.55 -1.38
CA SER D 58 -17.87 16.60 -2.28
C SER D 58 -19.15 17.29 -1.79
N GLY D 59 -19.85 16.69 -0.83
CA GLY D 59 -21.12 17.17 -0.36
C GLY D 59 -22.30 16.62 -1.14
N GLN D 60 -22.06 15.81 -2.17
CA GLN D 60 -23.19 15.22 -2.90
C GLN D 60 -24.08 14.39 -1.99
N ILE D 61 -23.51 13.74 -0.97
CA ILE D 61 -24.28 12.90 -0.05
C ILE D 61 -25.43 13.66 0.62
N GLU D 62 -25.26 14.97 0.83
CA GLU D 62 -26.30 15.81 1.43
C GLU D 62 -27.56 15.95 0.54
N HIS D 63 -27.41 15.64 -0.75
CA HIS D 63 -28.51 15.69 -1.71
C HIS D 63 -29.08 14.31 -2.05
N LEU D 64 -28.56 13.27 -1.40
CA LEU D 64 -28.95 11.90 -1.66
C LEU D 64 -29.70 11.33 -0.47
N THR D 65 -30.51 10.32 -0.74
CA THR D 65 -31.25 9.58 0.27
C THR D 65 -30.57 8.22 0.47
N PRO D 66 -29.79 8.07 1.54
CA PRO D 66 -29.13 6.76 1.77
C PRO D 66 -30.12 5.62 1.99
N ILE D 67 -29.90 4.53 1.26
CA ILE D 67 -30.76 3.35 1.27
C ILE D 67 -29.90 2.19 1.68
N ALA D 68 -30.29 1.50 2.76
CA ALA D 68 -29.53 0.34 3.22
C ALA D 68 -29.74 -0.84 2.27
N ALA D 69 -28.66 -1.52 1.95
CA ALA D 69 -28.74 -2.81 1.24
C ALA D 69 -29.51 -3.82 2.10
N VAL D 70 -30.32 -4.64 1.46
CA VAL D 70 -30.97 -5.77 2.10
C VAL D 70 -30.45 -7.01 1.39
N ALA D 71 -29.88 -7.97 2.13
CA ALA D 71 -29.31 -9.19 1.51
C ALA D 71 -30.30 -9.86 0.56
N ALA D 72 -29.85 -10.15 -0.66
CA ALA D 72 -30.62 -10.95 -1.60
C ALA D 72 -30.85 -12.36 -1.03
N THR D 73 -32.11 -12.80 -1.08
CA THR D 73 -32.49 -14.14 -0.61
C THR D 73 -32.20 -15.15 -1.70
N ASP D 74 -32.27 -16.43 -1.34
CA ASP D 74 -32.15 -17.50 -2.32
C ASP D 74 -33.16 -17.32 -3.47
N ALA D 75 -34.41 -17.01 -3.12
CA ALA D 75 -35.46 -16.77 -4.10
C ALA D 75 -35.10 -15.63 -5.05
N ASP D 76 -34.49 -14.57 -4.54
CA ASP D 76 -34.06 -13.46 -5.39
C ASP D 76 -33.02 -13.92 -6.41
N ILE D 77 -32.04 -14.68 -5.93
CA ILE D 77 -30.91 -15.10 -6.77
C ILE D 77 -31.39 -16.11 -7.84
N LEU D 78 -32.34 -16.96 -7.46
CA LEU D 78 -32.87 -17.95 -8.41
C LEU D 78 -33.71 -17.39 -9.57
N ARG D 79 -34.14 -16.13 -9.51
CA ARG D 79 -34.77 -15.48 -10.67
C ARG D 79 -33.79 -15.19 -11.81
N ALA D 80 -32.49 -15.13 -11.50
CA ALA D 80 -31.44 -14.91 -12.49
C ALA D 80 -30.44 -16.06 -12.67
N HIS D 81 -30.35 -16.97 -11.69
CA HIS D 81 -29.36 -18.03 -11.69
C HIS D 81 -29.92 -19.40 -11.38
N SER D 82 -29.12 -20.41 -11.69
CA SER D 82 -29.49 -21.79 -11.48
C SER D 82 -29.29 -22.17 -10.02
N ALA D 83 -30.06 -23.17 -9.57
CA ALA D 83 -29.90 -23.73 -8.24
C ALA D 83 -28.49 -24.23 -8.05
N ALA D 84 -27.90 -24.81 -9.10
CA ALA D 84 -26.56 -25.34 -9.02
C ALA D 84 -25.53 -24.24 -8.74
N HIS D 85 -25.71 -23.07 -9.33
CA HIS D 85 -24.77 -21.96 -9.18
C HIS D 85 -24.80 -21.42 -7.74
N LEU D 86 -26.00 -21.16 -7.24
CA LEU D 86 -26.20 -20.75 -5.85
C LEU D 86 -25.49 -21.70 -4.88
N GLU D 87 -25.69 -23.01 -5.06
CA GLU D 87 -25.06 -24.05 -4.22
C GLU D 87 -23.53 -24.01 -4.21
N ASN D 88 -22.92 -23.79 -5.38
CA ASN D 88 -21.46 -23.74 -5.51
C ASN D 88 -20.81 -22.52 -4.81
N MET D 89 -21.50 -21.38 -4.79
CA MET D 89 -20.99 -20.15 -4.16
C MET D 89 -20.90 -20.23 -2.64
N LYS D 90 -21.78 -20.99 -2.07
CA LYS D 90 -21.71 -21.39 -0.66
C LYS D 90 -20.39 -22.11 -0.25
N ARG D 91 -19.94 -23.07 -1.06
CA ARG D 91 -18.72 -23.83 -0.81
C ARG D 91 -17.50 -22.93 -0.79
N VAL D 92 -17.33 -22.11 -1.81
CA VAL D 92 -16.10 -21.27 -1.86
C VAL D 92 -16.13 -20.34 -0.66
N SER D 93 -17.32 -19.79 -0.41
CA SER D 93 -17.55 -18.92 0.73
C SER D 93 -17.31 -19.59 2.10
N ASN D 94 -17.22 -20.89 2.17
CA ASN D 94 -16.85 -21.53 3.44
C ASN D 94 -15.33 -21.72 3.68
N LEU D 95 -14.51 -21.51 2.67
CA LEU D 95 -13.08 -21.83 2.72
C LEU D 95 -12.35 -20.87 3.63
N PRO D 96 -11.43 -21.37 4.46
CA PRO D 96 -10.80 -20.53 5.48
C PRO D 96 -10.16 -19.21 4.99
N THR D 97 -9.64 -19.20 3.75
CA THR D 97 -9.21 -17.94 3.10
C THR D 97 -9.96 -17.69 1.78
N GLY D 98 -11.07 -18.40 1.58
CA GLY D 98 -11.84 -18.31 0.34
C GLY D 98 -11.10 -18.94 -0.83
N GLY D 99 -11.33 -18.42 -2.02
CA GLY D 99 -10.59 -18.87 -3.21
C GLY D 99 -11.24 -18.43 -4.51
N ASP D 100 -10.59 -18.77 -5.63
CA ASP D 100 -11.18 -18.56 -6.95
C ASP D 100 -12.50 -19.38 -7.13
N THR D 101 -13.46 -18.88 -7.91
CA THR D 101 -14.79 -19.54 -8.10
C THR D 101 -14.99 -20.34 -9.41
N GLY D 102 -13.98 -20.39 -10.28
CA GLY D 102 -14.11 -21.11 -11.56
C GLY D 102 -13.13 -20.67 -12.63
N ASP D 103 -13.15 -19.38 -12.99
CA ASP D 103 -12.39 -18.93 -14.17
C ASP D 103 -10.93 -18.49 -13.92
N GLY D 104 -10.44 -18.58 -12.69
CA GLY D 104 -9.03 -18.26 -12.38
C GLY D 104 -8.72 -16.78 -12.16
N ILE D 105 -9.75 -15.95 -12.11
CA ILE D 105 -9.58 -14.54 -11.81
C ILE D 105 -10.66 -13.97 -10.91
N THR D 106 -11.50 -14.83 -10.31
CA THR D 106 -12.73 -14.41 -9.59
C THR D 106 -12.62 -14.95 -8.16
N MET D 107 -11.81 -14.22 -7.37
CA MET D 107 -11.56 -14.53 -5.96
C MET D 107 -12.79 -14.20 -5.06
N MET D 108 -13.01 -15.04 -4.04
N MET D 108 -12.99 -15.03 -4.02
CA MET D 108 -14.02 -14.82 -2.99
CA MET D 108 -14.04 -14.87 -3.01
C MET D 108 -13.41 -15.25 -1.66
C MET D 108 -13.41 -15.25 -1.66
N GLY D 109 -14.06 -14.93 -0.53
CA GLY D 109 -13.56 -15.27 0.85
C GLY D 109 -14.43 -16.26 1.64
N ASN D 110 -13.96 -16.81 2.78
CA ASN D 110 -14.89 -17.48 3.72
C ASN D 110 -15.89 -16.37 4.05
N GLY D 111 -17.18 -16.67 4.01
CA GLY D 111 -18.16 -15.62 4.24
C GLY D 111 -18.40 -14.64 3.10
N GLY D 112 -17.67 -14.73 1.99
CA GLY D 112 -17.80 -13.75 0.88
C GLY D 112 -19.17 -13.74 0.24
N LEU D 113 -19.92 -14.82 0.37
CA LEU D 113 -21.31 -14.84 -0.08
C LEU D 113 -22.15 -13.75 0.60
N GLU D 114 -21.82 -13.41 1.85
CA GLU D 114 -22.52 -12.32 2.55
C GLU D 114 -22.48 -11.03 1.71
N ILE D 115 -21.28 -10.73 1.20
CA ILE D 115 -21.08 -9.50 0.44
C ILE D 115 -21.78 -9.62 -0.92
N ALA D 116 -21.68 -10.78 -1.57
CA ALA D 116 -22.34 -11.02 -2.86
C ALA D 116 -23.85 -10.87 -2.72
N ARG D 117 -24.42 -11.36 -1.61
CA ARG D 117 -25.86 -11.15 -1.37
C ARG D 117 -26.20 -9.69 -1.13
N LEU D 118 -25.34 -8.97 -0.40
CA LEU D 118 -25.56 -7.52 -0.17
C LEU D 118 -25.40 -6.67 -1.43
N SER D 119 -24.54 -7.10 -2.35
CA SER D 119 -24.37 -6.41 -3.62
C SER D 119 -25.62 -6.54 -4.50
N ALA D 120 -26.07 -7.77 -4.70
CA ALA D 120 -27.31 -8.02 -5.47
C ALA D 120 -28.50 -7.38 -4.77
N GLY D 121 -28.53 -7.49 -3.45
CA GLY D 121 -29.61 -6.91 -2.63
C GLY D 121 -29.65 -5.39 -2.60
N GLY D 122 -28.51 -4.73 -2.75
CA GLY D 122 -28.49 -3.27 -2.91
C GLY D 122 -29.20 -2.85 -4.20
N ALA D 123 -28.98 -3.60 -5.28
CA ALA D 123 -29.62 -3.32 -6.55
C ALA D 123 -31.13 -3.58 -6.43
N VAL D 124 -31.49 -4.67 -5.77
CA VAL D 124 -32.91 -5.02 -5.59
C VAL D 124 -33.64 -3.96 -4.76
N GLU D 125 -33.03 -3.57 -3.64
CA GLU D 125 -33.69 -2.66 -2.73
C GLU D 125 -33.90 -1.28 -3.34
N LEU D 126 -32.90 -0.78 -4.07
CA LEU D 126 -33.03 0.48 -4.79
C LEU D 126 -34.10 0.38 -5.86
N THR D 127 -34.09 -0.73 -6.61
CA THR D 127 -35.14 -1.00 -7.62
C THR D 127 -36.53 -1.00 -6.99
N ARG D 128 -36.69 -1.71 -5.87
CA ARG D 128 -37.98 -1.77 -5.15
C ARG D 128 -38.47 -0.36 -4.81
N ARG D 129 -37.57 0.50 -4.33
CA ARG D 129 -37.96 1.86 -3.93
C ARG D 129 -38.17 2.85 -5.05
N VAL D 130 -37.44 2.71 -6.15
CA VAL D 130 -37.69 3.52 -7.35
C VAL D 130 -38.98 3.12 -8.05
N ALA D 131 -39.10 1.85 -8.41
CA ALA D 131 -40.41 1.34 -8.83
C ALA D 131 -41.24 1.42 -7.56
N THR D 132 -42.54 1.72 -7.67
CA THR D 132 -43.38 2.04 -6.51
C THR D 132 -43.18 3.47 -5.94
N GLY D 133 -42.37 4.31 -6.61
CA GLY D 133 -42.44 5.76 -6.42
C GLY D 133 -41.92 6.47 -5.17
N GLU D 134 -41.33 5.74 -4.22
CA GLU D 134 -40.73 6.39 -3.05
C GLU D 134 -39.59 7.31 -3.49
N LEU D 135 -38.74 6.79 -4.37
CA LEU D 135 -37.60 7.51 -4.93
C LEU D 135 -37.79 7.72 -6.43
N SER D 136 -37.25 8.80 -6.96
CA SER D 136 -37.35 9.09 -8.40
C SER D 136 -36.33 8.25 -9.20
N ALA D 137 -35.18 8.01 -8.61
CA ALA D 137 -34.07 7.37 -9.31
C ALA D 137 -33.03 7.04 -8.27
N GLY D 138 -31.92 6.42 -8.66
CA GLY D 138 -30.83 6.21 -7.70
C GLY D 138 -29.58 5.61 -8.29
N TYR D 139 -28.56 5.52 -7.43
CA TYR D 139 -27.28 4.89 -7.76
C TYR D 139 -26.93 3.89 -6.68
N ALA D 140 -26.78 2.62 -7.06
CA ALA D 140 -26.35 1.57 -6.13
C ALA D 140 -24.87 1.30 -6.40
N LEU D 141 -24.02 1.77 -5.49
CA LEU D 141 -22.57 1.66 -5.65
C LEU D 141 -22.12 0.33 -5.04
N VAL D 142 -22.47 -0.76 -5.73
CA VAL D 142 -22.25 -2.11 -5.19
C VAL D 142 -20.90 -2.68 -5.58
N ASN D 143 -20.54 -3.77 -4.90
CA ASN D 143 -19.32 -4.51 -5.19
C ASN D 143 -19.46 -5.81 -4.41
N PRO D 144 -19.28 -6.99 -5.00
CA PRO D 144 -18.78 -7.23 -6.35
C PRO D 144 -19.71 -6.91 -7.50
N PRO D 145 -19.15 -6.77 -8.71
CA PRO D 145 -19.96 -6.46 -9.92
C PRO D 145 -20.70 -7.71 -10.42
N GLY D 146 -21.48 -7.52 -11.48
CA GLY D 146 -22.45 -8.50 -11.92
C GLY D 146 -22.48 -8.98 -13.35
N HIS D 147 -22.15 -8.13 -14.31
CA HIS D 147 -22.63 -8.37 -15.68
C HIS D 147 -22.03 -9.56 -16.43
N HIS D 148 -20.88 -10.08 -15.98
CA HIS D 148 -20.31 -11.26 -16.64
C HIS D 148 -20.89 -12.59 -16.17
N ALA D 149 -21.60 -12.60 -15.03
CA ALA D 149 -22.11 -13.85 -14.48
C ALA D 149 -23.32 -14.30 -15.27
N PRO D 150 -23.22 -15.44 -16.00
CA PRO D 150 -24.37 -15.96 -16.72
C PRO D 150 -25.25 -16.80 -15.78
N HIS D 151 -26.26 -17.46 -16.33
CA HIS D 151 -27.20 -18.22 -15.53
C HIS D 151 -26.54 -19.23 -14.59
N ASN D 152 -25.52 -19.94 -15.08
CA ASN D 152 -24.97 -21.11 -14.39
C ASN D 152 -23.53 -20.98 -13.86
N ALA D 153 -23.02 -19.76 -13.71
CA ALA D 153 -21.62 -19.59 -13.29
C ALA D 153 -21.28 -18.20 -12.76
N ALA D 154 -20.16 -18.13 -12.06
CA ALA D 154 -19.47 -16.87 -11.76
C ALA D 154 -18.45 -16.67 -12.86
N MET D 155 -18.16 -15.42 -13.20
CA MET D 155 -17.17 -15.11 -14.22
C MET D 155 -16.71 -13.66 -14.11
N GLY D 156 -15.45 -13.41 -14.43
CA GLY D 156 -14.94 -12.05 -14.58
C GLY D 156 -15.18 -11.15 -13.39
N PHE D 157 -14.83 -11.63 -12.19
CA PHE D 157 -15.01 -10.89 -10.91
C PHE D 157 -16.48 -10.84 -10.45
N CYS D 158 -17.42 -11.46 -11.17
CA CYS D 158 -18.85 -11.35 -10.87
C CYS D 158 -19.38 -12.65 -10.30
N ILE D 159 -20.00 -12.58 -9.13
CA ILE D 159 -20.55 -13.76 -8.45
C ILE D 159 -22.01 -13.97 -8.86
N PHE D 160 -22.80 -12.90 -8.70
CA PHE D 160 -24.20 -12.88 -9.17
C PHE D 160 -24.40 -11.66 -10.06
N ASN D 161 -25.31 -11.81 -11.00
CA ASN D 161 -25.66 -10.79 -11.95
C ASN D 161 -26.66 -9.83 -11.31
N ASN D 162 -26.09 -8.82 -10.67
CA ASN D 162 -26.85 -7.87 -9.86
C ASN D 162 -28.00 -7.22 -10.63
N THR D 163 -27.70 -6.72 -11.83
CA THR D 163 -28.77 -6.06 -12.59
C THR D 163 -29.86 -7.05 -13.02
N SER D 164 -29.48 -8.30 -13.32
CA SER D 164 -30.48 -9.33 -13.66
C SER D 164 -31.30 -9.78 -12.45
N VAL D 165 -30.67 -9.81 -11.28
CA VAL D 165 -31.42 -10.12 -10.06
C VAL D 165 -32.45 -9.01 -9.82
N ALA D 166 -32.06 -7.76 -10.04
CA ALA D 166 -32.98 -6.62 -9.91
C ALA D 166 -34.10 -6.67 -10.95
N ALA D 167 -33.76 -6.94 -12.21
CA ALA D 167 -34.78 -7.03 -13.28
C ALA D 167 -35.75 -8.16 -13.00
N GLY D 168 -35.23 -9.27 -12.47
CA GLY D 168 -36.04 -10.44 -12.14
C GLY D 168 -37.04 -10.09 -11.06
N TYR D 169 -36.61 -9.32 -10.09
CA TYR D 169 -37.50 -8.87 -9.02
C TYR D 169 -38.58 -7.95 -9.59
N ALA D 170 -38.16 -7.00 -10.43
CA ALA D 170 -39.09 -6.05 -11.06
C ALA D 170 -40.15 -6.80 -11.89
N ARG D 171 -39.72 -7.85 -12.59
CA ARG D 171 -40.65 -8.68 -13.38
C ARG D 171 -41.60 -9.51 -12.52
N ALA D 172 -41.03 -10.33 -11.63
CA ALA D 172 -41.79 -11.33 -10.88
C ALA D 172 -42.51 -10.79 -9.66
N VAL D 173 -41.91 -9.84 -8.95
CA VAL D 173 -42.49 -9.30 -7.70
C VAL D 173 -43.31 -8.04 -7.96
N LEU D 174 -42.77 -7.12 -8.76
CA LEU D 174 -43.47 -5.86 -9.06
C LEU D 174 -44.42 -5.97 -10.25
N GLY D 175 -44.27 -7.01 -11.07
CA GLY D 175 -45.20 -7.28 -12.18
C GLY D 175 -45.02 -6.40 -13.41
N MET D 176 -43.84 -5.77 -13.53
CA MET D 176 -43.49 -5.03 -14.74
C MET D 176 -43.39 -6.03 -15.89
N GLU D 177 -43.91 -5.64 -17.06
CA GLU D 177 -43.91 -6.49 -18.24
C GLU D 177 -42.68 -6.29 -19.10
N ARG D 178 -42.04 -5.12 -19.02
CA ARG D 178 -40.87 -4.78 -19.82
C ARG D 178 -39.84 -4.02 -18.97
N VAL D 179 -38.60 -4.51 -19.00
CA VAL D 179 -37.47 -3.90 -18.31
C VAL D 179 -36.33 -3.80 -19.33
N ALA D 180 -35.54 -2.73 -19.25
CA ALA D 180 -34.32 -2.60 -20.08
C ALA D 180 -33.09 -2.57 -19.18
N ILE D 181 -32.06 -3.34 -19.55
CA ILE D 181 -30.72 -3.22 -18.93
C ILE D 181 -29.76 -2.67 -19.96
N LEU D 182 -29.28 -1.44 -19.72
CA LEU D 182 -28.29 -0.75 -20.56
C LEU D 182 -26.94 -0.84 -19.88
N ASP D 183 -26.00 -1.54 -20.49
CA ASP D 183 -24.68 -1.81 -19.89
C ASP D 183 -23.61 -1.04 -20.67
N TRP D 184 -23.03 -0.02 -20.03
CA TRP D 184 -21.92 0.72 -20.64
C TRP D 184 -20.58 0.47 -19.97
N ASP D 185 -20.48 -0.57 -19.14
CA ASP D 185 -19.17 -1.10 -18.77
C ASP D 185 -18.48 -1.42 -20.11
N VAL D 186 -17.17 -1.21 -20.19
CA VAL D 186 -16.42 -1.36 -21.43
C VAL D 186 -16.33 -2.81 -21.93
N HIS D 187 -16.63 -3.79 -21.07
CA HIS D 187 -16.57 -5.20 -21.39
C HIS D 187 -17.97 -5.67 -21.72
N HIS D 188 -18.05 -6.65 -22.60
CA HIS D 188 -19.34 -7.19 -23.00
C HIS D 188 -20.11 -7.80 -21.83
N GLY D 189 -21.37 -7.42 -21.68
CA GLY D 189 -22.23 -7.99 -20.64
C GLY D 189 -22.78 -9.35 -21.03
N ASN D 190 -21.89 -10.32 -21.14
CA ASN D 190 -22.23 -11.66 -21.64
C ASN D 190 -23.16 -12.40 -20.69
N GLY D 191 -23.02 -12.14 -19.39
CA GLY D 191 -23.84 -12.81 -18.40
C GLY D 191 -25.28 -12.40 -18.50
N THR D 192 -25.49 -11.09 -18.59
CA THR D 192 -26.82 -10.53 -18.76
C THR D 192 -27.45 -10.99 -20.09
N GLN D 193 -26.66 -10.97 -21.14
CA GLN D 193 -27.12 -11.47 -22.45
C GLN D 193 -27.60 -12.92 -22.34
N ASP D 194 -26.82 -13.74 -21.65
CA ASP D 194 -27.16 -15.16 -21.47
C ASP D 194 -28.45 -15.37 -20.70
N ILE D 195 -28.58 -14.68 -19.57
CA ILE D 195 -29.74 -14.89 -18.69
C ILE D 195 -31.06 -14.60 -19.41
N TRP D 196 -31.10 -13.56 -20.23
CA TRP D 196 -32.36 -13.11 -20.84
C TRP D 196 -32.44 -13.42 -22.34
N TRP D 197 -31.54 -14.31 -22.82
CA TRP D 197 -31.39 -14.63 -24.25
C TRP D 197 -32.70 -14.98 -24.96
N ASN D 198 -33.53 -15.76 -24.27
CA ASN D 198 -34.79 -16.27 -24.84
C ASN D 198 -36.02 -15.44 -24.47
N ASP D 199 -35.81 -14.26 -23.89
CA ASP D 199 -36.85 -13.54 -23.15
C ASP D 199 -36.99 -12.08 -23.65
N PRO D 200 -38.12 -11.76 -24.30
CA PRO D 200 -38.32 -10.39 -24.80
C PRO D 200 -38.74 -9.37 -23.73
N SER D 201 -39.02 -9.84 -22.52
CA SER D 201 -39.45 -9.00 -21.41
C SER D 201 -38.31 -8.25 -20.71
N VAL D 202 -37.07 -8.60 -21.00
CA VAL D 202 -35.92 -7.80 -20.57
C VAL D 202 -35.05 -7.49 -21.79
N LEU D 203 -35.08 -6.25 -22.29
CA LEU D 203 -34.22 -5.82 -23.39
C LEU D 203 -32.82 -5.59 -22.83
N THR D 204 -31.82 -6.28 -23.38
CA THR D 204 -30.45 -6.22 -22.90
C THR D 204 -29.59 -5.52 -23.97
N ILE D 205 -28.92 -4.45 -23.59
CA ILE D 205 -28.09 -3.65 -24.50
C ILE D 205 -26.71 -3.59 -23.88
N SER D 206 -25.69 -3.81 -24.70
CA SER D 206 -24.31 -3.68 -24.24
C SER D 206 -23.45 -2.87 -25.21
N LEU D 207 -22.90 -1.74 -24.76
CA LEU D 207 -21.87 -1.01 -25.48
C LEU D 207 -20.55 -1.48 -24.91
N HIS D 208 -19.58 -1.80 -25.75
CA HIS D 208 -18.32 -2.35 -25.25
C HIS D 208 -17.23 -2.26 -26.28
N GLN D 209 -15.99 -2.36 -25.81
CA GLN D 209 -14.85 -2.52 -26.68
C GLN D 209 -14.87 -3.92 -27.28
N HIS D 210 -14.82 -3.98 -28.60
CA HIS D 210 -14.90 -5.25 -29.32
C HIS D 210 -13.85 -6.27 -28.87
N LEU D 211 -14.33 -7.40 -28.37
CA LEU D 211 -13.53 -8.57 -27.96
C LEU D 211 -12.53 -8.26 -26.85
N CYS D 212 -12.86 -7.27 -26.02
CA CYS D 212 -11.97 -6.92 -24.90
C CYS D 212 -12.09 -7.99 -23.81
N PHE D 213 -13.29 -8.23 -23.31
CA PHE D 213 -13.54 -9.39 -22.45
C PHE D 213 -15.04 -9.63 -22.41
N PRO D 214 -15.53 -10.86 -22.62
CA PRO D 214 -14.76 -12.05 -23.02
C PRO D 214 -14.20 -11.96 -24.46
N PRO D 215 -13.27 -12.85 -24.82
CA PRO D 215 -12.62 -12.83 -26.13
C PRO D 215 -13.49 -13.33 -27.30
N ASP D 216 -14.69 -13.84 -26.99
CA ASP D 216 -15.46 -14.62 -27.97
C ASP D 216 -16.93 -14.26 -28.05
N SER D 217 -17.29 -13.09 -27.53
CA SER D 217 -18.67 -12.66 -27.51
C SER D 217 -18.81 -11.15 -27.72
N GLY D 218 -20.06 -10.71 -27.91
CA GLY D 218 -20.38 -9.31 -28.12
C GLY D 218 -20.56 -8.86 -29.56
N TYR D 219 -20.58 -9.81 -30.48
CA TYR D 219 -20.88 -9.51 -31.88
C TYR D 219 -22.34 -9.07 -32.04
N SER D 220 -22.56 -8.20 -33.03
CA SER D 220 -23.90 -7.69 -33.33
C SER D 220 -24.88 -8.75 -33.81
N THR D 221 -24.37 -9.89 -34.28
CA THR D 221 -25.23 -11.01 -34.67
C THR D 221 -25.79 -11.81 -33.48
N GLU D 222 -25.37 -11.50 -32.25
CA GLU D 222 -25.95 -12.13 -31.06
C GLU D 222 -27.21 -11.38 -30.69
N ARG D 223 -28.36 -11.89 -31.11
CA ARG D 223 -29.62 -11.11 -31.08
C ARG D 223 -30.72 -11.73 -30.23
N GLY D 224 -30.41 -12.81 -29.51
CA GLY D 224 -31.40 -13.57 -28.75
C GLY D 224 -31.97 -14.69 -29.61
N ALA D 225 -32.87 -15.47 -29.01
CA ALA D 225 -33.48 -16.61 -29.69
C ALA D 225 -34.93 -16.72 -29.30
N GLY D 226 -35.68 -17.39 -30.16
CA GLY D 226 -37.08 -17.66 -29.91
C GLY D 226 -37.85 -16.36 -29.81
N ASN D 227 -38.71 -16.26 -28.82
CA ASN D 227 -39.44 -15.02 -28.58
C ASN D 227 -38.53 -13.87 -28.20
N GLY D 228 -37.34 -14.17 -27.71
CA GLY D 228 -36.35 -13.14 -27.42
C GLY D 228 -35.54 -12.68 -28.62
N HIS D 229 -35.74 -13.24 -29.82
CA HIS D 229 -35.00 -12.77 -30.99
C HIS D 229 -35.33 -11.29 -31.28
N GLY D 230 -34.29 -10.46 -31.26
CA GLY D 230 -34.37 -9.02 -31.53
C GLY D 230 -34.32 -8.17 -30.25
N TYR D 231 -34.20 -8.81 -29.10
CA TYR D 231 -34.25 -8.14 -27.79
C TYR D 231 -32.93 -8.26 -27.00
N ASN D 232 -31.85 -8.52 -27.73
CA ASN D 232 -30.48 -8.33 -27.27
C ASN D 232 -29.76 -7.50 -28.31
N ILE D 233 -29.12 -6.42 -27.91
CA ILE D 233 -28.42 -5.55 -28.85
C ILE D 233 -27.00 -5.28 -28.36
N ASN D 234 -26.02 -5.74 -29.14
CA ASN D 234 -24.61 -5.47 -28.86
C ASN D 234 -24.11 -4.35 -29.75
N VAL D 235 -23.35 -3.43 -29.19
CA VAL D 235 -22.68 -2.36 -29.94
C VAL D 235 -21.17 -2.45 -29.65
N PRO D 236 -20.46 -3.36 -30.35
CA PRO D 236 -19.00 -3.44 -30.22
C PRO D 236 -18.34 -2.23 -30.91
N LEU D 237 -17.42 -1.59 -30.22
CA LEU D 237 -16.73 -0.39 -30.70
C LEU D 237 -15.23 -0.65 -30.75
N PRO D 238 -14.51 0.08 -31.62
CA PRO D 238 -13.06 -0.15 -31.70
C PRO D 238 -12.27 0.46 -30.56
N PRO D 239 -11.12 -0.17 -30.20
CA PRO D 239 -10.20 0.49 -29.28
C PRO D 239 -9.91 1.93 -29.71
N GLY D 240 -9.76 2.81 -28.72
CA GLY D 240 -9.52 4.23 -28.94
C GLY D 240 -10.75 5.09 -29.09
N SER D 241 -11.94 4.48 -29.06
CA SER D 241 -13.20 5.21 -29.10
C SER D 241 -13.32 6.09 -27.85
N GLY D 242 -13.78 7.33 -28.04
CA GLY D 242 -13.96 8.28 -26.94
C GLY D 242 -15.36 8.86 -26.88
N ASN D 243 -15.44 10.08 -26.37
CA ASN D 243 -16.73 10.72 -26.12
C ASN D 243 -17.58 10.79 -27.37
N ALA D 244 -16.98 11.14 -28.52
CA ALA D 244 -17.77 11.31 -29.74
C ALA D 244 -18.41 9.98 -30.17
N ALA D 245 -17.64 8.90 -30.17
CA ALA D 245 -18.15 7.56 -30.50
C ALA D 245 -19.27 7.12 -29.56
N TYR D 246 -19.03 7.29 -28.27
CA TYR D 246 -20.04 6.86 -27.27
C TYR D 246 -21.33 7.65 -27.36
N LEU D 247 -21.22 8.97 -27.53
CA LEU D 247 -22.44 9.79 -27.68
C LEU D 247 -23.16 9.52 -29.00
N HIS D 248 -22.39 9.27 -30.08
CA HIS D 248 -22.99 8.86 -31.36
C HIS D 248 -23.73 7.53 -31.19
N ALA D 249 -23.14 6.60 -30.45
CA ALA D 249 -23.79 5.32 -30.18
C ALA D 249 -25.09 5.49 -29.37
N MET D 250 -25.07 6.41 -28.40
CA MET D 250 -26.24 6.71 -27.61
C MET D 250 -27.36 7.28 -28.48
N ASP D 251 -26.99 8.24 -29.32
CA ASP D 251 -27.95 8.96 -30.14
C ASP D 251 -28.52 8.14 -31.28
N GLN D 252 -27.69 7.30 -31.90
CA GLN D 252 -28.08 6.52 -33.08
C GLN D 252 -28.69 5.16 -32.75
N VAL D 253 -28.26 4.54 -31.66
CA VAL D 253 -28.68 3.17 -31.29
C VAL D 253 -29.40 3.05 -29.95
N VAL D 254 -28.75 3.50 -28.87
CA VAL D 254 -29.25 3.16 -27.52
C VAL D 254 -30.58 3.86 -27.24
N LEU D 255 -30.60 5.17 -27.43
CA LEU D 255 -31.80 5.91 -27.09
C LEU D 255 -32.96 5.52 -28.01
N PRO D 256 -32.70 5.40 -29.33
CA PRO D 256 -33.80 4.91 -30.19
C PRO D 256 -34.32 3.51 -29.78
N ALA D 257 -33.41 2.62 -29.38
CA ALA D 257 -33.81 1.28 -28.95
C ALA D 257 -34.73 1.34 -27.73
N LEU D 258 -34.37 2.17 -26.75
CA LEU D 258 -35.19 2.33 -25.56
C LEU D 258 -36.56 2.92 -25.88
N ARG D 259 -36.58 3.93 -26.75
CA ARG D 259 -37.85 4.55 -27.18
C ARG D 259 -38.77 3.57 -27.91
N ALA D 260 -38.18 2.68 -28.70
CA ALA D 260 -38.95 1.66 -29.44
C ALA D 260 -39.51 0.60 -28.51
N TYR D 261 -38.73 0.22 -27.50
CA TYR D 261 -39.08 -0.88 -26.62
C TYR D 261 -40.07 -0.49 -25.51
N ARG D 262 -40.00 0.77 -25.07
CA ARG D 262 -40.89 1.29 -24.04
C ARG D 262 -40.79 0.48 -22.72
N PRO D 263 -39.57 0.40 -22.14
CA PRO D 263 -39.44 -0.28 -20.86
C PRO D 263 -40.19 0.49 -19.78
N GLN D 264 -40.67 -0.22 -18.76
CA GLN D 264 -41.26 0.42 -17.57
C GLN D 264 -40.20 0.87 -16.55
N LEU D 265 -38.97 0.38 -16.73
CA LEU D 265 -37.85 0.67 -15.84
C LEU D 265 -36.57 0.49 -16.64
N ILE D 266 -35.62 1.40 -16.44
CA ILE D 266 -34.30 1.31 -17.09
C ILE D 266 -33.28 1.07 -15.97
N ILE D 267 -32.53 -0.03 -16.09
CA ILE D 267 -31.43 -0.33 -15.18
C ILE D 267 -30.14 -0.10 -15.97
N VAL D 268 -29.21 0.69 -15.42
CA VAL D 268 -27.93 0.95 -16.10
C VAL D 268 -26.83 0.18 -15.38
N GLY D 269 -26.17 -0.69 -16.14
CA GLY D 269 -24.94 -1.32 -15.70
C GLY D 269 -23.84 -0.29 -15.89
N SER D 270 -23.56 0.43 -14.80
CA SER D 270 -22.73 1.63 -14.84
C SER D 270 -21.29 1.30 -14.46
N GLY D 271 -20.52 0.90 -15.45
CA GLY D 271 -19.07 0.81 -15.31
C GLY D 271 -18.38 2.08 -15.80
N PHE D 272 -17.17 2.32 -15.31
CA PHE D 272 -16.33 3.44 -15.76
C PHE D 272 -14.98 2.99 -16.31
N ASP D 273 -14.94 1.72 -16.73
CA ASP D 273 -13.74 1.17 -17.35
C ASP D 273 -13.52 1.60 -18.81
N ALA D 274 -14.48 2.35 -19.40
CA ALA D 274 -14.23 3.02 -20.67
C ALA D 274 -13.43 4.35 -20.52
N SER D 275 -13.03 4.72 -19.29
CA SER D 275 -12.36 5.99 -19.08
C SER D 275 -10.97 6.00 -19.71
N MET D 276 -10.55 7.22 -20.00
CA MET D 276 -9.27 7.54 -20.62
C MET D 276 -8.09 6.97 -19.86
N LEU D 277 -8.22 6.78 -18.53
CA LEU D 277 -7.11 6.33 -17.69
C LEU D 277 -7.25 4.89 -17.20
N ASP D 278 -8.16 4.11 -17.75
CA ASP D 278 -8.38 2.76 -17.25
C ASP D 278 -7.35 1.78 -17.76
N PRO D 279 -6.80 0.92 -16.88
CA PRO D 279 -5.87 -0.08 -17.37
C PRO D 279 -6.49 -1.27 -18.13
N LEU D 280 -7.76 -1.56 -17.88
CA LEU D 280 -8.38 -2.78 -18.40
C LEU D 280 -9.19 -2.60 -19.68
N ALA D 281 -9.05 -1.44 -20.29
CA ALA D 281 -9.51 -1.25 -21.69
C ALA D 281 -8.80 -0.06 -22.29
N ARG D 282 -9.10 0.22 -23.58
CA ARG D 282 -8.35 1.15 -24.41
C ARG D 282 -9.23 2.28 -24.93
N MET D 283 -10.27 2.65 -24.17
CA MET D 283 -11.19 3.68 -24.57
C MET D 283 -10.83 5.05 -23.97
N MET D 284 -11.51 6.09 -24.46
CA MET D 284 -11.09 7.46 -24.26
C MET D 284 -12.20 8.35 -23.67
N VAL D 285 -13.12 7.74 -22.94
CA VAL D 285 -14.24 8.48 -22.36
C VAL D 285 -13.71 9.28 -21.17
N THR D 286 -14.09 10.55 -21.08
CA THR D 286 -13.78 11.38 -19.91
C THR D 286 -14.98 11.48 -18.98
N ALA D 287 -14.79 12.10 -17.83
CA ALA D 287 -15.88 12.32 -16.91
C ALA D 287 -17.00 13.12 -17.58
N ASP D 288 -16.64 14.09 -18.41
CA ASP D 288 -17.66 14.86 -19.13
C ASP D 288 -18.42 13.99 -20.11
N GLY D 289 -17.75 13.01 -20.70
CA GLY D 289 -18.41 11.98 -21.51
C GLY D 289 -19.45 11.17 -20.73
N PHE D 290 -19.04 10.60 -19.60
CA PHE D 290 -19.98 9.90 -18.75
C PHE D 290 -21.13 10.81 -18.26
N ARG D 291 -20.82 12.08 -17.99
CA ARG D 291 -21.85 13.06 -17.65
C ARG D 291 -22.93 13.13 -18.71
N GLN D 292 -22.49 13.27 -19.96
CA GLN D 292 -23.42 13.44 -21.10
C GLN D 292 -24.20 12.15 -21.36
N MET D 293 -23.52 11.01 -21.21
CA MET D 293 -24.20 9.72 -21.33
C MET D 293 -25.31 9.57 -20.27
N ALA D 294 -25.00 9.91 -19.02
CA ALA D 294 -25.98 9.86 -17.94
C ALA D 294 -27.15 10.84 -18.15
N ARG D 295 -26.82 12.05 -18.54
CA ARG D 295 -27.83 13.09 -18.79
C ARG D 295 -28.81 12.59 -19.86
N ARG D 296 -28.28 12.11 -20.98
CA ARG D 296 -29.13 11.56 -22.06
C ARG D 296 -30.03 10.42 -21.56
N THR D 297 -29.47 9.50 -20.76
CA THR D 297 -30.24 8.33 -20.33
C THR D 297 -31.33 8.70 -19.31
N ILE D 298 -31.01 9.60 -18.39
CA ILE D 298 -31.98 10.04 -17.37
C ILE D 298 -33.10 10.80 -18.07
N ASP D 299 -32.75 11.64 -19.05
CA ASP D 299 -33.79 12.41 -19.78
C ASP D 299 -34.68 11.47 -20.58
N CYS D 300 -34.11 10.41 -21.13
CA CYS D 300 -34.89 9.37 -21.81
C CYS D 300 -35.86 8.74 -20.83
N ALA D 301 -35.38 8.33 -19.66
CA ALA D 301 -36.24 7.74 -18.65
C ALA D 301 -37.37 8.70 -18.27
N ALA D 302 -37.04 9.99 -18.16
CA ALA D 302 -38.06 11.02 -17.83
C ALA D 302 -39.16 11.04 -18.90
N ASP D 303 -38.74 10.93 -20.17
CA ASP D 303 -39.70 10.94 -21.30
C ASP D 303 -40.54 9.67 -21.36
N ILE D 304 -39.95 8.49 -21.15
CA ILE D 304 -40.65 7.23 -21.48
C ILE D 304 -41.08 6.31 -20.33
N CYS D 305 -40.47 6.42 -19.15
CA CYS D 305 -40.86 5.55 -18.04
C CYS D 305 -40.90 6.29 -16.70
N ASP D 306 -41.50 7.48 -16.73
CA ASP D 306 -41.80 8.21 -15.50
C ASP D 306 -40.53 8.45 -14.69
N GLY D 307 -39.40 8.60 -15.38
CA GLY D 307 -38.11 8.85 -14.73
C GLY D 307 -37.51 7.69 -13.96
N ARG D 308 -38.07 6.48 -14.09
CA ARG D 308 -37.63 5.33 -13.30
C ARG D 308 -36.33 4.77 -13.87
N ILE D 309 -35.21 5.19 -13.26
CA ILE D 309 -33.89 4.76 -13.70
C ILE D 309 -33.01 4.41 -12.47
N VAL D 310 -32.39 3.24 -12.51
CA VAL D 310 -31.57 2.70 -11.42
C VAL D 310 -30.18 2.41 -11.98
N PHE D 311 -29.17 3.12 -11.50
CA PHE D 311 -27.78 2.86 -11.90
C PHE D 311 -27.22 1.85 -10.90
N VAL D 312 -26.45 0.88 -11.41
CA VAL D 312 -25.85 -0.19 -10.58
C VAL D 312 -24.39 -0.32 -11.02
N GLN D 313 -23.47 -0.18 -10.08
CA GLN D 313 -22.05 -0.17 -10.39
C GLN D 313 -21.62 -1.49 -11.01
N GLU D 314 -20.85 -1.37 -12.09
CA GLU D 314 -20.16 -2.51 -12.69
C GLU D 314 -18.68 -2.26 -12.51
N GLY D 315 -17.87 -2.33 -13.54
CA GLY D 315 -16.43 -2.22 -13.41
C GLY D 315 -15.90 -0.81 -13.43
N GLY D 316 -14.58 -0.72 -13.57
CA GLY D 316 -13.83 0.53 -13.51
C GLY D 316 -12.64 0.31 -12.59
N TYR D 317 -11.45 0.68 -13.04
CA TYR D 317 -10.18 0.25 -12.42
C TYR D 317 -9.16 1.35 -12.21
N SER D 318 -9.53 2.62 -12.42
CA SER D 318 -8.63 3.73 -12.07
C SER D 318 -9.03 4.27 -10.71
N PRO D 319 -8.26 3.97 -9.65
CA PRO D 319 -8.60 4.64 -8.38
C PRO D 319 -8.41 6.17 -8.42
N HIS D 320 -7.60 6.64 -9.36
CA HIS D 320 -7.32 8.06 -9.53
C HIS D 320 -8.50 8.77 -10.16
N TYR D 321 -9.00 8.21 -11.26
CA TYR D 321 -9.97 8.92 -12.10
C TYR D 321 -11.40 8.45 -11.96
N LEU D 322 -11.61 7.18 -11.63
CA LEU D 322 -12.99 6.65 -11.54
C LEU D 322 -13.88 7.49 -10.61
N PRO D 323 -13.35 7.94 -9.45
CA PRO D 323 -14.25 8.71 -8.58
C PRO D 323 -14.85 9.94 -9.26
N PHE D 324 -14.09 10.62 -10.11
CA PHE D 324 -14.62 11.81 -10.83
C PHE D 324 -15.60 11.43 -11.93
N CYS D 325 -15.37 10.29 -12.57
CA CYS D 325 -16.35 9.78 -13.54
C CYS D 325 -17.68 9.44 -12.88
N GLY D 326 -17.63 8.70 -11.76
CA GLY D 326 -18.80 8.35 -10.99
C GLY D 326 -19.50 9.58 -10.40
N LEU D 327 -18.74 10.53 -9.89
CA LEU D 327 -19.32 11.76 -9.35
C LEU D 327 -20.10 12.54 -10.41
N ALA D 328 -19.60 12.59 -11.64
CA ALA D 328 -20.30 13.26 -12.74
C ALA D 328 -21.69 12.65 -12.95
N VAL D 329 -21.81 11.32 -12.85
CA VAL D 329 -23.10 10.66 -13.00
C VAL D 329 -24.03 10.99 -11.84
N ILE D 330 -23.50 10.97 -10.60
CA ILE D 330 -24.28 11.35 -9.40
C ILE D 330 -24.80 12.79 -9.52
N GLU D 331 -23.94 13.72 -9.95
CA GLU D 331 -24.34 15.13 -10.19
C GLU D 331 -25.48 15.27 -11.20
N GLU D 332 -25.51 14.42 -12.21
CA GLU D 332 -26.61 14.45 -13.18
C GLU D 332 -27.93 13.94 -12.58
N LEU D 333 -27.85 13.08 -11.59
CA LEU D 333 -29.05 12.63 -10.86
C LEU D 333 -29.56 13.70 -9.90
N THR D 334 -28.66 14.36 -9.17
CA THR D 334 -29.10 15.36 -8.18
C THR D 334 -29.34 16.73 -8.80
N GLY D 335 -28.72 17.00 -9.95
CA GLY D 335 -28.70 18.35 -10.52
C GLY D 335 -27.78 19.35 -9.82
N VAL D 336 -26.97 18.90 -8.86
CA VAL D 336 -26.04 19.75 -8.13
C VAL D 336 -24.63 19.52 -8.67
N ARG D 337 -24.10 20.52 -9.38
CA ARG D 337 -22.82 20.45 -10.11
C ARG D 337 -21.77 21.37 -9.48
N SER D 338 -21.18 20.85 -8.40
CA SER D 338 -20.36 21.65 -7.47
C SER D 338 -18.85 21.42 -7.50
N LEU D 339 -18.37 20.49 -8.33
CA LEU D 339 -16.94 20.17 -8.36
C LEU D 339 -16.48 19.98 -9.79
N PRO D 340 -15.36 20.62 -10.20
CA PRO D 340 -14.81 20.32 -11.51
C PRO D 340 -14.10 18.97 -11.56
N ASP D 341 -13.95 18.43 -12.76
CA ASP D 341 -13.04 17.32 -12.99
C ASP D 341 -11.65 17.90 -13.08
N PRO D 342 -10.79 17.59 -12.09
CA PRO D 342 -9.47 18.21 -12.08
C PRO D 342 -8.54 17.71 -13.20
N TYR D 343 -8.93 16.64 -13.89
CA TYR D 343 -8.17 16.09 -15.01
C TYR D 343 -8.67 16.60 -16.35
N HIS D 344 -9.68 17.46 -16.35
CA HIS D 344 -10.36 17.83 -17.61
C HIS D 344 -9.40 18.32 -18.69
N GLU D 345 -8.58 19.32 -18.36
CA GLU D 345 -7.69 19.92 -19.37
C GLU D 345 -6.61 18.95 -19.82
N PHE D 346 -6.02 18.23 -18.86
CA PHE D 346 -5.00 17.24 -19.16
C PHE D 346 -5.48 16.17 -20.16
N LEU D 347 -6.72 15.70 -19.99
CA LEU D 347 -7.26 14.63 -20.82
C LEU D 347 -7.89 15.14 -22.09
N ALA D 348 -8.45 16.35 -22.08
CA ALA D 348 -9.16 16.87 -23.27
C ALA D 348 -8.25 17.00 -24.50
N GLY D 349 -6.97 17.26 -24.28
CA GLY D 349 -5.99 17.37 -25.36
C GLY D 349 -5.62 16.05 -26.03
N MET D 350 -5.96 14.92 -25.42
CA MET D 350 -5.58 13.60 -25.94
C MET D 350 -6.39 13.07 -27.11
N GLY D 351 -7.60 13.60 -27.33
CA GLY D 351 -8.42 13.18 -28.44
C GLY D 351 -9.63 12.40 -27.97
N GLY D 352 -10.30 11.74 -28.91
CA GLY D 352 -11.51 10.99 -28.63
C GLY D 352 -12.80 11.77 -28.86
N ASN D 353 -12.72 13.09 -29.06
CA ASN D 353 -13.94 13.90 -29.17
C ASN D 353 -14.29 14.25 -30.61
N THR D 354 -13.61 13.62 -31.58
CA THR D 354 -14.02 13.62 -32.97
C THR D 354 -14.50 12.23 -33.35
N LEU D 355 -15.65 12.12 -34.01
CA LEU D 355 -16.11 10.82 -34.50
C LEU D 355 -15.26 10.34 -35.70
N LEU D 356 -14.48 9.30 -35.51
CA LEU D 356 -13.66 8.74 -36.59
C LEU D 356 -14.51 7.87 -37.51
N ASP D 357 -14.07 7.73 -38.77
CA ASP D 357 -14.81 6.91 -39.76
C ASP D 357 -15.09 5.47 -39.30
N ALA D 358 -14.11 4.80 -38.73
CA ALA D 358 -14.29 3.42 -38.27
C ALA D 358 -15.27 3.32 -37.09
N GLU D 359 -15.29 4.35 -36.23
CA GLU D 359 -16.24 4.43 -35.13
C GLU D 359 -17.66 4.60 -35.67
N ARG D 360 -17.81 5.56 -36.59
CA ARG D 360 -19.10 5.77 -37.25
C ARG D 360 -19.59 4.47 -37.88
N ALA D 361 -18.70 3.78 -38.60
CA ALA D 361 -19.07 2.54 -39.29
C ALA D 361 -19.54 1.44 -38.32
N ALA D 362 -18.82 1.26 -37.21
CA ALA D 362 -19.23 0.27 -36.20
C ALA D 362 -20.64 0.53 -35.67
N ILE D 363 -20.96 1.81 -35.43
CA ILE D 363 -22.29 2.18 -34.96
C ILE D 363 -23.40 2.01 -36.02
N GLU D 364 -23.12 2.46 -37.25
CA GLU D 364 -24.05 2.30 -38.41
C GLU D 364 -24.48 0.86 -38.63
N GLU D 365 -23.57 -0.09 -38.40
N GLU D 365 -23.56 -0.09 -38.40
CA GLU D 365 -23.90 -1.52 -38.51
CA GLU D 365 -23.85 -1.53 -38.50
C GLU D 365 -25.07 -1.99 -37.66
C GLU D 365 -25.05 -1.99 -37.66
N ILE D 366 -25.32 -1.30 -36.55
CA ILE D 366 -26.34 -1.73 -35.58
C ILE D 366 -27.70 -1.11 -35.86
N VAL D 367 -27.74 0.03 -36.54
CA VAL D 367 -29.01 0.76 -36.75
C VAL D 367 -30.10 -0.10 -37.38
N PRO D 368 -29.77 -1.00 -38.34
CA PRO D 368 -30.86 -1.82 -38.87
C PRO D 368 -31.57 -2.76 -37.88
N LEU D 369 -30.91 -3.12 -36.78
CA LEU D 369 -31.51 -3.97 -35.78
C LEU D 369 -32.68 -3.27 -35.04
N LEU D 370 -32.71 -1.95 -35.06
CA LEU D 370 -33.78 -1.20 -34.38
C LEU D 370 -35.15 -1.57 -34.94
N ALA D 371 -35.21 -1.87 -36.25
CA ALA D 371 -36.50 -2.18 -36.93
C ALA D 371 -37.27 -3.36 -36.34
N ASP D 372 -36.57 -4.28 -35.69
CA ASP D 372 -37.17 -5.50 -35.15
C ASP D 372 -37.61 -5.39 -33.68
N ILE D 373 -37.46 -4.22 -33.07
CA ILE D 373 -37.90 -3.99 -31.70
C ILE D 373 -39.39 -3.66 -31.71
N ARG D 374 -40.21 -4.55 -31.17
CA ARG D 374 -41.66 -4.34 -31.04
C ARG D 374 -42.03 -4.19 -29.57
#